data_8K32
#
_entry.id   8K32
#
_cell.length_a   131.557
_cell.length_b   131.557
_cell.length_c   297.906
_cell.angle_alpha   90.00
_cell.angle_beta   90.00
_cell.angle_gamma   120.00
#
_symmetry.space_group_name_H-M   'H 3'
#
loop_
_entity.id
_entity.type
_entity.pdbx_description
1 polymer 'Ketol-acid reductoisomerase (NADP(+))'
2 non-polymer '1,4-DIHYDRONICOTINAMIDE ADENINE DINUCLEOTIDE'
3 non-polymer 'SULFATE ION'
4 non-polymer 'MAGNESIUM ION'
5 non-polymer 1,2-ETHANEDIOL
6 non-polymer 2-AMINO-2-HYDROXYMETHYL-PROPANE-1,3-DIOL
7 water water
#
_entity_poly.entity_id   1
_entity_poly.type   'polypeptide(L)'
_entity_poly.pdbx_seq_one_letter_code
;MARMYYDADANLDLLKGKTIAVIGYGSQGHAQAQNLHDSGLEVVVGLRKPEDDFTTAEWNQVVADGLTPLPVDEAARAAQ
IIQILVPDDIQAKVYREKIEPYLNEGDALGFSHGFNIHFGQIVPPPSVDVFMVAPKSPGHLVRRMYRQGVGVPGLIAVHN
DHTGKALETGLAYAKGIGCTRAGVIATTFKEETETDLFGEQCVLCGGVTELIKAGFDTLVEAGYQPEIAYFECLHELKLI
VDLIYEGGIGLMRYSVSDTAEYGDLTVGPRIINENTRAEMKKVLAAIQDGTFARELLLEFQVGRPVFSALRRKGQEHLIE
KVGKELRAMMPWLK
;
_entity_poly.pdbx_strand_id   A,B,C,D
#
loop_
_chem_comp.id
_chem_comp.type
_chem_comp.name
_chem_comp.formula
EDO non-polymer 1,2-ETHANEDIOL 'C2 H6 O2'
MG non-polymer 'MAGNESIUM ION' 'Mg 2'
NAI non-polymer '1,4-DIHYDRONICOTINAMIDE ADENINE DINUCLEOTIDE' 'C21 H29 N7 O14 P2'
SO4 non-polymer 'SULFATE ION' 'O4 S -2'
TRS non-polymer 2-AMINO-2-HYDROXYMETHYL-PROPANE-1,3-DIOL 'C4 H12 N O3 1'
#
# COMPACT_ATOMS: atom_id res chain seq x y z
N ALA A 2 10.26 40.21 -25.31
CA ALA A 2 9.43 41.20 -24.62
C ALA A 2 9.93 42.61 -24.86
N ARG A 3 9.01 43.51 -25.23
CA ARG A 3 9.28 44.94 -25.30
C ARG A 3 9.04 45.52 -23.90
N MET A 4 10.09 46.11 -23.32
CA MET A 4 10.08 46.64 -21.96
C MET A 4 10.18 48.16 -21.98
N TYR A 5 9.38 48.83 -21.14
CA TYR A 5 9.42 50.28 -20.99
C TYR A 5 9.84 50.64 -19.56
N TYR A 6 10.66 51.69 -19.42
CA TYR A 6 11.14 52.15 -18.13
C TYR A 6 10.85 53.64 -17.98
N ASP A 7 11.25 54.19 -16.83
CA ASP A 7 11.01 55.61 -16.53
C ASP A 7 11.44 56.51 -17.67
N ALA A 8 12.50 56.12 -18.39
CA ALA A 8 13.02 56.95 -19.47
C ALA A 8 12.10 56.98 -20.68
N ASP A 9 11.20 56.01 -20.81
CA ASP A 9 10.28 55.94 -21.94
C ASP A 9 8.93 56.59 -21.68
N ALA A 10 8.73 57.15 -20.50
CA ALA A 10 7.46 57.77 -20.13
C ALA A 10 7.70 59.22 -19.72
N ASN A 11 6.78 60.09 -20.12
CA ASN A 11 6.87 61.53 -19.88
C ASN A 11 5.64 61.93 -19.08
N LEU A 12 5.84 62.12 -17.78
CA LEU A 12 4.77 62.52 -16.89
C LEU A 12 4.19 63.87 -17.26
N ASP A 13 4.92 64.68 -18.04
CA ASP A 13 4.45 66.00 -18.39
C ASP A 13 3.33 65.95 -19.41
N LEU A 14 3.13 64.82 -20.07
CA LEU A 14 1.99 64.70 -20.98
C LEU A 14 0.66 64.72 -20.23
N LEU A 15 0.67 64.57 -18.91
CA LEU A 15 -0.53 64.66 -18.10
C LEU A 15 -0.72 66.04 -17.47
N LYS A 16 0.19 66.98 -17.72
CA LYS A 16 0.05 68.33 -17.20
C LYS A 16 -1.27 68.95 -17.66
N GLY A 17 -2.00 69.55 -16.73
CA GLY A 17 -3.27 70.13 -17.04
C GLY A 17 -4.42 69.14 -17.15
N LYS A 18 -4.17 67.86 -16.95
CA LYS A 18 -5.22 66.86 -17.03
C LYS A 18 -5.59 66.38 -15.63
N THR A 19 -6.87 66.09 -15.44
CA THR A 19 -7.36 65.51 -14.20
C THR A 19 -7.61 64.02 -14.43
N ILE A 20 -7.07 63.19 -13.53
CA ILE A 20 -7.28 61.75 -13.57
C ILE A 20 -8.34 61.39 -12.54
N ALA A 21 -9.35 60.65 -12.96
CA ALA A 21 -10.34 60.09 -12.05
C ALA A 21 -10.01 58.62 -11.85
N VAL A 22 -9.79 58.22 -10.60
CA VAL A 22 -9.63 56.82 -10.25
C VAL A 22 -10.96 56.37 -9.69
N ILE A 23 -11.65 55.48 -10.41
CA ILE A 23 -12.97 55.00 -9.98
C ILE A 23 -12.76 53.78 -9.09
N GLY A 24 -13.05 53.92 -7.82
CA GLY A 24 -12.83 52.88 -6.84
C GLY A 24 -11.61 53.16 -5.98
N TYR A 25 -11.60 52.56 -4.80
CA TYR A 25 -10.53 52.82 -3.83
C TYR A 25 -10.23 51.56 -3.04
N GLY A 26 -10.31 50.40 -3.68
CA GLY A 26 -10.01 49.14 -3.07
C GLY A 26 -8.53 48.81 -3.18
N SER A 27 -8.22 47.54 -3.43
CA SER A 27 -6.82 47.13 -3.46
C SER A 27 -6.03 47.96 -4.48
N GLN A 28 -6.46 47.96 -5.74
CA GLN A 28 -5.68 48.71 -6.72
C GLN A 28 -6.02 50.20 -6.69
N GLY A 29 -7.27 50.56 -6.44
CA GLY A 29 -7.65 51.96 -6.48
C GLY A 29 -6.89 52.79 -5.44
N HIS A 30 -6.86 52.31 -4.20
CA HIS A 30 -6.20 53.07 -3.14
C HIS A 30 -4.71 53.26 -3.44
N ALA A 31 -4.05 52.21 -3.92
CA ALA A 31 -2.62 52.30 -4.20
C ALA A 31 -2.35 53.18 -5.41
N GLN A 32 -3.09 52.96 -6.50
CA GLN A 32 -2.84 53.75 -7.70
C GLN A 32 -3.16 55.22 -7.47
N ALA A 33 -4.26 55.53 -6.79
CA ALA A 33 -4.62 56.93 -6.57
C ALA A 33 -3.58 57.65 -5.73
N GLN A 34 -3.19 57.05 -4.60
CA GLN A 34 -2.15 57.64 -3.77
C GLN A 34 -0.84 57.78 -4.53
N ASN A 35 -0.50 56.80 -5.37
CA ASN A 35 0.74 56.90 -6.11
C ASN A 35 0.71 58.07 -7.08
N LEU A 36 -0.39 58.19 -7.83
CA LEU A 36 -0.56 59.28 -8.79
C LEU A 36 -0.51 60.62 -8.08
N HIS A 37 -1.09 60.68 -6.88
CA HIS A 37 -1.07 61.92 -6.12
C HIS A 37 0.37 62.26 -5.73
N ASP A 38 1.11 61.29 -5.22
CA ASP A 38 2.49 61.56 -4.80
C ASP A 38 3.38 61.92 -5.98
N SER A 39 3.02 61.47 -7.18
CA SER A 39 3.78 61.83 -8.37
C SER A 39 3.42 63.21 -8.89
N GLY A 40 2.65 63.99 -8.16
CA GLY A 40 2.36 65.35 -8.55
C GLY A 40 1.25 65.49 -9.56
N LEU A 41 0.47 64.44 -9.77
CA LEU A 41 -0.63 64.53 -10.71
C LEU A 41 -1.92 64.92 -9.99
N GLU A 42 -2.86 65.40 -10.78
CA GLU A 42 -4.15 65.90 -10.39
C GLU A 42 -5.15 64.74 -10.37
N VAL A 43 -5.55 64.30 -9.16
CA VAL A 43 -6.31 63.07 -8.97
C VAL A 43 -7.63 63.39 -8.27
N VAL A 44 -8.72 62.75 -8.72
CA VAL A 44 -9.95 62.66 -7.96
C VAL A 44 -10.36 61.19 -7.86
N VAL A 45 -10.99 60.82 -6.76
CA VAL A 45 -11.42 59.44 -6.52
C VAL A 45 -12.93 59.38 -6.65
N GLY A 46 -13.42 58.60 -7.61
CA GLY A 46 -14.84 58.40 -7.82
C GLY A 46 -15.41 57.32 -6.93
N LEU A 47 -16.33 57.68 -6.04
CA LEU A 47 -16.93 56.76 -5.10
C LEU A 47 -18.43 56.97 -5.04
N ARG A 48 -19.14 55.92 -4.64
CA ARG A 48 -20.52 56.08 -4.21
C ARG A 48 -20.60 57.07 -3.05
N LYS A 49 -21.61 57.94 -3.07
CA LYS A 49 -21.82 58.83 -1.94
C LYS A 49 -22.04 57.99 -0.69
N PRO A 50 -21.53 58.42 0.46
CA PRO A 50 -21.64 57.60 1.67
C PRO A 50 -23.09 57.28 1.98
N GLU A 51 -23.36 56.00 2.17
CA GLU A 51 -24.72 55.50 2.37
C GLU A 51 -24.79 54.43 3.44
N ASP A 52 -23.67 54.03 4.02
CA ASP A 52 -23.61 52.94 4.98
C ASP A 52 -22.21 52.94 5.56
N ASP A 53 -21.95 51.99 6.45
CA ASP A 53 -20.67 51.97 7.16
C ASP A 53 -19.50 51.84 6.18
N PHE A 54 -19.63 50.97 5.18
CA PHE A 54 -18.50 50.73 4.29
C PHE A 54 -18.21 51.95 3.41
N THR A 55 -19.26 52.54 2.82
CA THR A 55 -19.02 53.65 1.89
C THR A 55 -18.66 54.93 2.63
N THR A 56 -19.14 55.09 3.87
CA THR A 56 -18.70 56.21 4.71
C THR A 56 -17.22 56.08 5.03
N ALA A 57 -16.79 54.88 5.44
CA ALA A 57 -15.40 54.64 5.80
C ALA A 57 -14.48 54.84 4.60
N GLU A 58 -14.88 54.34 3.43
CA GLU A 58 -14.03 54.50 2.25
C GLU A 58 -13.89 55.97 1.87
N TRP A 59 -15.01 56.70 1.85
CA TRP A 59 -14.96 58.14 1.63
C TRP A 59 -14.04 58.83 2.63
N ASN A 60 -14.14 58.47 3.91
CA ASN A 60 -13.29 59.13 4.91
C ASN A 60 -11.84 58.74 4.74
N GLN A 61 -11.60 57.52 4.26
CA GLN A 61 -10.22 57.09 4.01
C GLN A 61 -9.57 57.96 2.95
N VAL A 62 -10.30 58.24 1.86
CA VAL A 62 -9.77 59.13 0.81
C VAL A 62 -9.38 60.48 1.41
N VAL A 63 -10.30 61.08 2.16
CA VAL A 63 -10.00 62.36 2.81
C VAL A 63 -8.79 62.21 3.73
N ALA A 64 -8.77 61.16 4.56
CA ALA A 64 -7.65 60.94 5.47
C ALA A 64 -6.32 60.77 4.74
N ASP A 65 -6.33 60.20 3.55
CA ASP A 65 -5.10 60.07 2.76
C ASP A 65 -4.68 61.38 2.11
N GLY A 66 -5.48 62.44 2.28
CA GLY A 66 -5.21 63.71 1.63
C GLY A 66 -5.66 63.83 0.19
N LEU A 67 -6.55 62.96 -0.28
CA LEU A 67 -7.03 62.98 -1.67
C LEU A 67 -8.45 63.51 -1.73
N THR A 68 -8.94 63.77 -2.95
CA THR A 68 -10.25 64.37 -3.10
C THR A 68 -11.27 63.34 -3.58
N PRO A 69 -12.27 62.98 -2.76
CA PRO A 69 -13.32 62.07 -3.23
C PRO A 69 -14.43 62.84 -3.93
N LEU A 70 -15.03 62.19 -4.94
CA LEU A 70 -16.20 62.72 -5.62
C LEU A 70 -17.16 61.58 -5.96
N PRO A 71 -18.46 61.85 -6.03
CA PRO A 71 -19.35 60.86 -6.64
C PRO A 71 -18.87 60.52 -8.04
N VAL A 72 -19.17 59.29 -8.48
CA VAL A 72 -18.53 58.75 -9.67
C VAL A 72 -18.81 59.63 -10.89
N ASP A 73 -20.07 60.05 -11.06
CA ASP A 73 -20.40 60.85 -12.23
C ASP A 73 -19.70 62.21 -12.18
N GLU A 74 -19.58 62.80 -11.00
CA GLU A 74 -18.83 64.05 -10.89
C GLU A 74 -17.35 63.83 -11.18
N ALA A 75 -16.79 62.71 -10.70
CA ALA A 75 -15.40 62.40 -11.00
C ALA A 75 -15.18 62.26 -12.51
N ALA A 76 -16.09 61.56 -13.19
CA ALA A 76 -16.00 61.42 -14.65
C ALA A 76 -16.06 62.77 -15.35
N ARG A 77 -16.96 63.65 -14.90
CA ARG A 77 -17.11 64.96 -15.52
C ARG A 77 -15.91 65.85 -15.26
N ALA A 78 -15.17 65.58 -14.18
CA ALA A 78 -13.99 66.40 -13.89
C ALA A 78 -12.76 65.94 -14.67
N ALA A 79 -12.72 64.68 -15.11
CA ALA A 79 -11.48 64.09 -15.58
C ALA A 79 -11.45 63.84 -17.08
N GLN A 80 -10.24 63.92 -17.62
CA GLN A 80 -9.95 63.51 -18.99
C GLN A 80 -9.36 62.11 -19.09
N ILE A 81 -8.92 61.55 -17.98
CA ILE A 81 -8.39 60.18 -17.92
C ILE A 81 -9.12 59.50 -16.79
N ILE A 82 -9.78 58.38 -17.07
CA ILE A 82 -10.68 57.72 -16.13
C ILE A 82 -10.20 56.30 -16.00
N GLN A 83 -9.67 55.95 -14.83
CA GLN A 83 -9.18 54.62 -14.54
C GLN A 83 -10.23 53.87 -13.78
N ILE A 84 -10.72 52.78 -14.35
CA ILE A 84 -11.83 52.02 -13.78
C ILE A 84 -11.26 50.91 -12.90
N LEU A 85 -11.42 51.05 -11.59
CA LEU A 85 -10.84 50.09 -10.64
C LEU A 85 -11.91 49.65 -9.64
N VAL A 86 -13.12 49.40 -10.12
CA VAL A 86 -14.13 48.75 -9.30
C VAL A 86 -14.08 47.28 -9.70
N PRO A 87 -14.75 46.36 -9.00
CA PRO A 87 -14.62 44.94 -9.37
C PRO A 87 -15.08 44.68 -10.80
N ASP A 88 -14.44 43.70 -11.43
CA ASP A 88 -14.72 43.41 -12.83
C ASP A 88 -16.19 43.08 -13.07
N ASP A 89 -16.85 42.39 -12.11
CA ASP A 89 -18.25 42.04 -12.33
C ASP A 89 -19.19 43.22 -12.13
N ILE A 90 -18.67 44.37 -11.70
CA ILE A 90 -19.45 45.58 -11.46
C ILE A 90 -19.18 46.66 -12.53
N GLN A 91 -18.11 46.53 -13.31
CA GLN A 91 -17.64 47.63 -14.14
C GLN A 91 -18.64 48.00 -15.23
N ALA A 92 -19.29 47.01 -15.86
CA ALA A 92 -20.17 47.32 -16.98
C ALA A 92 -21.31 48.23 -16.54
N LYS A 93 -21.91 47.93 -15.39
CA LYS A 93 -23.03 48.74 -14.89
C LYS A 93 -22.56 50.13 -14.46
N VAL A 94 -21.45 50.19 -13.69
CA VAL A 94 -20.89 51.48 -13.31
C VAL A 94 -20.56 52.31 -14.55
N TYR A 95 -19.90 51.70 -15.53
CA TYR A 95 -19.56 52.41 -16.76
C TYR A 95 -20.81 52.96 -17.44
N ARG A 96 -21.81 52.10 -17.63
CA ARG A 96 -23.02 52.49 -18.34
C ARG A 96 -23.75 53.63 -17.62
N GLU A 97 -23.84 53.57 -16.29
CA GLU A 97 -24.64 54.52 -15.54
C GLU A 97 -23.88 55.81 -15.20
N LYS A 98 -22.57 55.71 -14.93
CA LYS A 98 -21.88 56.82 -14.28
C LYS A 98 -20.72 57.39 -15.08
N ILE A 99 -20.31 56.74 -16.17
CA ILE A 99 -19.11 57.15 -16.87
C ILE A 99 -19.40 57.44 -18.32
N GLU A 100 -20.00 56.48 -19.02
CA GLU A 100 -20.23 56.60 -20.45
C GLU A 100 -20.86 57.93 -20.85
N PRO A 101 -21.91 58.42 -20.19
CA PRO A 101 -22.55 59.64 -20.67
C PRO A 101 -21.68 60.87 -20.58
N TYR A 102 -20.55 60.80 -19.87
CA TYR A 102 -19.71 61.97 -19.63
C TYR A 102 -18.40 61.92 -20.40
N LEU A 103 -18.23 60.95 -21.28
CA LEU A 103 -17.01 60.86 -22.06
C LEU A 103 -17.01 61.89 -23.17
N ASN A 104 -15.84 62.46 -23.44
CA ASN A 104 -15.62 63.46 -24.47
C ASN A 104 -14.57 62.94 -25.44
N GLU A 105 -14.60 63.46 -26.66
CA GLU A 105 -13.58 63.09 -27.63
C GLU A 105 -12.21 63.42 -27.09
N GLY A 106 -11.28 62.48 -27.25
CA GLY A 106 -9.95 62.66 -26.73
C GLY A 106 -9.74 62.24 -25.29
N ASP A 107 -10.80 61.83 -24.56
CA ASP A 107 -10.60 61.28 -23.23
C ASP A 107 -9.83 59.95 -23.33
N ALA A 108 -9.30 59.50 -22.20
CA ALA A 108 -8.66 58.18 -22.12
C ALA A 108 -9.35 57.35 -21.03
N LEU A 109 -9.69 56.13 -21.37
CA LEU A 109 -10.32 55.20 -20.43
C LEU A 109 -9.32 54.08 -20.12
N GLY A 110 -8.97 53.93 -18.86
CA GLY A 110 -7.95 52.99 -18.45
C GLY A 110 -8.52 51.87 -17.60
N PHE A 111 -7.83 50.72 -17.65
CA PHE A 111 -8.17 49.51 -16.89
C PHE A 111 -6.89 48.92 -16.31
N SER A 112 -7.02 48.09 -15.27
CA SER A 112 -5.90 47.29 -14.82
C SER A 112 -6.13 45.79 -15.06
N HIS A 113 -7.21 45.44 -15.76
CA HIS A 113 -7.49 44.07 -16.17
C HIS A 113 -8.39 44.16 -17.39
N GLY A 114 -8.23 43.22 -18.33
CA GLY A 114 -8.77 43.39 -19.67
C GLY A 114 -10.12 42.75 -19.94
N PHE A 115 -10.68 41.99 -19.00
CA PHE A 115 -11.83 41.16 -19.27
C PHE A 115 -12.96 41.93 -19.94
N ASN A 116 -13.35 43.07 -19.37
CA ASN A 116 -14.58 43.69 -19.83
C ASN A 116 -14.42 44.31 -21.22
N ILE A 117 -13.24 44.83 -21.56
CA ILE A 117 -13.01 45.32 -22.91
C ILE A 117 -12.82 44.14 -23.85
N HIS A 118 -12.09 43.13 -23.41
CA HIS A 118 -11.76 42.04 -24.32
C HIS A 118 -12.99 41.22 -24.67
N PHE A 119 -13.88 40.97 -23.71
CA PHE A 119 -15.07 40.17 -23.99
C PHE A 119 -16.30 41.03 -24.29
N GLY A 120 -16.10 42.30 -24.65
CA GLY A 120 -17.16 43.14 -25.18
C GLY A 120 -18.25 43.55 -24.22
N GLN A 121 -17.96 43.57 -22.91
CA GLN A 121 -18.95 43.98 -21.92
C GLN A 121 -18.96 45.50 -21.76
N ILE A 122 -17.86 46.16 -22.07
CA ILE A 122 -17.76 47.61 -22.15
C ILE A 122 -17.23 47.92 -23.55
N VAL A 123 -17.98 48.72 -24.30
CA VAL A 123 -17.62 49.05 -25.68
C VAL A 123 -17.54 50.58 -25.80
N PRO A 124 -16.37 51.17 -25.60
CA PRO A 124 -16.27 52.63 -25.57
C PRO A 124 -16.44 53.22 -26.95
N PRO A 125 -16.77 54.52 -27.05
CA PRO A 125 -16.87 55.15 -28.37
C PRO A 125 -15.52 55.22 -29.03
N PRO A 126 -15.47 55.17 -30.36
CA PRO A 126 -14.17 55.20 -31.06
C PRO A 126 -13.36 56.46 -30.81
N SER A 127 -13.99 57.57 -30.41
CA SER A 127 -13.30 58.81 -30.11
C SER A 127 -12.55 58.80 -28.77
N VAL A 128 -12.57 57.71 -28.01
CA VAL A 128 -11.93 57.67 -26.70
C VAL A 128 -10.73 56.72 -26.78
N ASP A 129 -9.58 57.17 -26.25
CA ASP A 129 -8.44 56.26 -26.11
C ASP A 129 -8.75 55.22 -25.05
N VAL A 130 -8.30 53.97 -25.26
CA VAL A 130 -8.52 52.89 -24.29
C VAL A 130 -7.18 52.19 -24.04
N PHE A 131 -6.75 52.22 -22.78
CA PHE A 131 -5.48 51.60 -22.41
C PHE A 131 -5.65 50.74 -21.16
N MET A 132 -4.61 49.96 -20.87
CA MET A 132 -4.48 49.17 -19.65
C MET A 132 -3.07 49.30 -19.08
N VAL A 133 -2.98 49.48 -17.77
CA VAL A 133 -1.74 49.25 -17.02
C VAL A 133 -2.12 48.28 -15.91
N ALA A 134 -1.58 47.06 -15.98
CA ALA A 134 -1.92 45.97 -15.08
C ALA A 134 -0.71 45.69 -14.20
N PRO A 135 -0.71 46.13 -12.94
CA PRO A 135 0.40 45.79 -12.05
C PRO A 135 0.44 44.31 -11.75
N LYS A 136 1.66 43.77 -11.62
CA LYS A 136 1.87 42.36 -11.29
C LYS A 136 2.09 42.14 -9.79
N SER A 137 1.49 42.97 -8.95
CA SER A 137 1.50 42.83 -7.51
C SER A 137 0.15 43.29 -6.98
N PRO A 138 -0.24 42.83 -5.80
CA PRO A 138 -1.45 43.38 -5.17
C PRO A 138 -1.23 44.83 -4.76
N GLY A 139 -2.35 45.52 -4.54
CA GLY A 139 -2.30 46.96 -4.33
C GLY A 139 -1.39 47.38 -3.18
N HIS A 140 -1.41 46.64 -2.07
CA HIS A 140 -0.59 47.06 -0.94
C HIS A 140 0.90 47.05 -1.31
N LEU A 141 1.32 46.19 -2.24
CA LEU A 141 2.71 46.24 -2.69
C LEU A 141 2.94 47.33 -3.73
N VAL A 142 1.98 47.54 -4.64
CA VAL A 142 2.04 48.70 -5.53
C VAL A 142 2.28 49.97 -4.73
N ARG A 143 1.58 50.11 -3.59
CA ARG A 143 1.79 51.30 -2.76
C ARG A 143 3.11 51.23 -2.01
N ARG A 144 3.38 50.10 -1.33
CA ARG A 144 4.58 50.02 -0.50
C ARG A 144 5.83 50.17 -1.34
N MET A 145 5.89 49.47 -2.47
CA MET A 145 7.07 49.54 -3.31
C MET A 145 7.26 50.92 -3.89
N TYR A 146 6.17 51.63 -4.22
CA TYR A 146 6.28 53.01 -4.69
C TYR A 146 6.88 53.91 -3.62
N ARG A 147 6.42 53.77 -2.37
CA ARG A 147 6.95 54.58 -1.28
C ARG A 147 8.47 54.40 -1.17
N GLN A 148 8.95 53.17 -1.32
CA GLN A 148 10.35 52.84 -1.23
C GLN A 148 11.14 53.11 -2.51
N GLY A 149 10.59 53.87 -3.46
CA GLY A 149 11.34 54.24 -4.65
C GLY A 149 11.63 53.12 -5.61
N VAL A 150 11.11 51.92 -5.38
CA VAL A 150 11.15 50.84 -6.33
C VAL A 150 9.74 50.74 -6.93
N GLY A 151 9.60 50.06 -8.04
CA GLY A 151 8.30 49.86 -8.62
C GLY A 151 7.75 48.47 -8.32
N VAL A 152 6.59 48.20 -8.90
CA VAL A 152 6.23 46.81 -9.15
C VAL A 152 6.18 46.71 -10.66
N PRO A 153 6.58 45.57 -11.23
CA PRO A 153 6.42 45.38 -12.67
C PRO A 153 4.94 45.43 -13.06
N GLY A 154 4.71 45.78 -14.32
CA GLY A 154 3.35 45.88 -14.84
C GLY A 154 3.31 45.51 -16.30
N LEU A 155 2.09 45.37 -16.81
CA LEU A 155 1.83 45.16 -18.23
C LEU A 155 1.15 46.40 -18.77
N ILE A 156 1.42 46.73 -20.03
CA ILE A 156 0.78 47.86 -20.69
C ILE A 156 0.17 47.36 -21.99
N ALA A 157 -1.06 47.76 -22.26
CA ALA A 157 -1.70 47.44 -23.50
C ALA A 157 -2.52 48.63 -23.95
N VAL A 158 -2.74 48.71 -25.25
CA VAL A 158 -3.55 49.76 -25.87
C VAL A 158 -4.61 49.07 -26.70
N HIS A 159 -5.88 49.38 -26.44
CA HIS A 159 -6.98 48.79 -27.20
C HIS A 159 -7.44 49.69 -28.33
N ASN A 160 -7.50 50.99 -28.09
CA ASN A 160 -7.94 51.95 -29.10
C ASN A 160 -7.09 53.20 -28.98
N ASP A 161 -6.48 53.60 -30.09
CA ASP A 161 -5.69 54.83 -30.16
C ASP A 161 -6.41 55.80 -31.09
N HIS A 162 -7.29 56.62 -30.51
CA HIS A 162 -7.99 57.59 -31.33
C HIS A 162 -7.21 58.88 -31.51
N THR A 163 -6.49 59.32 -30.49
CA THR A 163 -5.71 60.55 -30.52
C THR A 163 -4.31 60.37 -31.10
N GLY A 164 -3.84 59.14 -31.29
CA GLY A 164 -2.43 58.90 -31.51
C GLY A 164 -1.56 58.95 -30.26
N LYS A 165 -2.10 59.29 -29.10
CA LYS A 165 -1.32 59.40 -27.87
C LYS A 165 -1.69 58.36 -26.82
N ALA A 166 -2.42 57.32 -27.21
CA ALA A 166 -2.90 56.33 -26.24
C ALA A 166 -1.73 55.67 -25.50
N LEU A 167 -0.73 55.21 -26.25
CA LEU A 167 0.38 54.53 -25.61
C LEU A 167 1.16 55.47 -24.71
N GLU A 168 1.38 56.70 -25.18
CA GLU A 168 2.11 57.69 -24.38
C GLU A 168 1.32 58.07 -23.13
N THR A 169 -0.01 58.16 -23.26
CA THR A 169 -0.83 58.40 -22.08
C THR A 169 -0.74 57.22 -21.11
N GLY A 170 -0.90 56.00 -21.61
CA GLY A 170 -0.80 54.83 -20.75
C GLY A 170 0.56 54.71 -20.10
N LEU A 171 1.62 55.04 -20.84
CA LEU A 171 2.96 54.98 -20.27
C LEU A 171 3.13 56.05 -19.21
N ALA A 172 2.60 57.25 -19.45
CA ALA A 172 2.63 58.28 -18.39
C ALA A 172 1.90 57.80 -17.15
N TYR A 173 0.75 57.15 -17.33
CA TYR A 173 -0.02 56.64 -16.20
C TYR A 173 0.79 55.60 -15.43
N ALA A 174 1.43 54.68 -16.16
CA ALA A 174 2.26 53.64 -15.56
C ALA A 174 3.44 54.24 -14.81
N LYS A 175 3.99 55.33 -15.33
CA LYS A 175 5.08 55.98 -14.59
C LYS A 175 4.55 56.63 -13.33
N GLY A 176 3.35 57.23 -13.43
CA GLY A 176 2.75 57.85 -12.26
C GLY A 176 2.45 56.90 -11.12
N ILE A 177 2.16 55.63 -11.41
CA ILE A 177 1.86 54.68 -10.35
C ILE A 177 3.07 53.85 -9.96
N GLY A 178 4.22 54.07 -10.62
CA GLY A 178 5.47 53.45 -10.26
C GLY A 178 5.84 52.20 -11.04
N CYS A 179 5.07 51.82 -12.07
CA CYS A 179 5.35 50.55 -12.73
C CYS A 179 6.51 50.63 -13.71
N THR A 180 6.75 51.80 -14.33
CA THR A 180 7.88 51.89 -15.24
C THR A 180 9.20 51.96 -14.49
N ARG A 181 9.18 52.33 -13.21
CA ARG A 181 10.38 52.24 -12.38
C ARG A 181 10.92 50.82 -12.37
N ALA A 182 10.04 49.83 -12.17
CA ALA A 182 10.44 48.43 -12.22
C ALA A 182 10.51 47.89 -13.65
N GLY A 183 9.68 48.42 -14.55
CA GLY A 183 9.67 47.95 -15.90
C GLY A 183 8.30 47.47 -16.30
N VAL A 184 7.84 47.87 -17.48
CA VAL A 184 6.51 47.54 -17.95
C VAL A 184 6.63 46.75 -19.26
N ILE A 185 5.91 45.62 -19.34
CA ILE A 185 5.95 44.73 -20.49
C ILE A 185 4.79 45.05 -21.42
N ALA A 186 5.08 45.22 -22.71
CA ALA A 186 4.03 45.38 -23.71
C ALA A 186 3.25 44.08 -23.91
N THR A 187 1.92 44.19 -23.95
CA THR A 187 1.04 43.06 -24.19
C THR A 187 -0.21 43.61 -24.89
N THR A 188 -1.25 42.79 -24.96
CA THR A 188 -2.54 43.21 -25.49
C THR A 188 -3.63 42.87 -24.49
N PHE A 189 -4.80 43.49 -24.68
CA PHE A 189 -5.95 43.18 -23.85
C PHE A 189 -6.30 41.69 -23.93
N LYS A 190 -6.22 41.11 -25.13
CA LYS A 190 -6.48 39.70 -25.31
C LYS A 190 -5.50 38.85 -24.52
N GLU A 191 -4.20 39.08 -24.66
CA GLU A 191 -3.20 38.23 -23.99
C GLU A 191 -3.30 38.36 -22.48
N GLU A 192 -3.40 39.59 -21.96
CA GLU A 192 -3.53 39.75 -20.51
C GLU A 192 -4.79 39.03 -19.99
N THR A 193 -5.93 39.20 -20.65
CA THR A 193 -7.16 38.57 -20.17
C THR A 193 -7.05 37.04 -20.21
N GLU A 194 -6.64 36.48 -21.34
CA GLU A 194 -6.63 35.03 -21.50
C GLU A 194 -5.59 34.38 -20.58
N THR A 195 -4.40 34.95 -20.45
CA THR A 195 -3.41 34.33 -19.57
C THR A 195 -3.84 34.44 -18.11
N ASP A 196 -4.46 35.57 -17.73
CA ASP A 196 -4.96 35.73 -16.37
C ASP A 196 -5.99 34.66 -16.01
N LEU A 197 -7.00 34.47 -16.87
CA LEU A 197 -8.01 33.44 -16.62
C LEU A 197 -7.37 32.06 -16.60
N PHE A 198 -6.45 31.79 -17.53
CA PHE A 198 -5.85 30.47 -17.60
C PHE A 198 -5.06 30.15 -16.32
N GLY A 199 -4.22 31.09 -15.88
CA GLY A 199 -3.41 30.82 -14.71
C GLY A 199 -4.23 30.54 -13.47
N GLU A 200 -5.25 31.38 -13.23
CA GLU A 200 -6.19 31.19 -12.11
C GLU A 200 -6.81 29.82 -12.13
N GLN A 201 -7.36 29.45 -13.27
CA GLN A 201 -8.13 28.22 -13.37
C GLN A 201 -7.23 27.00 -13.26
N CYS A 202 -6.16 26.96 -14.06
CA CYS A 202 -5.38 25.74 -14.22
C CYS A 202 -4.27 25.58 -13.20
N VAL A 203 -3.72 26.66 -12.67
CA VAL A 203 -2.58 26.57 -11.75
C VAL A 203 -2.86 27.21 -10.40
N LEU A 204 -3.09 28.53 -10.37
CA LEU A 204 -2.98 29.30 -9.12
C LEU A 204 -4.08 28.97 -8.12
N CYS A 205 -5.31 28.80 -8.59
CA CYS A 205 -6.46 28.60 -7.70
C CYS A 205 -7.10 27.24 -7.91
N GLY A 206 -7.61 26.97 -9.12
CA GLY A 206 -8.23 25.68 -9.35
C GLY A 206 -7.24 24.54 -9.25
N GLY A 207 -6.14 24.63 -10.01
CA GLY A 207 -5.16 23.54 -10.00
C GLY A 207 -4.63 23.25 -8.62
N VAL A 208 -4.16 24.28 -7.91
CA VAL A 208 -3.47 23.99 -6.66
C VAL A 208 -4.44 23.58 -5.56
N THR A 209 -5.65 24.18 -5.49
CA THR A 209 -6.59 23.77 -4.45
C THR A 209 -7.03 22.32 -4.63
N GLU A 210 -7.32 21.90 -5.86
CA GLU A 210 -7.74 20.52 -6.05
C GLU A 210 -6.56 19.54 -5.92
N LEU A 211 -5.36 19.95 -6.31
CA LEU A 211 -4.16 19.15 -6.01
C LEU A 211 -4.01 18.93 -4.52
N ILE A 212 -4.14 20.00 -3.74
CA ILE A 212 -4.08 19.88 -2.28
C ILE A 212 -5.16 18.92 -1.78
N LYS A 213 -6.40 19.14 -2.21
CA LYS A 213 -7.53 18.34 -1.72
C LYS A 213 -7.40 16.88 -2.12
N ALA A 214 -6.97 16.63 -3.36
CA ALA A 214 -6.82 15.25 -3.83
C ALA A 214 -5.73 14.54 -3.04
N GLY A 215 -4.59 15.20 -2.79
CA GLY A 215 -3.59 14.63 -1.92
C GLY A 215 -4.12 14.36 -0.52
N PHE A 216 -4.87 15.31 0.05
CA PHE A 216 -5.41 15.15 1.40
C PHE A 216 -6.39 13.98 1.45
N ASP A 217 -7.30 13.92 0.46
CA ASP A 217 -8.27 12.84 0.40
C ASP A 217 -7.61 11.48 0.21
N THR A 218 -6.55 11.42 -0.60
CA THR A 218 -5.83 10.15 -0.77
C THR A 218 -5.35 9.63 0.58
N LEU A 219 -4.71 10.50 1.37
CA LEU A 219 -4.17 10.10 2.66
C LEU A 219 -5.29 9.72 3.63
N VAL A 220 -6.34 10.55 3.74
CA VAL A 220 -7.41 10.26 4.69
C VAL A 220 -8.11 8.96 4.32
N GLU A 221 -8.40 8.75 3.03
CA GLU A 221 -9.06 7.52 2.62
C GLU A 221 -8.19 6.29 2.86
N ALA A 222 -6.86 6.44 2.87
CA ALA A 222 -6.01 5.29 3.12
C ALA A 222 -5.84 5.00 4.61
N GLY A 223 -6.45 5.83 5.48
CA GLY A 223 -6.43 5.56 6.90
C GLY A 223 -5.48 6.41 7.73
N TYR A 224 -4.79 7.37 7.12
CA TYR A 224 -3.92 8.19 7.94
C TYR A 224 -4.71 9.29 8.65
N GLN A 225 -4.08 9.89 9.65
CA GLN A 225 -4.74 10.90 10.47
C GLN A 225 -4.95 12.18 9.68
N PRO A 226 -6.17 12.76 9.70
CA PRO A 226 -6.39 14.00 8.96
C PRO A 226 -5.47 15.14 9.37
N GLU A 227 -5.10 15.24 10.65
CA GLU A 227 -4.19 16.30 11.06
C GLU A 227 -2.83 16.16 10.39
N ILE A 228 -2.37 14.93 10.21
CA ILE A 228 -1.11 14.68 9.51
C ILE A 228 -1.24 15.02 8.03
N ALA A 229 -2.33 14.58 7.40
CA ALA A 229 -2.55 14.90 6.00
C ALA A 229 -2.60 16.41 5.78
N TYR A 230 -3.12 17.16 6.75
CA TYR A 230 -3.15 18.62 6.63
C TYR A 230 -1.74 19.18 6.54
N PHE A 231 -0.86 18.74 7.44
CA PHE A 231 0.50 19.28 7.44
C PHE A 231 1.21 18.95 6.13
N GLU A 232 1.06 17.71 5.64
CA GLU A 232 1.86 17.24 4.51
C GLU A 232 1.28 17.62 3.15
N CYS A 233 0.02 18.03 3.10
CA CYS A 233 -0.59 18.35 1.83
C CYS A 233 -0.93 19.82 1.69
N LEU A 234 -1.00 20.56 2.79
CA LEU A 234 -1.39 21.97 2.74
C LEU A 234 -0.37 22.82 3.48
N HIS A 235 -0.19 22.54 4.77
CA HIS A 235 0.53 23.47 5.63
C HIS A 235 1.92 23.78 5.10
N GLU A 236 2.71 22.75 4.77
CA GLU A 236 4.07 23.09 4.37
C GLU A 236 4.22 23.31 2.86
N LEU A 237 3.12 23.54 2.14
CA LEU A 237 3.26 24.01 0.76
C LEU A 237 3.83 25.43 0.72
N LYS A 238 3.52 26.25 1.72
CA LYS A 238 3.99 27.64 1.72
C LYS A 238 5.52 27.72 1.71
N LEU A 239 6.19 26.93 2.55
CA LEU A 239 7.65 26.92 2.51
C LEU A 239 8.18 26.59 1.12
N ILE A 240 7.61 25.58 0.47
CA ILE A 240 8.04 25.21 -0.87
C ILE A 240 7.83 26.37 -1.84
N VAL A 241 6.62 26.93 -1.85
CA VAL A 241 6.28 27.93 -2.86
C VAL A 241 7.07 29.22 -2.62
N ASP A 242 7.30 29.57 -1.35
CA ASP A 242 8.12 30.74 -1.06
C ASP A 242 9.49 30.62 -1.74
N LEU A 243 10.04 29.40 -1.77
CA LEU A 243 11.35 29.20 -2.38
C LEU A 243 11.26 29.30 -3.90
N ILE A 244 10.22 28.74 -4.49
CA ILE A 244 9.98 28.88 -5.94
C ILE A 244 9.83 30.33 -6.31
N TYR A 245 9.10 31.08 -5.49
CA TYR A 245 8.89 32.52 -5.70
C TYR A 245 10.22 33.29 -5.73
N GLU A 246 11.12 33.01 -4.80
CA GLU A 246 12.37 33.77 -4.72
C GLU A 246 13.39 33.35 -5.77
N GLY A 247 13.48 32.07 -6.09
CA GLY A 247 14.60 31.65 -6.92
C GLY A 247 14.28 30.52 -7.87
N GLY A 248 13.02 30.35 -8.21
CA GLY A 248 12.62 29.35 -9.18
C GLY A 248 12.56 27.95 -8.62
N ILE A 249 12.17 27.03 -9.50
CA ILE A 249 12.11 25.62 -9.13
C ILE A 249 13.47 25.14 -8.66
N GLY A 250 14.55 25.64 -9.30
CA GLY A 250 15.89 25.22 -8.94
C GLY A 250 16.27 25.54 -7.51
N LEU A 251 15.87 26.72 -7.02
CA LEU A 251 16.21 27.05 -5.64
C LEU A 251 15.46 26.14 -4.67
N MET A 252 14.19 25.85 -4.96
CA MET A 252 13.44 24.94 -4.10
C MET A 252 14.10 23.55 -4.08
N ARG A 253 14.43 23.03 -5.25
CA ARG A 253 15.03 21.69 -5.32
C ARG A 253 16.38 21.65 -4.63
N TYR A 254 17.13 22.75 -4.65
CA TYR A 254 18.37 22.84 -3.91
C TYR A 254 18.14 22.81 -2.41
N SER A 255 16.97 23.26 -1.96
CA SER A 255 16.72 23.50 -0.55
C SER A 255 15.99 22.38 0.16
N VAL A 256 15.41 21.43 -0.57
CA VAL A 256 14.76 20.30 0.04
C VAL A 256 15.75 19.15 0.08
N SER A 257 15.38 18.07 0.77
CA SER A 257 16.30 16.96 0.87
C SER A 257 16.40 16.23 -0.47
N ASP A 258 17.47 15.45 -0.62
CA ASP A 258 17.66 14.72 -1.87
C ASP A 258 16.53 13.71 -2.10
N THR A 259 15.98 13.13 -1.03
CA THR A 259 14.85 12.24 -1.18
C THR A 259 13.67 12.97 -1.80
N ALA A 260 13.38 14.18 -1.30
CA ALA A 260 12.27 14.94 -1.84
C ALA A 260 12.52 15.33 -3.30
N GLU A 261 13.74 15.76 -3.63
CA GLU A 261 14.02 16.16 -5.00
C GLU A 261 13.88 14.98 -5.96
N TYR A 262 14.45 13.82 -5.59
CA TYR A 262 14.25 12.62 -6.40
C TYR A 262 12.77 12.26 -6.50
N GLY A 263 12.02 12.34 -5.40
CA GLY A 263 10.58 12.09 -5.49
C GLY A 263 9.87 13.09 -6.39
N ASP A 264 10.27 14.35 -6.29
CA ASP A 264 9.76 15.43 -7.15
C ASP A 264 10.01 15.10 -8.62
N LEU A 265 11.27 14.83 -8.98
CA LEU A 265 11.62 14.68 -10.39
C LEU A 265 10.94 13.47 -11.02
N THR A 266 10.73 12.39 -10.28
CA THR A 266 10.22 11.17 -10.88
C THR A 266 8.70 11.05 -10.76
N VAL A 267 8.08 11.65 -9.74
CA VAL A 267 6.63 11.47 -9.53
C VAL A 267 5.79 12.63 -10.06
N GLY A 268 6.34 13.85 -10.01
CA GLY A 268 5.67 15.01 -10.59
C GLY A 268 5.01 14.79 -11.94
N PRO A 269 5.77 14.33 -12.95
CA PRO A 269 5.16 14.05 -14.26
C PRO A 269 4.24 12.85 -14.29
N ARG A 270 4.20 12.03 -13.25
CA ARG A 270 3.15 11.03 -13.17
C ARG A 270 1.83 11.63 -12.71
N ILE A 271 1.88 12.64 -11.83
CA ILE A 271 0.66 13.25 -11.31
C ILE A 271 0.09 14.23 -12.32
N ILE A 272 0.92 15.11 -12.86
CA ILE A 272 0.55 16.03 -13.92
C ILE A 272 1.12 15.47 -15.22
N ASN A 273 0.31 14.77 -15.99
CA ASN A 273 0.80 13.97 -17.11
C ASN A 273 0.26 14.54 -18.41
N GLU A 274 0.39 13.79 -19.51
CA GLU A 274 -0.02 14.31 -20.81
C GLU A 274 -1.52 14.47 -20.92
N ASN A 275 -2.30 13.67 -20.18
CA ASN A 275 -3.74 13.88 -20.11
C ASN A 275 -4.07 15.20 -19.41
N THR A 276 -3.37 15.50 -18.30
CA THR A 276 -3.54 16.77 -17.64
C THR A 276 -3.21 17.94 -18.57
N ARG A 277 -2.10 17.82 -19.32
CA ARG A 277 -1.71 18.88 -20.24
C ARG A 277 -2.72 19.03 -21.37
N ALA A 278 -3.33 17.92 -21.80
CA ALA A 278 -4.36 18.01 -22.83
C ALA A 278 -5.62 18.67 -22.27
N GLU A 279 -5.95 18.41 -21.01
CA GLU A 279 -7.10 19.10 -20.42
C GLU A 279 -6.82 20.61 -20.25
N MET A 280 -5.58 20.97 -19.92
CA MET A 280 -5.21 22.40 -19.87
C MET A 280 -5.40 23.09 -21.22
N LYS A 281 -5.10 22.39 -22.31
CA LYS A 281 -5.35 22.95 -23.65
C LYS A 281 -6.84 23.18 -23.89
N LYS A 282 -7.71 22.24 -23.49
CA LYS A 282 -9.15 22.44 -23.61
C LYS A 282 -9.63 23.62 -22.76
N VAL A 283 -9.09 23.74 -21.55
CA VAL A 283 -9.51 24.86 -20.70
C VAL A 283 -9.11 26.18 -21.35
N LEU A 284 -7.90 26.24 -21.91
CA LEU A 284 -7.47 27.45 -22.60
C LEU A 284 -8.37 27.72 -23.81
N ALA A 285 -8.76 26.66 -24.53
CA ALA A 285 -9.62 26.84 -25.70
C ALA A 285 -10.96 27.47 -25.32
N ALA A 286 -11.50 27.12 -24.14
CA ALA A 286 -12.76 27.71 -23.69
C ALA A 286 -12.59 29.18 -23.30
N ILE A 287 -11.38 29.55 -22.88
CA ILE A 287 -11.09 30.96 -22.59
C ILE A 287 -10.92 31.72 -23.90
N GLN A 288 -10.26 31.09 -24.89
CA GLN A 288 -10.01 31.73 -26.17
C GLN A 288 -11.27 31.85 -27.04
N ASP A 289 -12.24 30.94 -26.93
CA ASP A 289 -13.38 30.99 -27.83
C ASP A 289 -14.60 31.70 -27.23
N GLY A 290 -14.43 32.35 -26.08
CA GLY A 290 -15.51 33.05 -25.44
C GLY A 290 -16.46 32.21 -24.61
N THR A 291 -16.36 30.87 -24.62
CA THR A 291 -17.41 30.09 -23.94
C THR A 291 -17.27 30.13 -22.42
N PHE A 292 -16.04 30.21 -21.88
CA PHE A 292 -15.95 30.42 -20.44
C PHE A 292 -16.56 31.77 -20.05
N ALA A 293 -16.21 32.84 -20.79
CA ALA A 293 -16.74 34.17 -20.48
C ALA A 293 -18.27 34.17 -20.51
N ARG A 294 -18.85 33.56 -21.55
CA ARG A 294 -20.30 33.43 -21.61
C ARG A 294 -20.85 32.66 -20.40
N GLU A 295 -20.23 31.53 -20.08
CA GLU A 295 -20.69 30.76 -18.93
C GLU A 295 -20.66 31.59 -17.65
N LEU A 296 -19.56 32.31 -17.41
CA LEU A 296 -19.45 33.16 -16.23
C LEU A 296 -20.53 34.24 -16.21
N LEU A 297 -20.73 34.93 -17.33
CA LEU A 297 -21.68 36.03 -17.39
C LEU A 297 -23.11 35.52 -17.20
N LEU A 298 -23.44 34.35 -17.77
CA LEU A 298 -24.77 33.78 -17.55
C LEU A 298 -24.95 33.38 -16.08
N GLU A 299 -23.95 32.73 -15.51
CA GLU A 299 -23.96 32.38 -14.08
C GLU A 299 -24.26 33.59 -13.23
N PHE A 300 -23.62 34.73 -13.53
CA PHE A 300 -23.87 35.95 -12.79
C PHE A 300 -25.28 36.48 -13.04
N GLN A 301 -25.87 36.20 -14.21
CA GLN A 301 -27.20 36.73 -14.51
C GLN A 301 -28.32 35.99 -13.78
N VAL A 302 -28.11 34.76 -13.34
CA VAL A 302 -29.17 34.06 -12.63
C VAL A 302 -28.83 33.85 -11.16
N GLY A 303 -28.08 34.79 -10.58
CA GLY A 303 -27.92 34.79 -9.15
C GLY A 303 -26.89 33.81 -8.62
N ARG A 304 -25.95 33.37 -9.44
CA ARG A 304 -24.78 32.61 -8.99
C ARG A 304 -25.12 31.28 -8.31
N PRO A 305 -26.02 30.46 -8.85
CA PRO A 305 -26.34 29.19 -8.14
C PRO A 305 -25.23 28.14 -8.21
N VAL A 306 -24.44 28.09 -9.27
CA VAL A 306 -23.36 27.10 -9.30
C VAL A 306 -22.23 27.53 -8.40
N PHE A 307 -21.91 28.82 -8.46
CA PHE A 307 -20.88 29.39 -7.62
C PHE A 307 -21.21 29.20 -6.14
N SER A 308 -22.47 29.44 -5.78
CA SER A 308 -22.86 29.29 -4.38
C SER A 308 -22.89 27.82 -3.94
N ALA A 309 -23.39 26.92 -4.79
CA ALA A 309 -23.45 25.51 -4.44
C ALA A 309 -22.05 24.91 -4.31
N LEU A 310 -21.16 25.20 -5.26
CA LEU A 310 -19.82 24.62 -5.20
C LEU A 310 -18.99 25.22 -4.07
N ARG A 311 -19.15 26.51 -3.81
CA ARG A 311 -18.44 27.15 -2.71
C ARG A 311 -18.81 26.50 -1.38
N ARG A 312 -20.11 26.23 -1.18
CA ARG A 312 -20.57 25.65 0.07
C ARG A 312 -20.04 24.23 0.25
N LYS A 313 -20.11 23.41 -0.81
CA LYS A 313 -19.54 22.08 -0.78
C LYS A 313 -18.05 22.13 -0.39
N GLY A 314 -17.32 23.11 -0.92
CA GLY A 314 -15.93 23.30 -0.49
C GLY A 314 -15.81 23.66 0.98
N GLN A 315 -16.72 24.50 1.49
CA GLN A 315 -16.65 24.92 2.89
C GLN A 315 -16.96 23.80 3.85
N GLU A 316 -17.62 22.75 3.40
CA GLU A 316 -17.92 21.57 4.20
C GLU A 316 -16.82 20.51 4.17
N HIS A 317 -15.73 20.74 3.43
CA HIS A 317 -14.69 19.72 3.30
C HIS A 317 -13.93 19.54 4.62
N LEU A 318 -13.51 18.30 4.87
CA LEU A 318 -12.78 17.99 6.10
C LEU A 318 -11.51 18.82 6.24
N ILE A 319 -10.82 19.10 5.13
CA ILE A 319 -9.56 19.84 5.21
C ILE A 319 -9.78 21.22 5.81
N GLU A 320 -10.98 21.80 5.61
CA GLU A 320 -11.24 23.11 6.20
C GLU A 320 -11.59 22.99 7.69
N LYS A 321 -12.26 21.91 8.09
CA LYS A 321 -12.53 21.68 9.51
C LYS A 321 -11.25 21.40 10.29
N VAL A 322 -10.45 20.41 9.84
CA VAL A 322 -9.20 20.13 10.54
C VAL A 322 -8.28 21.34 10.49
N GLY A 323 -8.24 22.02 9.34
CA GLY A 323 -7.35 23.17 9.21
C GLY A 323 -7.66 24.26 10.22
N LYS A 324 -8.95 24.49 10.48
CA LYS A 324 -9.33 25.51 11.46
C LYS A 324 -8.84 25.13 12.84
N GLU A 325 -9.07 23.87 13.24
CA GLU A 325 -8.58 23.38 14.53
C GLU A 325 -7.08 23.55 14.64
N LEU A 326 -6.33 23.05 13.65
CA LEU A 326 -4.87 23.08 13.73
C LEU A 326 -4.34 24.52 13.72
N ARG A 327 -4.90 25.38 12.87
CA ARG A 327 -4.37 26.74 12.77
C ARG A 327 -4.62 27.53 14.04
N ALA A 328 -5.68 27.20 14.79
CA ALA A 328 -5.90 27.86 16.06
C ALA A 328 -4.78 27.52 17.05
N MET A 329 -4.09 26.39 16.85
CA MET A 329 -3.01 26.00 17.72
C MET A 329 -1.71 26.69 17.36
N MET A 330 -1.74 27.50 16.29
CA MET A 330 -0.57 28.21 15.75
C MET A 330 -0.93 29.70 15.76
N PRO A 331 -0.91 30.34 16.92
CA PRO A 331 -1.40 31.73 17.01
C PRO A 331 -0.68 32.68 16.06
N TRP A 332 0.57 32.40 15.72
CA TRP A 332 1.39 33.29 14.91
C TRP A 332 0.87 33.43 13.48
N LEU A 333 -0.34 32.94 13.23
CA LEU A 333 -1.00 33.09 11.94
C LEU A 333 -2.00 34.25 11.98
N ALA B 2 -7.69 12.61 17.32
CA ALA B 2 -6.24 12.60 17.46
C ALA B 2 -5.79 12.88 18.89
N ARG B 3 -4.85 12.06 19.40
CA ARG B 3 -4.34 12.20 20.75
C ARG B 3 -3.30 13.31 20.79
N MET B 4 -3.55 14.35 21.60
CA MET B 4 -2.63 15.46 21.78
C MET B 4 -1.91 15.36 23.11
N TYR B 5 -0.64 15.76 23.13
CA TYR B 5 0.15 15.87 24.34
C TYR B 5 0.61 17.32 24.47
N TYR B 6 0.31 17.94 25.62
CA TYR B 6 0.68 19.32 25.90
C TYR B 6 1.67 19.37 27.06
N ASP B 7 1.95 20.60 27.52
CA ASP B 7 2.90 20.84 28.62
C ASP B 7 2.71 19.88 29.78
N ALA B 8 1.46 19.74 30.24
CA ALA B 8 1.14 18.97 31.45
C ALA B 8 1.13 17.47 31.18
N ASP B 9 1.93 17.04 30.22
CA ASP B 9 2.07 15.63 29.87
C ASP B 9 3.51 15.18 29.71
N ALA B 10 4.47 16.12 29.77
CA ALA B 10 5.89 15.83 29.64
C ALA B 10 6.63 16.40 30.84
N ASN B 11 7.29 15.54 31.60
CA ASN B 11 8.03 15.93 32.80
C ASN B 11 9.51 16.05 32.42
N LEU B 12 10.01 17.30 32.37
CA LEU B 12 11.41 17.53 32.03
C LEU B 12 12.38 17.03 33.09
N ASP B 13 11.88 16.73 34.30
CA ASP B 13 12.75 16.20 35.36
C ASP B 13 13.22 14.79 35.08
N LEU B 14 12.52 14.06 34.20
CA LEU B 14 12.91 12.69 33.89
C LEU B 14 14.28 12.58 33.27
N LEU B 15 14.84 13.70 32.78
CA LEU B 15 16.13 13.72 32.13
C LEU B 15 17.25 14.25 33.02
N LYS B 16 16.95 14.63 34.26
CA LYS B 16 17.98 15.13 35.15
C LYS B 16 19.03 14.06 35.40
N GLY B 17 20.31 14.43 35.20
CA GLY B 17 21.40 13.49 35.36
C GLY B 17 21.76 12.71 34.13
N LYS B 18 21.34 13.14 32.94
CA LYS B 18 21.62 12.44 31.71
C LYS B 18 22.18 13.41 30.67
N THR B 19 22.81 12.84 29.65
CA THR B 19 23.38 13.61 28.55
C THR B 19 22.62 13.27 27.26
N ILE B 20 22.41 14.28 26.43
CA ILE B 20 21.75 14.13 25.13
C ILE B 20 22.76 14.48 24.05
N ALA B 21 23.06 13.51 23.18
CA ALA B 21 23.91 13.74 22.02
C ALA B 21 23.04 14.10 20.82
N VAL B 22 23.27 15.29 20.26
CA VAL B 22 22.55 15.77 19.08
C VAL B 22 23.52 15.68 17.90
N ILE B 23 23.39 14.62 17.11
CA ILE B 23 24.33 14.34 16.03
C ILE B 23 23.94 15.15 14.80
N GLY B 24 24.82 16.07 14.41
CA GLY B 24 24.52 17.01 13.35
C GLY B 24 24.15 18.37 13.92
N TYR B 25 24.41 19.41 13.13
CA TYR B 25 24.09 20.78 13.52
C TYR B 25 23.52 21.55 12.34
N GLY B 26 22.74 20.86 11.51
CA GLY B 26 22.15 21.48 10.34
C GLY B 26 20.93 22.32 10.67
N SER B 27 19.88 22.23 9.83
CA SER B 27 18.67 23.01 10.09
C SER B 27 18.03 22.61 11.41
N GLN B 28 17.73 21.32 11.59
CA GLN B 28 17.20 20.84 12.85
C GLN B 28 18.28 20.75 13.93
N GLY B 29 19.52 20.48 13.53
CA GLY B 29 20.58 20.32 14.52
C GLY B 29 20.88 21.58 15.29
N HIS B 30 20.96 22.74 14.60
CA HIS B 30 21.36 23.93 15.35
C HIS B 30 20.19 24.43 16.16
N ALA B 31 18.98 24.18 15.67
CA ALA B 31 17.77 24.62 16.35
C ALA B 31 17.51 23.76 17.59
N GLN B 32 17.50 22.44 17.41
CA GLN B 32 17.10 21.55 18.49
C GLN B 32 18.13 21.49 19.61
N ALA B 33 19.42 21.49 19.26
CA ALA B 33 20.45 21.43 20.30
C ALA B 33 20.43 22.68 21.16
N GLN B 34 20.29 23.85 20.54
CA GLN B 34 20.17 25.09 21.30
C GLN B 34 18.90 25.13 22.14
N ASN B 35 17.83 24.47 21.69
CA ASN B 35 16.61 24.42 22.47
C ASN B 35 16.80 23.64 23.77
N LEU B 36 17.49 22.49 23.69
CA LEU B 36 17.66 21.66 24.88
C LEU B 36 18.66 22.26 25.86
N HIS B 37 19.52 23.18 25.40
CA HIS B 37 20.52 23.78 26.28
C HIS B 37 19.89 24.80 27.22
N ASP B 38 19.07 25.71 26.69
CA ASP B 38 18.36 26.67 27.53
C ASP B 38 17.08 26.10 28.14
N SER B 39 16.86 24.80 28.04
CA SER B 39 15.81 24.10 28.78
C SER B 39 16.36 23.37 30.00
N GLY B 40 17.65 23.56 30.31
CA GLY B 40 18.22 22.97 31.50
C GLY B 40 18.66 21.54 31.36
N LEU B 41 19.03 21.12 30.16
CA LEU B 41 19.46 19.75 29.90
C LEU B 41 20.92 19.72 29.47
N GLU B 42 21.61 18.64 29.83
CA GLU B 42 22.99 18.46 29.43
C GLU B 42 23.03 17.98 27.99
N VAL B 43 23.70 18.76 27.12
CA VAL B 43 23.71 18.49 25.69
C VAL B 43 25.14 18.46 25.19
N VAL B 44 25.46 17.46 24.37
CA VAL B 44 26.69 17.42 23.59
C VAL B 44 26.32 17.33 22.12
N VAL B 45 27.09 18.01 21.27
CA VAL B 45 26.77 18.16 19.85
C VAL B 45 27.79 17.35 19.05
N GLY B 46 27.36 16.20 18.54
CA GLY B 46 28.22 15.33 17.76
C GLY B 46 28.45 15.79 16.34
N LEU B 47 29.72 16.03 15.99
CA LEU B 47 30.13 16.48 14.66
C LEU B 47 31.33 15.65 14.20
N ARG B 48 31.79 15.92 12.98
CA ARG B 48 33.01 15.32 12.51
C ARG B 48 34.22 16.08 13.03
N LYS B 49 35.36 15.39 13.09
CA LYS B 49 36.61 16.07 13.40
C LYS B 49 36.86 17.17 12.36
N PRO B 50 37.18 18.40 12.79
CA PRO B 50 37.41 19.47 11.81
C PRO B 50 38.57 19.14 10.89
N GLU B 51 38.30 19.11 9.60
CA GLU B 51 39.28 18.72 8.60
C GLU B 51 39.35 19.68 7.42
N ASP B 52 38.21 20.26 7.02
CA ASP B 52 38.20 21.26 5.96
C ASP B 52 37.60 22.56 6.45
N ASP B 53 36.98 23.33 5.55
CA ASP B 53 36.46 24.65 5.91
C ASP B 53 35.09 24.55 6.58
N PHE B 54 34.22 23.67 6.09
CA PHE B 54 32.89 23.52 6.66
C PHE B 54 32.96 22.95 8.07
N THR B 55 33.62 21.80 8.24
CA THR B 55 33.69 21.15 9.55
C THR B 55 34.36 22.02 10.60
N THR B 56 35.13 23.03 10.18
CA THR B 56 35.68 23.99 11.14
C THR B 56 34.68 25.09 11.46
N ALA B 57 34.05 25.66 10.44
CA ALA B 57 33.10 26.76 10.66
C ALA B 57 31.90 26.30 11.48
N GLU B 58 31.43 25.07 11.24
CA GLU B 58 30.32 24.55 12.04
C GLU B 58 30.78 24.25 13.47
N TRP B 59 31.97 23.69 13.62
CA TRP B 59 32.53 23.44 14.95
C TRP B 59 32.68 24.75 15.74
N ASN B 60 33.04 25.83 15.05
CA ASN B 60 33.22 27.11 15.73
C ASN B 60 31.89 27.73 16.13
N GLN B 61 30.86 27.56 15.31
CA GLN B 61 29.56 28.13 15.63
C GLN B 61 28.89 27.38 16.79
N VAL B 62 29.14 26.07 16.91
CA VAL B 62 28.65 25.34 18.06
C VAL B 62 29.23 25.92 19.35
N VAL B 63 30.52 26.27 19.32
CA VAL B 63 31.16 26.89 20.48
C VAL B 63 30.57 28.27 20.73
N ALA B 64 30.31 29.03 19.66
CA ALA B 64 29.82 30.41 19.81
C ALA B 64 28.46 30.46 20.49
N ASP B 65 27.62 29.44 20.29
CA ASP B 65 26.31 29.37 20.92
C ASP B 65 26.36 28.77 22.32
N GLY B 66 27.55 28.43 22.83
CA GLY B 66 27.69 27.96 24.19
C GLY B 66 27.49 26.48 24.41
N LEU B 67 27.65 25.65 23.37
CA LEU B 67 27.49 24.21 23.48
C LEU B 67 28.81 23.51 23.21
N THR B 68 28.88 22.24 23.63
CA THR B 68 30.13 21.49 23.58
C THR B 68 30.13 20.55 22.39
N PRO B 69 31.06 20.70 21.44
CA PRO B 69 31.17 19.73 20.34
C PRO B 69 32.13 18.59 20.65
N LEU B 70 31.72 17.39 20.25
CA LEU B 70 32.52 16.18 20.31
C LEU B 70 32.45 15.49 18.96
N PRO B 71 33.49 14.74 18.57
CA PRO B 71 33.34 13.84 17.43
C PRO B 71 32.18 12.88 17.66
N VAL B 72 31.56 12.44 16.57
CA VAL B 72 30.31 11.69 16.65
C VAL B 72 30.46 10.49 17.57
N ASP B 73 31.60 9.79 17.48
CA ASP B 73 31.85 8.66 18.37
C ASP B 73 32.00 9.09 19.82
N GLU B 74 32.48 10.32 20.06
CA GLU B 74 32.69 10.78 21.42
C GLU B 74 31.39 11.32 22.04
N ALA B 75 30.55 11.98 21.25
CA ALA B 75 29.25 12.39 21.76
C ALA B 75 28.34 11.19 22.00
N ALA B 76 28.51 10.13 21.20
CA ALA B 76 27.69 8.94 21.35
C ALA B 76 28.12 8.10 22.56
N ARG B 77 29.43 8.00 22.80
CA ARG B 77 29.89 7.37 24.03
C ARG B 77 29.49 8.17 25.26
N ALA B 78 29.40 9.50 25.12
CA ALA B 78 29.08 10.35 26.26
C ALA B 78 27.63 10.19 26.71
N ALA B 79 26.69 10.17 25.77
CA ALA B 79 25.29 10.33 26.09
C ALA B 79 24.54 8.99 26.09
N GLN B 80 23.41 8.99 26.82
CA GLN B 80 22.48 7.86 26.85
C GLN B 80 21.24 8.11 25.99
N ILE B 81 21.11 9.29 25.40
CA ILE B 81 20.02 9.63 24.50
C ILE B 81 20.65 10.29 23.28
N ILE B 82 20.61 9.60 22.13
CA ILE B 82 21.27 10.05 20.91
C ILE B 82 20.20 10.36 19.87
N GLN B 83 20.16 11.62 19.43
CA GLN B 83 19.20 12.11 18.45
C GLN B 83 19.92 12.39 17.14
N ILE B 84 19.55 11.66 16.09
CA ILE B 84 20.27 11.71 14.82
C ILE B 84 19.61 12.76 13.92
N LEU B 85 20.37 13.81 13.61
CA LEU B 85 19.90 14.90 12.77
C LEU B 85 20.88 15.15 11.61
N VAL B 86 21.55 14.12 11.11
CA VAL B 86 22.42 14.23 9.97
C VAL B 86 21.53 14.01 8.77
N PRO B 87 22.02 14.19 7.53
CA PRO B 87 21.10 13.98 6.36
C PRO B 87 20.66 12.53 6.19
N ASP B 88 19.43 12.38 5.73
CA ASP B 88 18.79 11.06 5.69
C ASP B 88 19.59 10.07 4.84
N ASP B 89 20.10 10.52 3.69
CA ASP B 89 20.85 9.63 2.80
C ASP B 89 22.21 9.22 3.36
N ILE B 90 22.67 9.84 4.46
CA ILE B 90 23.94 9.50 5.07
C ILE B 90 23.78 8.81 6.42
N GLN B 91 22.56 8.69 6.94
CA GLN B 91 22.39 8.22 8.31
C GLN B 91 22.89 6.79 8.50
N ALA B 92 22.73 5.94 7.49
CA ALA B 92 23.10 4.53 7.64
C ALA B 92 24.59 4.36 7.88
N LYS B 93 25.43 5.11 7.16
CA LYS B 93 26.86 4.98 7.37
C LYS B 93 27.29 5.60 8.71
N VAL B 94 26.73 6.77 9.06
CA VAL B 94 27.13 7.43 10.30
C VAL B 94 26.74 6.60 11.51
N TYR B 95 25.52 6.04 11.51
CA TYR B 95 25.13 5.17 12.62
C TYR B 95 26.03 3.94 12.68
N ARG B 96 26.21 3.25 11.55
CA ARG B 96 26.98 2.01 11.54
C ARG B 96 28.37 2.22 12.09
N GLU B 97 29.03 3.32 11.72
CA GLU B 97 30.41 3.53 12.09
C GLU B 97 30.56 4.23 13.44
N LYS B 98 29.92 5.39 13.61
CA LYS B 98 30.23 6.29 14.71
C LYS B 98 29.20 6.23 15.85
N ILE B 99 28.16 5.42 15.73
CA ILE B 99 27.12 5.40 16.76
C ILE B 99 26.86 3.99 17.25
N GLU B 100 26.65 3.05 16.32
CA GLU B 100 26.21 1.71 16.70
C GLU B 100 27.11 1.01 17.71
N PRO B 101 28.45 1.03 17.59
CA PRO B 101 29.27 0.26 18.55
C PRO B 101 29.26 0.79 19.97
N TYR B 102 28.57 1.90 20.25
CA TYR B 102 28.65 2.55 21.55
C TYR B 102 27.29 2.62 22.25
N LEU B 103 26.38 1.73 21.88
CA LEU B 103 25.04 1.69 22.45
C LEU B 103 25.01 0.74 23.64
N ASN B 104 24.32 1.16 24.70
CA ASN B 104 24.12 0.35 25.88
C ASN B 104 22.62 0.14 26.10
N GLU B 105 22.31 -0.83 26.96
CA GLU B 105 20.92 -1.06 27.35
C GLU B 105 20.37 0.20 28.01
N GLY B 106 19.09 0.48 27.75
CA GLY B 106 18.44 1.64 28.29
C GLY B 106 18.65 2.91 27.51
N ASP B 107 19.65 2.96 26.63
CA ASP B 107 19.86 4.12 25.78
C ASP B 107 18.67 4.32 24.84
N ALA B 108 18.36 5.58 24.54
CA ALA B 108 17.22 5.94 23.71
C ALA B 108 17.71 6.65 22.46
N LEU B 109 17.33 6.12 21.30
CA LEU B 109 17.77 6.62 20.00
C LEU B 109 16.64 7.41 19.36
N GLY B 110 16.94 8.63 18.91
CA GLY B 110 15.92 9.58 18.48
C GLY B 110 16.12 10.08 17.07
N PHE B 111 15.00 10.24 16.35
CA PHE B 111 14.98 10.78 15.00
C PHE B 111 13.96 11.91 14.91
N SER B 112 14.04 12.66 13.81
CA SER B 112 13.02 13.63 13.44
C SER B 112 12.36 13.30 12.10
N HIS B 113 12.75 12.21 11.46
CA HIS B 113 12.12 11.68 10.25
C HIS B 113 12.45 10.20 10.19
N GLY B 114 11.44 9.37 9.95
CA GLY B 114 11.58 7.96 10.24
C GLY B 114 11.90 7.05 9.07
N PHE B 115 12.40 7.61 7.96
CA PHE B 115 12.66 6.80 6.78
C PHE B 115 13.61 5.64 7.10
N ASN B 116 14.72 5.95 7.76
CA ASN B 116 15.75 4.93 7.90
C ASN B 116 15.32 3.83 8.85
N ILE B 117 14.66 4.19 9.95
CA ILE B 117 14.13 3.17 10.84
C ILE B 117 13.03 2.39 10.13
N HIS B 118 12.14 3.11 9.44
CA HIS B 118 10.94 2.46 8.92
C HIS B 118 11.27 1.51 7.77
N PHE B 119 12.28 1.82 6.97
CA PHE B 119 12.62 0.99 5.83
C PHE B 119 13.82 0.08 6.10
N GLY B 120 14.16 -0.12 7.35
CA GLY B 120 15.15 -1.14 7.71
C GLY B 120 16.58 -0.79 7.36
N GLN B 121 16.86 0.48 7.06
CA GLN B 121 18.23 0.90 6.79
C GLN B 121 19.04 1.07 8.07
N ILE B 122 18.38 1.33 9.19
CA ILE B 122 18.99 1.31 10.51
C ILE B 122 18.15 0.40 11.40
N VAL B 123 18.80 -0.60 12.00
CA VAL B 123 18.13 -1.60 12.82
C VAL B 123 18.83 -1.63 14.18
N PRO B 124 18.45 -0.78 15.13
CA PRO B 124 19.12 -0.76 16.45
C PRO B 124 18.87 -2.05 17.21
N PRO B 125 19.71 -2.34 18.21
CA PRO B 125 19.49 -3.55 19.00
C PRO B 125 18.21 -3.47 19.77
N PRO B 126 17.57 -4.62 20.08
CA PRO B 126 16.28 -4.59 20.77
C PRO B 126 16.33 -4.03 22.18
N SER B 127 17.51 -3.91 22.78
CA SER B 127 17.67 -3.37 24.12
C SER B 127 17.81 -1.85 24.13
N VAL B 128 17.33 -1.18 23.09
CA VAL B 128 17.57 0.25 22.87
C VAL B 128 16.23 0.91 22.55
N ASP B 129 15.95 2.03 23.24
CA ASP B 129 14.74 2.79 22.98
C ASP B 129 14.88 3.57 21.68
N VAL B 130 13.84 3.57 20.87
CA VAL B 130 13.82 4.32 19.62
C VAL B 130 12.58 5.21 19.61
N PHE B 131 12.79 6.51 19.41
CA PHE B 131 11.69 7.48 19.39
C PHE B 131 11.87 8.44 18.22
N MET B 132 10.79 9.15 17.89
CA MET B 132 10.87 10.25 16.93
C MET B 132 10.10 11.44 17.46
N VAL B 133 10.69 12.63 17.28
CA VAL B 133 9.99 13.89 17.50
C VAL B 133 10.20 14.69 16.21
N ALA B 134 9.16 14.78 15.39
CA ALA B 134 9.22 15.50 14.14
C ALA B 134 8.50 16.84 14.28
N PRO B 135 9.20 17.96 14.23
CA PRO B 135 8.52 19.26 14.30
C PRO B 135 7.90 19.65 12.97
N LYS B 136 6.76 20.33 13.05
CA LYS B 136 6.06 20.85 11.89
C LYS B 136 6.34 22.35 11.73
N SER B 137 7.59 22.62 11.32
CA SER B 137 8.18 23.94 11.09
C SER B 137 9.66 23.76 10.76
N PRO B 138 10.26 24.64 9.95
CA PRO B 138 11.68 24.46 9.61
C PRO B 138 12.62 24.73 10.76
N GLY B 139 13.94 24.62 10.52
CA GLY B 139 14.90 24.77 11.60
C GLY B 139 14.88 26.17 12.20
N HIS B 140 14.91 27.19 11.34
CA HIS B 140 14.93 28.57 11.82
C HIS B 140 13.63 28.95 12.53
N LEU B 141 12.53 28.26 12.25
CA LEU B 141 11.27 28.53 12.96
C LEU B 141 11.14 27.70 14.23
N VAL B 142 11.76 26.52 14.28
CA VAL B 142 11.89 25.78 15.53
C VAL B 142 12.70 26.57 16.55
N ARG B 143 13.80 27.20 16.12
CA ARG B 143 14.65 27.92 17.06
C ARG B 143 14.10 29.30 17.40
N ARG B 144 13.59 30.02 16.41
CA ARG B 144 13.12 31.39 16.65
C ARG B 144 11.86 31.40 17.50
N MET B 145 11.00 30.39 17.37
CA MET B 145 9.74 30.42 18.10
C MET B 145 9.93 29.98 19.55
N TYR B 146 10.92 29.13 19.82
CA TYR B 146 11.22 28.74 21.18
C TYR B 146 11.69 29.92 22.01
N ARG B 147 12.51 30.80 21.43
CA ARG B 147 12.96 32.00 22.10
C ARG B 147 11.82 32.96 22.39
N GLN B 148 10.63 32.73 21.82
CA GLN B 148 9.47 33.59 22.00
C GLN B 148 8.40 32.95 22.88
N GLY B 149 8.76 31.89 23.62
CA GLY B 149 7.84 31.26 24.56
C GLY B 149 6.65 30.54 23.94
N VAL B 150 6.59 30.44 22.62
CA VAL B 150 5.50 29.76 21.93
C VAL B 150 6.08 28.55 21.21
N GLY B 151 5.38 27.42 21.27
CA GLY B 151 5.84 26.22 20.60
C GLY B 151 5.39 26.14 19.15
N VAL B 152 6.03 25.23 18.42
CA VAL B 152 5.53 24.82 17.12
C VAL B 152 4.93 23.43 17.31
N PRO B 153 3.80 23.10 16.68
CA PRO B 153 3.25 21.75 16.83
C PRO B 153 4.25 20.71 16.35
N GLY B 154 4.15 19.51 16.92
CA GLY B 154 5.06 18.45 16.56
C GLY B 154 4.35 17.12 16.52
N LEU B 155 5.02 16.15 15.91
CA LEU B 155 4.58 14.76 15.87
C LEU B 155 5.49 13.94 16.77
N ILE B 156 4.89 13.05 17.58
CA ILE B 156 5.67 12.16 18.42
C ILE B 156 5.41 10.73 17.99
N ALA B 157 6.49 9.93 17.99
CA ALA B 157 6.41 8.53 17.63
C ALA B 157 7.48 7.77 18.43
N VAL B 158 7.14 6.58 18.88
CA VAL B 158 8.08 5.65 19.49
C VAL B 158 8.01 4.33 18.72
N HIS B 159 9.18 3.86 18.27
CA HIS B 159 9.29 2.67 17.43
C HIS B 159 9.53 1.41 18.23
N ASN B 160 10.23 1.50 19.37
CA ASN B 160 10.53 0.33 20.20
C ASN B 160 10.58 0.76 21.65
N ASP B 161 9.66 0.25 22.47
CA ASP B 161 9.63 0.51 23.91
C ASP B 161 10.32 -0.66 24.63
N HIS B 162 11.55 -0.45 25.06
CA HIS B 162 12.31 -1.45 25.78
C HIS B 162 12.48 -1.15 27.27
N THR B 163 12.81 0.09 27.61
CA THR B 163 12.90 0.51 29.01
C THR B 163 11.53 0.75 29.65
N GLY B 164 10.46 0.35 28.99
CA GLY B 164 9.11 0.60 29.48
C GLY B 164 8.69 2.05 29.54
N LYS B 165 9.62 2.99 29.28
CA LYS B 165 9.35 4.42 29.35
C LYS B 165 9.80 5.11 28.08
N ALA B 166 9.61 4.48 26.92
CA ALA B 166 10.06 5.10 25.67
C ALA B 166 9.21 6.32 25.32
N LEU B 167 7.89 6.22 25.47
CA LEU B 167 7.01 7.33 25.16
C LEU B 167 7.32 8.54 26.04
N GLU B 168 7.38 8.33 27.36
CA GLU B 168 7.71 9.42 28.28
C GLU B 168 9.08 10.02 28.00
N THR B 169 9.99 9.21 27.46
CA THR B 169 11.36 9.66 27.26
C THR B 169 11.44 10.59 26.05
N GLY B 170 10.81 10.18 24.94
CA GLY B 170 10.67 11.08 23.81
C GLY B 170 9.73 12.25 24.10
N LEU B 171 8.67 11.99 24.86
CA LEU B 171 7.83 13.09 25.36
C LEU B 171 8.67 14.12 26.11
N ALA B 172 9.65 13.66 26.87
CA ALA B 172 10.56 14.58 27.55
C ALA B 172 11.35 15.40 26.53
N TYR B 173 11.87 14.74 25.49
CA TYR B 173 12.61 15.44 24.44
C TYR B 173 11.74 16.47 23.73
N ALA B 174 10.44 16.19 23.58
CA ALA B 174 9.55 17.13 22.91
C ALA B 174 9.45 18.44 23.68
N LYS B 175 9.30 18.37 25.00
CA LYS B 175 9.29 19.60 25.80
C LYS B 175 10.64 20.29 25.76
N GLY B 176 11.73 19.51 25.69
CA GLY B 176 13.06 20.10 25.69
C GLY B 176 13.34 20.97 24.48
N ILE B 177 12.75 20.63 23.33
CA ILE B 177 12.93 21.47 22.16
C ILE B 177 11.79 22.49 21.98
N GLY B 178 10.65 22.27 22.61
CA GLY B 178 9.59 23.25 22.67
C GLY B 178 8.29 22.94 21.92
N CYS B 179 8.07 21.69 21.51
CA CYS B 179 6.89 21.35 20.73
C CYS B 179 5.66 21.09 21.59
N THR B 180 5.85 20.73 22.87
CA THR B 180 4.71 20.42 23.72
C THR B 180 3.93 21.66 24.14
N ARG B 181 4.52 22.86 23.95
CA ARG B 181 3.83 24.09 24.28
C ARG B 181 2.62 24.29 23.37
N ALA B 182 2.81 24.16 22.06
CA ALA B 182 1.70 24.27 21.11
C ALA B 182 0.86 23.00 21.09
N GLY B 183 1.47 21.85 21.32
CA GLY B 183 0.73 20.60 21.24
C GLY B 183 1.39 19.61 20.32
N VAL B 184 1.37 18.33 20.68
CA VAL B 184 2.10 17.30 19.97
C VAL B 184 1.15 16.17 19.62
N ILE B 185 1.25 15.67 18.39
CA ILE B 185 0.35 14.64 17.86
C ILE B 185 1.04 13.29 17.90
N ALA B 186 0.34 12.28 18.41
CA ALA B 186 0.87 10.92 18.45
C ALA B 186 0.77 10.29 17.07
N THR B 187 1.93 9.92 16.51
CA THR B 187 1.99 9.23 15.23
C THR B 187 2.92 8.03 15.37
N THR B 188 3.10 7.30 14.28
CA THR B 188 4.06 6.21 14.22
C THR B 188 5.15 6.54 13.21
N PHE B 189 6.25 5.81 13.29
CA PHE B 189 7.29 5.92 12.28
C PHE B 189 6.73 5.63 10.90
N LYS B 190 5.82 4.66 10.80
CA LYS B 190 5.26 4.28 9.52
C LYS B 190 4.44 5.42 8.93
N GLU B 191 3.58 6.03 9.74
CA GLU B 191 2.69 7.09 9.25
C GLU B 191 3.48 8.34 8.89
N GLU B 192 4.37 8.79 9.79
CA GLU B 192 5.19 9.95 9.49
C GLU B 192 6.00 9.76 8.21
N THR B 193 6.61 8.58 8.03
CA THR B 193 7.45 8.38 6.85
C THR B 193 6.62 8.35 5.58
N GLU B 194 5.52 7.61 5.60
CA GLU B 194 4.77 7.40 4.37
C GLU B 194 4.05 8.68 3.94
N THR B 195 3.53 9.46 4.90
CA THR B 195 2.82 10.68 4.54
C THR B 195 3.80 11.74 4.07
N ASP B 196 4.99 11.79 4.67
CA ASP B 196 6.02 12.74 4.25
C ASP B 196 6.40 12.51 2.79
N LEU B 197 6.68 11.26 2.42
CA LEU B 197 7.03 10.94 1.04
C LEU B 197 5.87 11.22 0.09
N PHE B 198 4.66 10.84 0.48
CA PHE B 198 3.52 11.06 -0.40
C PHE B 198 3.29 12.54 -0.65
N GLY B 199 3.34 13.36 0.41
CA GLY B 199 3.14 14.79 0.26
C GLY B 199 4.18 15.41 -0.67
N GLU B 200 5.45 15.15 -0.38
CA GLU B 200 6.55 15.60 -1.25
C GLU B 200 6.28 15.25 -2.70
N GLN B 201 5.92 13.99 -2.93
CA GLN B 201 5.82 13.48 -4.29
C GLN B 201 4.60 14.03 -4.99
N CYS B 202 3.44 13.96 -4.35
CA CYS B 202 2.20 14.20 -5.07
C CYS B 202 1.72 15.64 -5.00
N VAL B 203 2.14 16.42 -3.99
CA VAL B 203 1.59 17.75 -3.79
C VAL B 203 2.69 18.79 -3.72
N LEU B 204 3.53 18.71 -2.69
CA LEU B 204 4.34 19.85 -2.29
C LEU B 204 5.45 20.13 -3.30
N CYS B 205 6.07 19.08 -3.86
CA CYS B 205 7.21 19.26 -4.74
C CYS B 205 6.91 18.75 -6.15
N GLY B 206 6.67 17.45 -6.31
CA GLY B 206 6.40 16.93 -7.64
C GLY B 206 5.15 17.53 -8.25
N GLY B 207 4.03 17.45 -7.53
CA GLY B 207 2.76 17.89 -8.09
C GLY B 207 2.78 19.37 -8.48
N VAL B 208 3.22 20.22 -7.55
CA VAL B 208 3.11 21.65 -7.82
C VAL B 208 4.13 22.10 -8.89
N THR B 209 5.37 21.57 -8.89
CA THR B 209 6.33 22.00 -9.92
C THR B 209 5.85 21.63 -11.30
N GLU B 210 5.28 20.43 -11.45
CA GLU B 210 4.82 20.02 -12.77
C GLU B 210 3.48 20.66 -13.13
N LEU B 211 2.63 20.96 -12.15
CA LEU B 211 1.47 21.81 -12.42
C LEU B 211 1.91 23.17 -12.97
N ILE B 212 2.86 23.80 -12.29
CA ILE B 212 3.41 25.08 -12.72
C ILE B 212 3.95 24.96 -14.15
N LYS B 213 4.80 23.94 -14.40
CA LYS B 213 5.45 23.82 -15.69
C LYS B 213 4.44 23.51 -16.78
N ALA B 214 3.47 22.63 -16.49
CA ALA B 214 2.47 22.29 -17.49
C ALA B 214 1.64 23.52 -17.86
N GLY B 215 1.30 24.35 -16.86
CA GLY B 215 0.58 25.59 -17.16
C GLY B 215 1.40 26.53 -18.02
N PHE B 216 2.65 26.77 -17.61
CA PHE B 216 3.56 27.62 -18.40
C PHE B 216 3.72 27.09 -19.83
N ASP B 217 3.99 25.80 -19.98
CA ASP B 217 4.16 25.20 -21.31
C ASP B 217 2.90 25.39 -22.15
N THR B 218 1.73 25.19 -21.55
CA THR B 218 0.49 25.36 -22.29
C THR B 218 0.41 26.76 -22.89
N LEU B 219 0.75 27.77 -22.10
CA LEU B 219 0.68 29.15 -22.57
C LEU B 219 1.73 29.42 -23.65
N VAL B 220 2.97 28.97 -23.43
CA VAL B 220 4.04 29.24 -24.39
C VAL B 220 3.77 28.52 -25.72
N GLU B 221 3.28 27.28 -25.65
CA GLU B 221 2.99 26.55 -26.88
C GLU B 221 1.82 27.18 -27.64
N ALA B 222 0.92 27.88 -26.93
CA ALA B 222 -0.17 28.58 -27.59
C ALA B 222 0.26 29.94 -28.13
N GLY B 223 1.50 30.36 -27.92
CA GLY B 223 2.00 31.57 -28.50
C GLY B 223 2.01 32.78 -27.59
N TYR B 224 1.68 32.63 -26.31
CA TYR B 224 1.77 33.76 -25.41
C TYR B 224 3.22 34.00 -25.02
N GLN B 225 3.50 35.21 -24.55
CA GLN B 225 4.86 35.58 -24.19
C GLN B 225 5.30 34.81 -22.95
N PRO B 226 6.50 34.22 -22.97
CA PRO B 226 6.97 33.49 -21.78
C PRO B 226 7.02 34.36 -20.53
N GLU B 227 7.33 35.65 -20.65
CA GLU B 227 7.35 36.52 -19.49
C GLU B 227 5.96 36.63 -18.85
N ILE B 228 4.92 36.72 -19.68
CA ILE B 228 3.55 36.74 -19.18
C ILE B 228 3.21 35.41 -18.52
N ALA B 229 3.59 34.30 -19.16
CA ALA B 229 3.26 32.98 -18.63
C ALA B 229 3.93 32.76 -17.27
N TYR B 230 5.14 33.28 -17.10
CA TYR B 230 5.83 33.16 -15.81
C TYR B 230 5.02 33.81 -14.71
N PHE B 231 4.53 35.04 -14.93
CA PHE B 231 3.75 35.72 -13.90
C PHE B 231 2.50 34.93 -13.54
N GLU B 232 1.76 34.43 -14.54
CA GLU B 232 0.45 33.85 -14.29
C GLU B 232 0.48 32.39 -13.87
N CYS B 233 1.59 31.67 -14.06
CA CYS B 233 1.67 30.28 -13.66
C CYS B 233 2.62 30.04 -12.49
N LEU B 234 3.43 31.03 -12.12
CA LEU B 234 4.40 30.83 -11.05
C LEU B 234 4.41 31.99 -10.05
N HIS B 235 4.80 33.19 -10.49
CA HIS B 235 5.01 34.30 -9.57
C HIS B 235 3.79 34.56 -8.68
N GLU B 236 2.58 34.58 -9.28
CA GLU B 236 1.36 34.87 -8.54
C GLU B 236 0.92 33.75 -7.62
N LEU B 237 1.63 32.62 -7.61
CA LEU B 237 1.20 31.50 -6.76
C LEU B 237 1.43 31.76 -5.28
N LYS B 238 2.48 32.52 -4.93
CA LYS B 238 2.84 32.73 -3.53
C LYS B 238 1.73 33.44 -2.76
N LEU B 239 1.22 34.55 -3.32
CA LEU B 239 0.09 35.26 -2.72
C LEU B 239 -1.07 34.33 -2.42
N ILE B 240 -1.39 33.43 -3.36
CA ILE B 240 -2.50 32.51 -3.18
C ILE B 240 -2.20 31.52 -2.05
N VAL B 241 -1.02 30.90 -2.09
CA VAL B 241 -0.69 29.89 -1.10
C VAL B 241 -0.49 30.50 0.28
N ASP B 242 -0.02 31.76 0.36
CA ASP B 242 0.06 32.40 1.68
C ASP B 242 -1.31 32.47 2.34
N LEU B 243 -2.36 32.74 1.55
CA LEU B 243 -3.71 32.84 2.08
C LEU B 243 -4.24 31.48 2.53
N ILE B 244 -3.98 30.44 1.74
CA ILE B 244 -4.36 29.07 2.14
C ILE B 244 -3.66 28.70 3.43
N TYR B 245 -2.37 28.97 3.51
CA TYR B 245 -1.60 28.75 4.72
C TYR B 245 -2.26 29.44 5.93
N GLU B 246 -2.62 30.72 5.76
CA GLU B 246 -3.17 31.53 6.86
C GLU B 246 -4.55 31.07 7.29
N GLY B 247 -5.46 30.89 6.33
CA GLY B 247 -6.86 30.76 6.68
C GLY B 247 -7.58 29.69 5.88
N GLY B 248 -6.82 28.77 5.30
CA GLY B 248 -7.43 27.69 4.55
C GLY B 248 -7.81 28.10 3.15
N ILE B 249 -8.36 27.13 2.42
CA ILE B 249 -8.82 27.39 1.06
C ILE B 249 -9.89 28.48 1.08
N GLY B 250 -10.75 28.50 2.13
CA GLY B 250 -11.85 29.45 2.20
C GLY B 250 -11.39 30.89 2.28
N LEU B 251 -10.32 31.16 3.03
CA LEU B 251 -9.79 32.52 3.06
C LEU B 251 -9.27 32.93 1.69
N MET B 252 -8.60 32.01 0.99
CA MET B 252 -8.10 32.35 -0.34
C MET B 252 -9.26 32.68 -1.27
N ARG B 253 -10.28 31.81 -1.31
CA ARG B 253 -11.39 32.03 -2.24
C ARG B 253 -12.15 33.30 -1.91
N TYR B 254 -12.15 33.68 -0.64
CA TYR B 254 -12.78 34.92 -0.20
C TYR B 254 -11.98 36.14 -0.64
N SER B 255 -10.67 36.00 -0.78
CA SER B 255 -9.83 37.15 -1.05
C SER B 255 -9.58 37.40 -2.53
N VAL B 256 -9.78 36.42 -3.41
CA VAL B 256 -9.55 36.65 -4.84
C VAL B 256 -10.84 37.16 -5.46
N SER B 257 -10.80 37.54 -6.73
CA SER B 257 -11.99 38.05 -7.39
C SER B 257 -12.99 36.93 -7.58
N ASP B 258 -14.27 37.30 -7.73
CA ASP B 258 -15.30 36.29 -7.92
C ASP B 258 -15.05 35.46 -9.19
N THR B 259 -14.52 36.09 -10.24
CA THR B 259 -14.24 35.35 -11.46
C THR B 259 -13.18 34.28 -11.21
N ALA B 260 -12.17 34.60 -10.41
CA ALA B 260 -11.15 33.59 -10.09
C ALA B 260 -11.74 32.49 -9.23
N GLU B 261 -12.54 32.84 -8.23
CA GLU B 261 -13.17 31.81 -7.41
C GLU B 261 -14.06 30.92 -8.26
N TYR B 262 -14.90 31.52 -9.11
CA TYR B 262 -15.73 30.70 -9.98
C TYR B 262 -14.88 29.78 -10.86
N GLY B 263 -13.79 30.32 -11.42
CA GLY B 263 -12.88 29.49 -12.23
C GLY B 263 -12.24 28.37 -11.44
N ASP B 264 -11.78 28.67 -10.22
CA ASP B 264 -11.25 27.68 -9.28
C ASP B 264 -12.24 26.54 -9.06
N LEU B 265 -13.46 26.90 -8.67
CA LEU B 265 -14.46 25.88 -8.29
C LEU B 265 -14.85 24.98 -9.45
N THR B 266 -14.86 25.52 -10.68
CA THR B 266 -15.35 24.73 -11.80
C THR B 266 -14.24 24.07 -12.59
N VAL B 267 -13.01 24.61 -12.58
CA VAL B 267 -11.95 24.04 -13.43
C VAL B 267 -10.95 23.19 -12.64
N GLY B 268 -10.72 23.52 -11.35
CA GLY B 268 -9.85 22.73 -10.51
C GLY B 268 -10.07 21.23 -10.66
N PRO B 269 -11.30 20.76 -10.47
CA PRO B 269 -11.58 19.32 -10.61
C PRO B 269 -11.53 18.81 -12.05
N ARG B 270 -11.47 19.69 -13.05
CA ARG B 270 -11.17 19.20 -14.39
C ARG B 270 -9.69 18.90 -14.55
N ILE B 271 -8.83 19.66 -13.88
CA ILE B 271 -7.39 19.50 -14.01
C ILE B 271 -6.91 18.32 -13.15
N ILE B 272 -7.32 18.30 -11.88
CA ILE B 272 -6.96 17.23 -10.95
C ILE B 272 -8.23 16.41 -10.80
N ASN B 273 -8.34 15.35 -11.59
CA ASN B 273 -9.59 14.62 -11.78
C ASN B 273 -9.47 13.21 -11.18
N GLU B 274 -10.44 12.34 -11.51
CA GLU B 274 -10.42 11.01 -10.93
C GLU B 274 -9.23 10.19 -11.41
N ASN B 275 -8.77 10.41 -12.65
CA ASN B 275 -7.54 9.78 -13.11
C ASN B 275 -6.34 10.22 -12.28
N THR B 276 -6.26 11.51 -11.93
CA THR B 276 -5.16 11.99 -11.11
C THR B 276 -5.22 11.36 -9.74
N ARG B 277 -6.43 11.22 -9.20
CA ARG B 277 -6.59 10.67 -7.85
C ARG B 277 -6.24 9.18 -7.84
N ALA B 278 -6.57 8.47 -8.92
CA ALA B 278 -6.15 7.08 -9.04
C ALA B 278 -4.62 6.98 -9.09
N GLU B 279 -3.95 7.92 -9.78
CA GLU B 279 -2.49 7.87 -9.83
C GLU B 279 -1.88 8.20 -8.47
N MET B 280 -2.47 9.12 -7.71
CA MET B 280 -1.95 9.35 -6.37
C MET B 280 -2.06 8.11 -5.50
N LYS B 281 -3.12 7.32 -5.69
CA LYS B 281 -3.25 6.08 -4.95
C LYS B 281 -2.14 5.10 -5.31
N LYS B 282 -1.84 4.98 -6.61
CA LYS B 282 -0.74 4.13 -7.04
C LYS B 282 0.57 4.59 -6.46
N VAL B 283 0.77 5.92 -6.40
CA VAL B 283 2.04 6.45 -5.91
C VAL B 283 2.18 6.11 -4.43
N LEU B 284 1.07 6.26 -3.69
CA LEU B 284 1.01 5.88 -2.29
C LEU B 284 1.32 4.40 -2.10
N ALA B 285 0.76 3.54 -2.97
CA ALA B 285 0.99 2.10 -2.83
C ALA B 285 2.46 1.76 -3.01
N ALA B 286 3.18 2.50 -3.88
CA ALA B 286 4.62 2.24 -4.05
C ALA B 286 5.40 2.68 -2.80
N ILE B 287 4.87 3.64 -2.06
CA ILE B 287 5.48 4.05 -0.80
C ILE B 287 5.20 3.02 0.29
N GLN B 288 3.96 2.52 0.33
CA GLN B 288 3.57 1.56 1.38
C GLN B 288 4.21 0.19 1.18
N ASP B 289 4.48 -0.21 -0.06
CA ASP B 289 4.98 -1.56 -0.30
C ASP B 289 6.50 -1.63 -0.44
N GLY B 290 7.20 -0.54 -0.16
CA GLY B 290 8.64 -0.54 -0.13
C GLY B 290 9.34 -0.37 -1.48
N THR B 291 8.61 -0.36 -2.60
CA THR B 291 9.28 -0.32 -3.90
C THR B 291 9.85 1.06 -4.21
N PHE B 292 9.21 2.15 -3.78
CA PHE B 292 9.86 3.46 -3.91
C PHE B 292 11.15 3.50 -3.10
N ALA B 293 11.09 3.06 -1.84
CA ALA B 293 12.30 3.05 -1.03
C ALA B 293 13.40 2.23 -1.72
N ARG B 294 13.04 1.06 -2.25
CA ARG B 294 14.02 0.26 -2.99
C ARG B 294 14.62 1.06 -4.15
N GLU B 295 13.77 1.71 -4.94
CA GLU B 295 14.21 2.44 -6.12
C GLU B 295 15.18 3.56 -5.75
N LEU B 296 14.80 4.39 -4.77
CA LEU B 296 15.69 5.41 -4.24
C LEU B 296 17.02 4.82 -3.79
N LEU B 297 16.97 3.74 -3.01
CA LEU B 297 18.19 3.17 -2.48
C LEU B 297 19.09 2.65 -3.59
N LEU B 298 18.49 2.00 -4.60
CA LEU B 298 19.27 1.49 -5.74
C LEU B 298 19.85 2.64 -6.55
N GLU B 299 19.09 3.73 -6.70
CA GLU B 299 19.54 4.91 -7.42
C GLU B 299 20.79 5.49 -6.79
N PHE B 300 20.81 5.59 -5.46
CA PHE B 300 21.99 6.07 -4.76
C PHE B 300 23.17 5.13 -4.93
N GLN B 301 22.93 3.83 -5.08
CA GLN B 301 24.05 2.91 -5.15
C GLN B 301 24.77 2.92 -6.50
N VAL B 302 24.19 3.50 -7.55
CA VAL B 302 24.87 3.45 -8.84
C VAL B 302 25.23 4.87 -9.27
N GLY B 303 25.39 5.77 -8.29
CA GLY B 303 25.87 7.10 -8.59
C GLY B 303 24.82 8.05 -9.11
N ARG B 304 23.55 7.79 -8.87
CA ARG B 304 22.48 8.75 -9.08
C ARG B 304 22.30 9.20 -10.55
N PRO B 305 22.32 8.28 -11.52
CA PRO B 305 22.23 8.73 -12.91
C PRO B 305 20.86 9.31 -13.28
N VAL B 306 19.77 8.78 -12.72
CA VAL B 306 18.46 9.29 -13.04
C VAL B 306 18.24 10.63 -12.37
N PHE B 307 18.65 10.72 -11.12
CA PHE B 307 18.56 11.96 -10.37
C PHE B 307 19.34 13.07 -11.06
N SER B 308 20.56 12.78 -11.52
CA SER B 308 21.33 13.82 -12.22
C SER B 308 20.69 14.21 -13.56
N ALA B 309 20.22 13.21 -14.32
CA ALA B 309 19.68 13.48 -15.65
C ALA B 309 18.40 14.29 -15.57
N LEU B 310 17.47 13.89 -14.69
CA LEU B 310 16.22 14.64 -14.56
C LEU B 310 16.45 16.02 -13.95
N ARG B 311 17.41 16.12 -13.02
CA ARG B 311 17.74 17.42 -12.43
C ARG B 311 18.23 18.38 -13.51
N ARG B 312 19.16 17.92 -14.36
CA ARG B 312 19.71 18.77 -15.40
C ARG B 312 18.64 19.16 -16.41
N LYS B 313 17.77 18.20 -16.76
CA LYS B 313 16.68 18.49 -17.66
C LYS B 313 15.80 19.62 -17.11
N GLY B 314 15.54 19.61 -15.80
CA GLY B 314 14.78 20.69 -15.20
C GLY B 314 15.50 22.03 -15.25
N GLN B 315 16.83 22.03 -15.07
CA GLN B 315 17.57 23.28 -15.05
C GLN B 315 17.57 23.94 -16.43
N GLU B 316 17.44 23.15 -17.48
CA GLU B 316 17.39 23.66 -18.83
C GLU B 316 16.01 24.18 -19.25
N HIS B 317 15.02 24.09 -18.38
CA HIS B 317 13.66 24.49 -18.77
C HIS B 317 13.57 25.99 -18.96
N LEU B 318 12.77 26.40 -19.95
CA LEU B 318 12.61 27.82 -20.24
C LEU B 318 12.10 28.62 -19.03
N ILE B 319 11.24 28.02 -18.19
CA ILE B 319 10.70 28.77 -17.06
C ILE B 319 11.80 29.19 -16.09
N GLU B 320 12.87 28.40 -15.99
CA GLU B 320 14.00 28.80 -15.16
C GLU B 320 14.79 29.93 -15.82
N LYS B 321 14.93 29.89 -17.14
CA LYS B 321 15.62 30.98 -17.84
C LYS B 321 14.83 32.29 -17.73
N VAL B 322 13.55 32.27 -18.11
CA VAL B 322 12.78 33.51 -18.06
C VAL B 322 12.62 33.97 -16.61
N GLY B 323 12.49 33.03 -15.68
CA GLY B 323 12.37 33.38 -14.28
C GLY B 323 13.55 34.18 -13.75
N LYS B 324 14.78 33.79 -14.11
CA LYS B 324 15.94 34.53 -13.61
C LYS B 324 15.91 35.96 -14.13
N GLU B 325 15.53 36.16 -15.39
CA GLU B 325 15.48 37.49 -15.97
C GLU B 325 14.47 38.37 -15.25
N LEU B 326 13.28 37.83 -14.99
CA LEU B 326 12.22 38.62 -14.38
C LEU B 326 12.44 38.85 -12.89
N ARG B 327 13.00 37.87 -12.20
CA ARG B 327 13.26 38.03 -10.78
C ARG B 327 14.31 39.11 -10.51
N ALA B 328 15.26 39.29 -11.44
CA ALA B 328 16.21 40.39 -11.32
C ALA B 328 15.47 41.71 -11.11
N MET B 329 14.38 41.91 -11.86
CA MET B 329 13.65 43.17 -11.85
C MET B 329 12.96 43.43 -10.53
N MET B 330 12.96 42.44 -9.63
CA MET B 330 12.30 42.52 -8.33
C MET B 330 13.31 42.11 -7.26
N PRO B 331 14.35 42.92 -7.04
CA PRO B 331 15.35 42.57 -6.00
C PRO B 331 14.75 42.38 -4.62
N TRP B 332 13.54 42.92 -4.38
CA TRP B 332 12.87 42.85 -3.09
C TRP B 332 12.30 41.47 -2.77
N LEU B 333 12.46 40.47 -3.63
CA LEU B 333 12.06 39.11 -3.27
C LEU B 333 13.09 38.55 -2.27
N ALA C 2 10.64 -39.27 -19.43
CA ALA C 2 11.50 -39.15 -18.24
C ALA C 2 12.62 -40.18 -18.24
N ARG C 3 13.86 -39.71 -18.15
CA ARG C 3 15.03 -40.54 -17.85
C ARG C 3 15.07 -40.83 -16.35
N MET C 4 14.89 -42.09 -15.96
CA MET C 4 14.95 -42.50 -14.57
C MET C 4 16.22 -43.28 -14.26
N TYR C 5 16.67 -43.17 -13.00
CA TYR C 5 17.82 -43.91 -12.50
C TYR C 5 17.45 -44.55 -11.16
N TYR C 6 17.75 -45.84 -11.02
CA TYR C 6 17.48 -46.62 -9.82
C TYR C 6 18.81 -47.16 -9.28
N ASP C 7 18.74 -47.92 -8.19
CA ASP C 7 19.97 -48.44 -7.57
C ASP C 7 20.84 -49.18 -8.58
N ALA C 8 20.22 -49.93 -9.50
CA ALA C 8 20.98 -50.67 -10.50
C ALA C 8 21.88 -49.77 -11.33
N ASP C 9 21.57 -48.49 -11.42
CA ASP C 9 22.32 -47.56 -12.25
C ASP C 9 23.37 -46.76 -11.48
N ALA C 10 23.49 -46.97 -10.17
CA ALA C 10 24.41 -46.21 -9.33
C ALA C 10 25.41 -47.14 -8.65
N ASN C 11 26.65 -46.68 -8.54
CA ASN C 11 27.76 -47.47 -8.00
C ASN C 11 28.36 -46.71 -6.82
N LEU C 12 27.99 -47.12 -5.61
CA LEU C 12 28.42 -46.39 -4.41
C LEU C 12 29.91 -46.57 -4.15
N ASP C 13 30.54 -47.55 -4.77
CA ASP C 13 31.98 -47.77 -4.59
C ASP C 13 32.83 -46.71 -5.27
N LEU C 14 32.27 -45.97 -6.24
CA LEU C 14 33.04 -44.89 -6.84
C LEU C 14 33.34 -43.77 -5.86
N LEU C 15 32.74 -43.81 -4.67
CA LEU C 15 33.04 -42.87 -3.60
C LEU C 15 34.01 -43.44 -2.57
N LYS C 16 34.45 -44.69 -2.76
CA LYS C 16 35.49 -45.27 -1.91
C LYS C 16 36.73 -44.40 -1.95
N GLY C 17 37.22 -44.01 -0.78
CA GLY C 17 38.43 -43.21 -0.69
C GLY C 17 38.18 -41.71 -0.72
N LYS C 18 36.97 -41.26 -1.01
CA LYS C 18 36.66 -39.84 -1.05
C LYS C 18 35.96 -39.42 0.25
N THR C 19 36.28 -38.22 0.71
CA THR C 19 35.59 -37.62 1.85
C THR C 19 34.53 -36.66 1.34
N ILE C 20 33.36 -36.71 1.95
CA ILE C 20 32.22 -35.89 1.56
C ILE C 20 32.00 -34.85 2.65
N ALA C 21 32.05 -33.58 2.28
CA ALA C 21 31.71 -32.49 3.19
C ALA C 21 30.29 -32.04 2.90
N VAL C 22 29.42 -32.15 3.89
CA VAL C 22 28.07 -31.60 3.82
C VAL C 22 28.11 -30.26 4.53
N ILE C 23 27.94 -29.17 3.80
CA ILE C 23 27.98 -27.84 4.39
C ILE C 23 26.59 -27.47 4.86
N GLY C 24 26.43 -27.30 6.16
CA GLY C 24 25.12 -27.05 6.75
C GLY C 24 24.48 -28.33 7.24
N TYR C 25 23.61 -28.17 8.25
CA TYR C 25 23.01 -29.35 8.89
C TYR C 25 21.52 -29.15 9.20
N GLY C 26 20.85 -28.26 8.47
CA GLY C 26 19.43 -28.04 8.69
C GLY C 26 18.54 -29.10 8.11
N SER C 27 17.51 -28.69 7.37
CA SER C 27 16.50 -29.62 6.87
C SER C 27 17.14 -30.69 5.99
N GLN C 28 17.78 -30.28 4.89
CA GLN C 28 18.41 -31.27 4.02
C GLN C 28 19.78 -31.72 4.55
N GLY C 29 20.50 -30.83 5.22
CA GLY C 29 21.81 -31.15 5.75
C GLY C 29 21.78 -32.32 6.71
N HIS C 30 20.97 -32.22 7.77
CA HIS C 30 20.91 -33.30 8.76
C HIS C 30 20.50 -34.62 8.11
N ALA C 31 19.62 -34.57 7.11
CA ALA C 31 19.12 -35.81 6.53
C ALA C 31 20.14 -36.43 5.58
N GLN C 32 20.70 -35.62 4.68
CA GLN C 32 21.62 -36.15 3.67
C GLN C 32 22.91 -36.64 4.32
N ALA C 33 23.43 -35.92 5.31
CA ALA C 33 24.68 -36.33 5.94
C ALA C 33 24.52 -37.67 6.64
N GLN C 34 23.41 -37.85 7.37
CA GLN C 34 23.19 -39.12 8.07
C GLN C 34 22.98 -40.27 7.09
N ASN C 35 22.24 -40.04 6.00
CA ASN C 35 22.05 -41.09 5.02
C ASN C 35 23.38 -41.55 4.41
N LEU C 36 24.24 -40.58 4.07
CA LEU C 36 25.56 -40.91 3.52
C LEU C 36 26.39 -41.70 4.51
N HIS C 37 26.44 -41.24 5.77
CA HIS C 37 27.15 -41.95 6.82
C HIS C 37 26.67 -43.40 6.93
N ASP C 38 25.36 -43.58 7.15
CA ASP C 38 24.79 -44.92 7.23
C ASP C 38 25.02 -45.72 5.95
N SER C 39 25.17 -45.06 4.81
CA SER C 39 25.48 -45.77 3.58
C SER C 39 26.93 -46.20 3.50
N GLY C 40 27.73 -45.93 4.53
CA GLY C 40 29.11 -46.37 4.57
C GLY C 40 30.11 -45.46 3.90
N LEU C 41 29.88 -44.15 3.92
CA LEU C 41 30.75 -43.20 3.25
C LEU C 41 31.41 -42.27 4.27
N GLU C 42 32.55 -41.70 3.88
CA GLU C 42 33.29 -40.78 4.74
C GLU C 42 32.63 -39.42 4.70
N VAL C 43 32.10 -38.97 5.84
CA VAL C 43 31.30 -37.75 5.89
C VAL C 43 31.87 -36.81 6.95
N VAL C 44 31.97 -35.53 6.60
CA VAL C 44 32.20 -34.46 7.56
C VAL C 44 31.15 -33.39 7.32
N VAL C 45 30.75 -32.70 8.40
CA VAL C 45 29.74 -31.67 8.31
C VAL C 45 30.42 -30.32 8.53
N GLY C 46 30.32 -29.46 7.52
CA GLY C 46 30.85 -28.11 7.59
C GLY C 46 29.88 -27.17 8.25
N LEU C 47 30.27 -26.63 9.39
CA LEU C 47 29.45 -25.72 10.17
C LEU C 47 30.31 -24.55 10.63
N ARG C 48 29.64 -23.47 11.01
CA ARG C 48 30.32 -22.34 11.60
C ARG C 48 30.94 -22.74 12.94
N LYS C 49 32.08 -22.13 13.24
CA LYS C 49 32.70 -22.34 14.54
C LYS C 49 31.74 -21.88 15.64
N PRO C 50 31.49 -22.70 16.67
CA PRO C 50 30.53 -22.32 17.71
C PRO C 50 30.81 -20.96 18.34
N GLU C 51 29.95 -19.99 18.05
CA GLU C 51 30.10 -18.62 18.55
C GLU C 51 28.93 -18.14 19.40
N ASP C 52 27.77 -18.81 19.34
CA ASP C 52 26.61 -18.43 20.13
C ASP C 52 25.81 -19.70 20.44
N ASP C 53 24.54 -19.52 20.80
CA ASP C 53 23.73 -20.66 21.27
C ASP C 53 23.39 -21.60 20.12
N PHE C 54 22.89 -21.04 19.00
CA PHE C 54 22.44 -21.87 17.89
C PHE C 54 23.59 -22.68 17.29
N THR C 55 24.77 -22.07 17.18
CA THR C 55 25.91 -22.75 16.59
C THR C 55 26.41 -23.89 17.48
N THR C 56 26.58 -23.62 18.78
CA THR C 56 26.95 -24.69 19.71
C THR C 56 25.89 -25.79 19.70
N ALA C 57 24.61 -25.38 19.75
CA ALA C 57 23.51 -26.34 19.74
C ALA C 57 23.63 -27.27 18.53
N GLU C 58 23.80 -26.70 17.34
CA GLU C 58 23.90 -27.51 16.13
C GLU C 58 25.16 -28.36 16.12
N TRP C 59 26.28 -27.83 16.63
CA TRP C 59 27.51 -28.59 16.67
C TRP C 59 27.37 -29.83 17.53
N ASN C 60 26.88 -29.67 18.76
CA ASN C 60 26.66 -30.82 19.63
C ASN C 60 25.66 -31.79 18.98
N GLN C 61 24.71 -31.27 18.21
CA GLN C 61 23.77 -32.14 17.51
C GLN C 61 24.49 -33.05 16.53
N VAL C 62 25.46 -32.50 15.79
CA VAL C 62 26.20 -33.33 14.83
C VAL C 62 27.01 -34.39 15.57
N VAL C 63 27.64 -34.01 16.68
CA VAL C 63 28.36 -34.99 17.50
C VAL C 63 27.39 -36.04 18.04
N ALA C 64 26.22 -35.59 18.53
CA ALA C 64 25.24 -36.51 19.09
C ALA C 64 24.80 -37.56 18.07
N ASP C 65 24.63 -37.16 16.81
CA ASP C 65 24.26 -38.11 15.76
C ASP C 65 25.39 -39.03 15.34
N GLY C 66 26.57 -38.90 15.95
CA GLY C 66 27.70 -39.74 15.60
C GLY C 66 28.46 -39.29 14.37
N LEU C 67 28.44 -38.00 14.04
CA LEU C 67 29.07 -37.47 12.85
C LEU C 67 30.13 -36.46 13.27
N THR C 68 31.11 -36.24 12.38
CA THR C 68 32.21 -35.36 12.73
C THR C 68 31.97 -33.97 12.18
N PRO C 69 31.90 -32.94 13.03
CA PRO C 69 31.77 -31.57 12.55
C PRO C 69 33.12 -30.90 12.39
N LEU C 70 33.17 -29.96 11.46
CA LEU C 70 34.36 -29.20 11.15
C LEU C 70 33.96 -27.78 10.76
N PRO C 71 34.79 -26.78 11.06
CA PRO C 71 34.57 -25.47 10.44
C PRO C 71 34.62 -25.58 8.93
N VAL C 72 33.86 -24.71 8.25
CA VAL C 72 33.53 -24.94 6.84
C VAL C 72 34.79 -25.06 5.99
N ASP C 73 35.75 -24.14 6.18
CA ASP C 73 36.97 -24.19 5.39
C ASP C 73 37.72 -25.50 5.62
N GLU C 74 37.74 -25.99 6.86
CA GLU C 74 38.38 -27.27 7.15
C GLU C 74 37.64 -28.42 6.46
N ALA C 75 36.31 -28.38 6.47
CA ALA C 75 35.54 -29.40 5.77
C ALA C 75 35.87 -29.41 4.27
N ALA C 76 35.98 -28.22 3.67
CA ALA C 76 36.34 -28.12 2.26
C ALA C 76 37.72 -28.69 1.99
N ARG C 77 38.70 -28.35 2.85
CA ARG C 77 40.04 -28.90 2.69
C ARG C 77 40.09 -30.41 2.90
N ALA C 78 39.13 -30.98 3.61
CA ALA C 78 39.13 -32.43 3.81
C ALA C 78 38.47 -33.19 2.67
N ALA C 79 37.48 -32.59 2.00
CA ALA C 79 36.58 -33.32 1.11
C ALA C 79 36.91 -33.12 -0.37
N GLN C 80 36.68 -34.19 -1.14
CA GLN C 80 36.69 -34.12 -2.60
C GLN C 80 35.29 -33.93 -3.19
N ILE C 81 34.24 -34.21 -2.42
CA ILE C 81 32.85 -33.93 -2.77
C ILE C 81 32.31 -32.98 -1.72
N ILE C 82 31.75 -31.84 -2.16
CA ILE C 82 31.32 -30.77 -1.27
C ILE C 82 29.89 -30.39 -1.63
N GLN C 83 28.93 -30.80 -0.80
CA GLN C 83 27.51 -30.54 -0.99
C GLN C 83 27.13 -29.31 -0.18
N ILE C 84 26.69 -28.27 -0.88
CA ILE C 84 26.33 -27.00 -0.25
C ILE C 84 24.86 -27.05 0.13
N LEU C 85 24.57 -27.13 1.44
CA LEU C 85 23.20 -27.13 1.94
C LEU C 85 23.00 -26.05 3.00
N VAL C 86 23.56 -24.87 2.79
CA VAL C 86 23.22 -23.71 3.60
C VAL C 86 22.09 -22.97 2.86
N PRO C 87 21.41 -21.99 3.46
CA PRO C 87 20.29 -21.35 2.76
C PRO C 87 20.75 -20.67 1.49
N ASP C 88 19.87 -20.69 0.49
CA ASP C 88 20.26 -20.26 -0.86
C ASP C 88 20.76 -18.82 -0.86
N ASP C 89 20.18 -17.96 -0.02
CA ASP C 89 20.62 -16.57 -0.02
C ASP C 89 21.92 -16.38 0.75
N ILE C 90 22.44 -17.43 1.36
CA ILE C 90 23.72 -17.41 2.07
C ILE C 90 24.83 -18.11 1.27
N GLN C 91 24.50 -18.93 0.27
CA GLN C 91 25.48 -19.83 -0.34
C GLN C 91 26.62 -19.07 -1.03
N ALA C 92 26.33 -17.94 -1.69
CA ALA C 92 27.36 -17.26 -2.47
C ALA C 92 28.47 -16.70 -1.59
N LYS C 93 28.11 -16.11 -0.44
CA LYS C 93 29.13 -15.62 0.48
C LYS C 93 29.93 -16.76 1.10
N VAL C 94 29.25 -17.83 1.54
CA VAL C 94 29.94 -18.97 2.13
C VAL C 94 30.86 -19.63 1.11
N TYR C 95 30.41 -19.73 -0.14
CA TYR C 95 31.23 -20.32 -1.19
C TYR C 95 32.48 -19.49 -1.43
N ARG C 96 32.32 -18.17 -1.50
CA ARG C 96 33.43 -17.28 -1.77
C ARG C 96 34.45 -17.30 -0.64
N GLU C 97 33.98 -17.28 0.61
CA GLU C 97 34.89 -17.16 1.75
C GLU C 97 35.44 -18.48 2.24
N LYS C 98 34.67 -19.56 2.17
CA LYS C 98 35.05 -20.78 2.87
C LYS C 98 35.23 -22.00 1.98
N ILE C 99 34.91 -21.91 0.69
CA ILE C 99 34.94 -23.11 -0.15
C ILE C 99 35.84 -22.89 -1.37
N GLU C 100 35.57 -21.82 -2.11
CA GLU C 100 36.26 -21.56 -3.37
C GLU C 100 37.79 -21.62 -3.26
N PRO C 101 38.44 -21.06 -2.23
CA PRO C 101 39.91 -21.15 -2.16
C PRO C 101 40.45 -22.56 -2.05
N TYR C 102 39.64 -23.52 -1.60
CA TYR C 102 40.14 -24.85 -1.28
C TYR C 102 39.75 -25.90 -2.32
N LEU C 103 39.24 -25.47 -3.47
CA LEU C 103 38.85 -26.39 -4.52
C LEU C 103 40.07 -26.87 -5.30
N ASN C 104 40.06 -28.14 -5.66
CA ASN C 104 41.09 -28.76 -6.46
C ASN C 104 40.46 -29.38 -7.70
N GLU C 105 41.28 -29.54 -8.74
CA GLU C 105 40.80 -30.23 -9.93
C GLU C 105 40.29 -31.62 -9.62
N GLY C 106 39.17 -31.96 -10.25
CA GLY C 106 38.48 -33.20 -9.99
C GLY C 106 37.65 -33.21 -8.73
N ASP C 107 37.59 -32.10 -8.01
CA ASP C 107 36.59 -32.00 -6.96
C ASP C 107 35.19 -31.99 -7.59
N ALA C 108 34.20 -32.39 -6.80
CA ALA C 108 32.80 -32.28 -7.19
C ALA C 108 32.08 -31.35 -6.22
N LEU C 109 31.36 -30.38 -6.77
CA LEU C 109 30.57 -29.43 -6.00
C LEU C 109 29.09 -29.74 -6.23
N GLY C 110 28.37 -30.00 -5.14
CA GLY C 110 27.01 -30.49 -5.21
C GLY C 110 26.02 -29.49 -4.65
N PHE C 111 24.80 -29.55 -5.15
CA PHE C 111 23.68 -28.74 -4.67
C PHE C 111 22.45 -29.62 -4.60
N SER C 112 21.42 -29.11 -3.93
CA SER C 112 20.09 -29.69 -4.01
C SER C 112 19.05 -28.68 -4.51
N HIS C 113 19.48 -27.49 -4.91
CA HIS C 113 18.66 -26.50 -5.60
C HIS C 113 19.57 -25.68 -6.49
N GLY C 114 19.09 -25.29 -7.67
CA GLY C 114 19.99 -24.80 -8.69
C GLY C 114 20.13 -23.30 -8.83
N PHE C 115 19.42 -22.52 -8.01
CA PHE C 115 19.36 -21.06 -8.20
C PHE C 115 20.75 -20.45 -8.38
N ASN C 116 21.68 -20.74 -7.46
CA ASN C 116 22.93 -19.97 -7.44
C ASN C 116 23.83 -20.30 -8.62
N ILE C 117 23.84 -21.56 -9.07
CA ILE C 117 24.57 -21.92 -10.28
C ILE C 117 23.87 -21.35 -11.51
N HIS C 118 22.54 -21.47 -11.55
CA HIS C 118 21.82 -21.19 -12.80
C HIS C 118 21.78 -19.69 -13.09
N PHE C 119 21.67 -18.84 -12.07
CA PHE C 119 21.66 -17.40 -12.26
C PHE C 119 23.01 -16.74 -11.99
N GLY C 120 24.10 -17.52 -12.03
CA GLY C 120 25.46 -16.97 -12.04
C GLY C 120 25.97 -16.37 -10.74
N GLN C 121 25.38 -16.74 -9.60
CA GLN C 121 25.82 -16.20 -8.32
C GLN C 121 26.98 -16.98 -7.73
N ILE C 122 27.11 -18.25 -8.07
CA ILE C 122 28.30 -19.05 -7.85
C ILE C 122 28.79 -19.52 -9.21
N VAL C 123 30.07 -19.27 -9.50
CA VAL C 123 30.67 -19.66 -10.78
C VAL C 123 31.91 -20.51 -10.48
N PRO C 124 31.77 -21.82 -10.41
CA PRO C 124 32.88 -22.68 -10.02
C PRO C 124 33.94 -22.71 -11.10
N PRO C 125 35.16 -23.12 -10.76
CA PRO C 125 36.20 -23.21 -11.78
C PRO C 125 35.89 -24.32 -12.77
N PRO C 126 36.30 -24.17 -14.03
CA PRO C 126 36.06 -25.23 -15.02
C PRO C 126 36.63 -26.58 -14.67
N SER C 127 37.60 -26.63 -13.76
CA SER C 127 38.26 -27.87 -13.34
C SER C 127 37.43 -28.70 -12.35
N VAL C 128 36.23 -28.28 -12.01
CA VAL C 128 35.47 -28.90 -10.92
C VAL C 128 34.14 -29.41 -11.46
N ASP C 129 33.81 -30.66 -11.15
CA ASP C 129 32.49 -31.19 -11.47
C ASP C 129 31.43 -30.43 -10.67
N VAL C 130 30.29 -30.15 -11.30
CA VAL C 130 29.16 -29.50 -10.63
C VAL C 130 27.91 -30.35 -10.90
N PHE C 131 27.29 -30.82 -9.83
CA PHE C 131 26.11 -31.65 -9.93
C PHE C 131 25.05 -31.18 -8.95
N MET C 132 23.83 -31.70 -9.14
CA MET C 132 22.71 -31.45 -8.24
C MET C 132 21.95 -32.76 -8.06
N VAL C 133 21.65 -33.08 -6.80
CA VAL C 133 20.68 -34.09 -6.44
C VAL C 133 19.65 -33.39 -5.57
N ALA C 134 18.42 -33.26 -6.09
CA ALA C 134 17.37 -32.50 -5.41
C ALA C 134 16.27 -33.44 -4.94
N PRO C 135 16.25 -33.81 -3.67
CA PRO C 135 15.17 -34.67 -3.18
C PRO C 135 13.83 -33.95 -3.27
N LYS C 136 12.79 -34.73 -3.63
CA LYS C 136 11.42 -34.25 -3.74
C LYS C 136 10.64 -34.36 -2.45
N SER C 137 11.29 -34.40 -1.30
CA SER C 137 10.61 -34.39 -0.01
C SER C 137 11.46 -33.61 0.98
N PRO C 138 10.85 -33.08 2.04
CA PRO C 138 11.64 -32.36 3.05
C PRO C 138 12.58 -33.30 3.80
N GLY C 139 13.44 -32.74 4.66
CA GLY C 139 14.53 -33.51 5.22
C GLY C 139 14.08 -34.74 5.98
N HIS C 140 13.01 -34.61 6.78
CA HIS C 140 12.62 -35.74 7.65
C HIS C 140 12.11 -36.95 6.86
N LEU C 141 11.45 -36.74 5.73
CA LEU C 141 11.19 -37.90 4.85
C LEU C 141 12.45 -38.44 4.18
N VAL C 142 13.36 -37.56 3.76
CA VAL C 142 14.59 -38.06 3.19
C VAL C 142 15.26 -39.00 4.18
N ARG C 143 15.24 -38.62 5.46
CA ARG C 143 15.85 -39.44 6.51
C ARG C 143 14.97 -40.64 6.87
N ARG C 144 13.70 -40.41 7.19
CA ARG C 144 12.82 -41.48 7.65
C ARG C 144 12.71 -42.58 6.62
N MET C 145 12.42 -42.20 5.37
CA MET C 145 12.23 -43.21 4.34
C MET C 145 13.50 -44.00 4.09
N TYR C 146 14.65 -43.34 4.09
CA TYR C 146 15.93 -44.06 3.98
C TYR C 146 16.06 -45.08 5.11
N ARG C 147 15.70 -44.69 6.34
CA ARG C 147 15.79 -45.61 7.47
C ARG C 147 14.86 -46.80 7.29
N GLN C 148 13.78 -46.64 6.53
CA GLN C 148 12.79 -47.69 6.32
C GLN C 148 13.02 -48.48 5.04
N GLY C 149 14.17 -48.32 4.38
CA GLY C 149 14.50 -49.12 3.21
C GLY C 149 13.92 -48.63 1.91
N VAL C 150 12.89 -47.78 1.93
CA VAL C 150 12.39 -47.17 0.70
C VAL C 150 13.12 -45.84 0.57
N GLY C 151 12.93 -45.13 -0.55
CA GLY C 151 13.58 -43.84 -0.73
C GLY C 151 12.56 -42.78 -1.12
N VAL C 152 13.04 -41.54 -1.17
CA VAL C 152 12.21 -40.46 -1.73
C VAL C 152 12.69 -40.19 -3.15
N PRO C 153 11.79 -39.87 -4.07
CA PRO C 153 12.24 -39.48 -5.42
C PRO C 153 13.09 -38.22 -5.36
N GLY C 154 13.96 -38.08 -6.37
CA GLY C 154 14.79 -36.91 -6.47
C GLY C 154 15.03 -36.59 -7.93
N LEU C 155 15.62 -35.43 -8.15
CA LEU C 155 16.06 -34.99 -9.47
C LEU C 155 17.57 -34.99 -9.50
N ILE C 156 18.13 -35.25 -10.66
CA ILE C 156 19.58 -35.16 -10.84
C ILE C 156 19.88 -34.30 -12.06
N ALA C 157 20.90 -33.45 -11.91
CA ALA C 157 21.39 -32.64 -13.01
C ALA C 157 22.90 -32.56 -12.87
N VAL C 158 23.58 -32.33 -13.98
CA VAL C 158 25.00 -32.05 -13.95
C VAL C 158 25.21 -30.78 -14.74
N HIS C 159 25.86 -29.80 -14.13
CA HIS C 159 26.08 -28.52 -14.78
C HIS C 159 27.42 -28.45 -15.48
N ASN C 160 28.45 -29.08 -14.90
CA ASN C 160 29.76 -29.13 -15.52
C ASN C 160 30.31 -30.54 -15.36
N ASP C 161 30.85 -31.09 -16.44
CA ASP C 161 31.47 -32.41 -16.44
C ASP C 161 32.93 -32.21 -16.83
N HIS C 162 33.79 -32.01 -15.84
CA HIS C 162 35.22 -31.92 -16.11
C HIS C 162 35.87 -33.29 -16.11
N THR C 163 35.63 -34.07 -15.05
CA THR C 163 36.28 -35.37 -14.94
C THR C 163 35.72 -36.39 -15.94
N GLY C 164 34.59 -36.08 -16.60
CA GLY C 164 33.86 -37.11 -17.28
C GLY C 164 33.14 -38.08 -16.36
N LYS C 165 33.31 -37.94 -15.05
CA LYS C 165 32.62 -38.76 -14.06
C LYS C 165 31.45 -38.05 -13.38
N ALA C 166 31.06 -36.86 -13.87
CA ALA C 166 30.13 -36.03 -13.11
C ALA C 166 28.81 -36.75 -12.87
N LEU C 167 28.25 -37.36 -13.91
CA LEU C 167 26.96 -38.05 -13.77
C LEU C 167 27.06 -39.21 -12.78
N GLU C 168 28.08 -40.07 -12.94
CA GLU C 168 28.23 -41.23 -12.07
C GLU C 168 28.44 -40.80 -10.62
N THR C 169 29.17 -39.71 -10.43
CA THR C 169 29.38 -39.17 -9.09
C THR C 169 28.07 -38.69 -8.49
N GLY C 170 27.30 -37.89 -9.24
CA GLY C 170 26.00 -37.48 -8.78
C GLY C 170 25.09 -38.65 -8.44
N LEU C 171 25.06 -39.66 -9.31
CA LEU C 171 24.20 -40.82 -9.06
C LEU C 171 24.65 -41.56 -7.80
N ALA C 172 25.96 -41.72 -7.62
CA ALA C 172 26.48 -42.31 -6.39
C ALA C 172 26.00 -41.53 -5.18
N TYR C 173 26.06 -40.19 -5.25
CA TYR C 173 25.55 -39.37 -4.15
C TYR C 173 24.06 -39.61 -3.95
N ALA C 174 23.30 -39.61 -5.06
CA ALA C 174 21.87 -39.87 -4.98
C ALA C 174 21.59 -41.22 -4.32
N LYS C 175 22.40 -42.23 -4.61
CA LYS C 175 22.24 -43.55 -3.98
C LYS C 175 22.56 -43.49 -2.49
N GLY C 176 23.61 -42.76 -2.11
CA GLY C 176 23.98 -42.68 -0.71
C GLY C 176 22.92 -42.05 0.18
N ILE C 177 22.14 -41.10 -0.36
CA ILE C 177 21.05 -40.53 0.44
C ILE C 177 19.72 -41.24 0.23
N GLY C 178 19.66 -42.21 -0.68
CA GLY C 178 18.50 -43.07 -0.84
C GLY C 178 17.57 -42.76 -1.98
N CYS C 179 17.87 -41.74 -2.79
CA CYS C 179 16.90 -41.31 -3.80
C CYS C 179 16.81 -42.25 -5.00
N THR C 180 17.87 -43.02 -5.29
CA THR C 180 17.80 -43.98 -6.37
C THR C 180 16.96 -45.20 -6.02
N ARG C 181 16.79 -45.49 -4.73
CA ARG C 181 15.93 -46.61 -4.33
C ARG C 181 14.51 -46.41 -4.84
N ALA C 182 13.98 -45.20 -4.66
CA ALA C 182 12.67 -44.87 -5.24
C ALA C 182 12.78 -44.48 -6.71
N GLY C 183 13.82 -43.75 -7.08
CA GLY C 183 13.98 -43.35 -8.46
C GLY C 183 14.36 -41.89 -8.59
N VAL C 184 15.26 -41.60 -9.52
CA VAL C 184 15.79 -40.26 -9.70
C VAL C 184 15.55 -39.85 -11.15
N ILE C 185 15.03 -38.64 -11.33
CA ILE C 185 14.67 -38.11 -12.64
C ILE C 185 15.76 -37.20 -13.15
N ALA C 186 16.22 -37.42 -14.38
CA ALA C 186 17.19 -36.52 -14.99
C ALA C 186 16.54 -35.18 -15.29
N THR C 187 17.26 -34.10 -15.02
CA THR C 187 16.78 -32.75 -15.32
C THR C 187 18.01 -31.90 -15.60
N THR C 188 17.84 -30.58 -15.56
CA THR C 188 18.94 -29.64 -15.69
C THR C 188 18.84 -28.64 -14.56
N PHE C 189 19.96 -27.93 -14.30
CA PHE C 189 19.92 -26.84 -13.34
C PHE C 189 18.88 -25.80 -13.73
N LYS C 190 18.76 -25.54 -15.03
CA LYS C 190 17.81 -24.55 -15.51
C LYS C 190 16.38 -24.97 -15.27
N GLU C 191 16.04 -26.21 -15.64
CA GLU C 191 14.67 -26.66 -15.48
C GLU C 191 14.30 -26.76 -14.00
N GLU C 192 15.19 -27.32 -13.18
CA GLU C 192 14.90 -27.42 -11.77
C GLU C 192 14.66 -26.04 -11.17
N THR C 193 15.54 -25.08 -11.46
CA THR C 193 15.43 -23.76 -10.86
C THR C 193 14.17 -23.06 -11.33
N GLU C 194 13.93 -23.05 -12.64
CA GLU C 194 12.83 -22.26 -13.20
C GLU C 194 11.47 -22.81 -12.76
N THR C 195 11.33 -24.14 -12.74
CA THR C 195 10.04 -24.72 -12.33
C THR C 195 9.79 -24.54 -10.84
N ASP C 196 10.87 -24.54 -10.04
CA ASP C 196 10.74 -24.36 -8.59
C ASP C 196 10.24 -22.95 -8.26
N LEU C 197 10.86 -21.94 -8.88
CA LEU C 197 10.40 -20.56 -8.74
C LEU C 197 8.96 -20.42 -9.26
N PHE C 198 8.68 -21.00 -10.43
CA PHE C 198 7.34 -20.84 -11.00
C PHE C 198 6.26 -21.43 -10.09
N GLY C 199 6.50 -22.64 -9.57
CA GLY C 199 5.47 -23.28 -8.76
C GLY C 199 5.19 -22.53 -7.47
N GLU C 200 6.26 -22.15 -6.76
CA GLU C 200 6.17 -21.30 -5.57
C GLU C 200 5.29 -20.09 -5.83
N GLN C 201 5.61 -19.35 -6.89
CA GLN C 201 5.00 -18.05 -7.13
C GLN C 201 3.54 -18.19 -7.55
N CYS C 202 3.26 -19.06 -8.52
CA CYS C 202 1.95 -19.07 -9.18
C CYS C 202 0.96 -20.02 -8.52
N VAL C 203 1.44 -21.10 -7.89
CA VAL C 203 0.56 -22.13 -7.38
C VAL C 203 0.75 -22.30 -5.88
N LEU C 204 1.94 -22.75 -5.47
CA LEU C 204 2.11 -23.32 -4.14
C LEU C 204 1.98 -22.27 -3.04
N CYS C 205 2.60 -21.11 -3.22
CA CYS C 205 2.65 -20.11 -2.16
C CYS C 205 1.88 -18.85 -2.53
N GLY C 206 2.28 -18.17 -3.62
CA GLY C 206 1.57 -16.97 -4.00
C GLY C 206 0.13 -17.24 -4.42
N GLY C 207 -0.06 -18.21 -5.33
CA GLY C 207 -1.40 -18.46 -5.85
C GLY C 207 -2.38 -18.87 -4.77
N VAL C 208 -2.02 -19.86 -3.95
CA VAL C 208 -2.99 -20.38 -3.00
C VAL C 208 -3.27 -19.38 -1.87
N THR C 209 -2.25 -18.64 -1.41
CA THR C 209 -2.51 -17.69 -0.30
C THR C 209 -3.42 -16.57 -0.76
N GLU C 210 -3.20 -16.04 -1.96
CA GLU C 210 -4.07 -14.97 -2.41
C GLU C 210 -5.43 -15.51 -2.84
N LEU C 211 -5.48 -16.74 -3.35
CA LEU C 211 -6.79 -17.40 -3.54
C LEU C 211 -7.55 -17.49 -2.21
N ILE C 212 -6.88 -17.96 -1.16
CA ILE C 212 -7.53 -18.08 0.15
C ILE C 212 -8.00 -16.71 0.64
N LYS C 213 -7.10 -15.70 0.57
CA LYS C 213 -7.45 -14.37 1.06
C LYS C 213 -8.59 -13.74 0.26
N ALA C 214 -8.55 -13.89 -1.07
CA ALA C 214 -9.60 -13.28 -1.87
C ALA C 214 -10.95 -13.91 -1.56
N GLY C 215 -10.97 -15.23 -1.34
CA GLY C 215 -12.22 -15.89 -1.00
C GLY C 215 -12.73 -15.44 0.34
N PHE C 216 -11.85 -15.41 1.34
CA PHE C 216 -12.17 -14.91 2.67
C PHE C 216 -12.67 -13.46 2.62
N ASP C 217 -11.95 -12.60 1.88
CA ASP C 217 -12.37 -11.21 1.71
C ASP C 217 -13.75 -11.10 1.10
N THR C 218 -14.02 -11.91 0.07
CA THR C 218 -15.32 -11.85 -0.59
C THR C 218 -16.45 -12.12 0.40
N LEU C 219 -16.25 -13.09 1.29
CA LEU C 219 -17.30 -13.46 2.24
C LEU C 219 -17.47 -12.39 3.31
N VAL C 220 -16.35 -11.88 3.85
CA VAL C 220 -16.43 -10.86 4.90
C VAL C 220 -17.07 -9.58 4.35
N GLU C 221 -16.69 -9.16 3.13
CA GLU C 221 -17.30 -7.98 2.53
C GLU C 221 -18.79 -8.16 2.31
N ALA C 222 -19.21 -9.39 1.96
CA ALA C 222 -20.62 -9.68 1.78
C ALA C 222 -21.38 -9.74 3.09
N GLY C 223 -20.70 -9.62 4.22
CA GLY C 223 -21.35 -9.59 5.50
C GLY C 223 -21.39 -10.89 6.26
N TYR C 224 -20.73 -11.95 5.77
CA TYR C 224 -20.74 -13.20 6.52
C TYR C 224 -19.75 -13.13 7.70
N GLN C 225 -19.94 -14.01 8.66
CA GLN C 225 -19.10 -13.99 9.85
C GLN C 225 -17.68 -14.38 9.47
N PRO C 226 -16.66 -13.65 9.95
CA PRO C 226 -15.28 -13.99 9.60
C PRO C 226 -14.86 -15.37 10.06
N GLU C 227 -15.38 -15.84 11.21
CA GLU C 227 -15.06 -17.19 11.67
C GLU C 227 -15.55 -18.24 10.70
N ILE C 228 -16.74 -18.04 10.13
CA ILE C 228 -17.26 -18.95 9.11
C ILE C 228 -16.41 -18.87 7.85
N ALA C 229 -16.09 -17.65 7.43
CA ALA C 229 -15.22 -17.47 6.27
C ALA C 229 -13.87 -18.18 6.45
N TYR C 230 -13.30 -18.14 7.66
CA TYR C 230 -12.04 -18.83 7.90
C TYR C 230 -12.18 -20.34 7.66
N PHE C 231 -13.25 -20.94 8.20
CA PHE C 231 -13.41 -22.37 8.05
C PHE C 231 -13.57 -22.75 6.58
N GLU C 232 -14.38 -21.99 5.83
CA GLU C 232 -14.74 -22.38 4.47
C GLU C 232 -13.70 -22.01 3.42
N CYS C 233 -12.77 -21.10 3.76
CA CYS C 233 -11.78 -20.66 2.78
C CYS C 233 -10.37 -21.09 3.11
N LEU C 234 -10.12 -21.45 4.37
CA LEU C 234 -8.78 -21.85 4.78
C LEU C 234 -8.79 -23.22 5.45
N HIS C 235 -9.49 -23.36 6.58
CA HIS C 235 -9.36 -24.57 7.41
C HIS C 235 -9.68 -25.84 6.61
N GLU C 236 -10.77 -25.84 5.84
CA GLU C 236 -11.15 -27.07 5.12
C GLU C 236 -10.22 -27.41 3.96
N LEU C 237 -9.23 -26.56 3.66
CA LEU C 237 -8.39 -26.82 2.50
C LEU C 237 -7.46 -28.02 2.72
N LYS C 238 -6.99 -28.24 3.95
CA LYS C 238 -6.05 -29.33 4.19
C LYS C 238 -6.66 -30.69 3.81
N LEU C 239 -7.90 -30.93 4.27
CA LEU C 239 -8.68 -32.09 3.82
C LEU C 239 -8.56 -32.32 2.32
N ILE C 240 -8.86 -31.28 1.54
CA ILE C 240 -8.93 -31.41 0.09
C ILE C 240 -7.54 -31.72 -0.48
N VAL C 241 -6.54 -30.97 -0.03
CA VAL C 241 -5.20 -31.11 -0.58
C VAL C 241 -4.60 -32.47 -0.21
N ASP C 242 -4.84 -32.94 1.02
CA ASP C 242 -4.38 -34.28 1.38
C ASP C 242 -4.87 -35.32 0.37
N LEU C 243 -6.13 -35.20 -0.06
CA LEU C 243 -6.66 -36.15 -1.04
C LEU C 243 -5.98 -36.01 -2.39
N ILE C 244 -5.77 -34.77 -2.85
CA ILE C 244 -5.06 -34.55 -4.11
C ILE C 244 -3.65 -35.11 -4.03
N TYR C 245 -2.98 -34.86 -2.91
CA TYR C 245 -1.62 -35.35 -2.70
C TYR C 245 -1.57 -36.87 -2.76
N GLU C 246 -2.56 -37.54 -2.16
CA GLU C 246 -2.55 -38.99 -2.07
C GLU C 246 -2.94 -39.66 -3.37
N GLY C 247 -3.85 -39.07 -4.14
CA GLY C 247 -4.41 -39.79 -5.26
C GLY C 247 -4.87 -38.90 -6.39
N GLY C 248 -4.32 -37.68 -6.44
CA GLY C 248 -4.61 -36.78 -7.54
C GLY C 248 -5.96 -36.11 -7.41
N ILE C 249 -6.22 -35.21 -8.34
CA ILE C 249 -7.51 -34.51 -8.37
C ILE C 249 -8.66 -35.51 -8.41
N GLY C 250 -8.47 -36.65 -9.07
CA GLY C 250 -9.54 -37.63 -9.21
C GLY C 250 -9.97 -38.23 -7.88
N LEU C 251 -9.02 -38.52 -7.00
CA LEU C 251 -9.40 -39.05 -5.69
C LEU C 251 -10.16 -38.00 -4.87
N MET C 252 -9.69 -36.75 -4.90
CA MET C 252 -10.40 -35.69 -4.22
C MET C 252 -11.84 -35.58 -4.71
N ARG C 253 -12.03 -35.57 -6.04
CA ARG C 253 -13.37 -35.36 -6.60
C ARG C 253 -14.28 -36.54 -6.30
N TYR C 254 -13.70 -37.73 -6.17
CA TYR C 254 -14.45 -38.92 -5.78
C TYR C 254 -14.89 -38.86 -4.32
N SER C 255 -14.13 -38.17 -3.47
CA SER C 255 -14.39 -38.19 -2.04
C SER C 255 -15.29 -37.07 -1.55
N VAL C 256 -15.40 -35.96 -2.28
CA VAL C 256 -16.29 -34.89 -1.84
C VAL C 256 -17.68 -35.18 -2.40
N SER C 257 -18.68 -34.42 -1.96
CA SER C 257 -20.05 -34.59 -2.40
C SER C 257 -20.20 -34.23 -3.87
N ASP C 258 -21.25 -34.78 -4.48
CA ASP C 258 -21.49 -34.50 -5.90
C ASP C 258 -21.74 -33.02 -6.14
N THR C 259 -22.35 -32.33 -5.17
CA THR C 259 -22.55 -30.89 -5.29
C THR C 259 -21.21 -30.15 -5.33
N ALA C 260 -20.29 -30.51 -4.44
CA ALA C 260 -18.97 -29.89 -4.46
C ALA C 260 -18.25 -30.22 -5.77
N GLU C 261 -18.32 -31.48 -6.24
CA GLU C 261 -17.61 -31.81 -7.48
C GLU C 261 -18.19 -31.03 -8.65
N TYR C 262 -19.51 -30.87 -8.70
CA TYR C 262 -20.11 -30.11 -9.79
C TYR C 262 -19.73 -28.63 -9.72
N GLY C 263 -19.71 -28.04 -8.52
CA GLY C 263 -19.25 -26.67 -8.40
C GLY C 263 -17.78 -26.52 -8.77
N ASP C 264 -16.97 -27.50 -8.38
CA ASP C 264 -15.55 -27.57 -8.77
C ASP C 264 -15.42 -27.53 -10.28
N LEU C 265 -16.04 -28.49 -10.98
CA LEU C 265 -15.85 -28.61 -12.42
C LEU C 265 -16.36 -27.37 -13.18
N THR C 266 -17.40 -26.71 -12.69
CA THR C 266 -17.99 -25.60 -13.44
C THR C 266 -17.44 -24.24 -13.05
N VAL C 267 -16.98 -24.05 -11.81
CA VAL C 267 -16.60 -22.71 -11.34
C VAL C 267 -15.08 -22.52 -11.33
N GLY C 268 -14.34 -23.60 -11.11
CA GLY C 268 -12.89 -23.57 -11.13
C GLY C 268 -12.32 -22.78 -12.29
N PRO C 269 -12.71 -23.15 -13.53
CA PRO C 269 -12.22 -22.38 -14.69
C PRO C 269 -12.82 -20.99 -14.85
N ARG C 270 -13.83 -20.60 -14.06
CA ARG C 270 -14.24 -19.19 -14.04
C ARG C 270 -13.30 -18.38 -13.17
N ILE C 271 -12.83 -18.97 -12.07
CA ILE C 271 -11.92 -18.28 -11.15
C ILE C 271 -10.51 -18.21 -11.74
N ILE C 272 -10.01 -19.34 -12.24
CA ILE C 272 -8.70 -19.39 -12.89
C ILE C 272 -8.94 -19.54 -14.40
N ASN C 273 -9.01 -18.42 -15.09
CA ASN C 273 -9.44 -18.38 -16.48
C ASN C 273 -8.26 -18.12 -17.41
N GLU C 274 -8.56 -17.76 -18.66
CA GLU C 274 -7.48 -17.58 -19.63
C GLU C 274 -6.63 -16.36 -19.32
N ASN C 275 -7.21 -15.33 -18.72
CA ASN C 275 -6.44 -14.20 -18.21
C ASN C 275 -5.43 -14.64 -17.17
N THR C 276 -5.86 -15.49 -16.24
CA THR C 276 -4.96 -16.04 -15.24
C THR C 276 -3.84 -16.80 -15.91
N ARG C 277 -4.20 -17.66 -16.88
CA ARG C 277 -3.19 -18.45 -17.59
C ARG C 277 -2.21 -17.56 -18.34
N ALA C 278 -2.71 -16.46 -18.92
CA ALA C 278 -1.82 -15.53 -19.59
C ALA C 278 -0.86 -14.90 -18.59
N GLU C 279 -1.37 -14.48 -17.44
CA GLU C 279 -0.49 -13.89 -16.44
C GLU C 279 0.56 -14.88 -15.96
N MET C 280 0.20 -16.17 -15.85
CA MET C 280 1.19 -17.17 -15.44
C MET C 280 2.30 -17.29 -16.46
N LYS C 281 1.99 -17.18 -17.74
CA LYS C 281 3.05 -17.22 -18.74
C LYS C 281 4.01 -16.04 -18.59
N LYS C 282 3.49 -14.87 -18.20
CA LYS C 282 4.33 -13.69 -18.04
C LYS C 282 5.19 -13.80 -16.79
N VAL C 283 4.67 -14.42 -15.72
CA VAL C 283 5.48 -14.71 -14.54
C VAL C 283 6.59 -15.68 -14.90
N LEU C 284 6.26 -16.71 -15.68
CA LEU C 284 7.31 -17.63 -16.11
C LEU C 284 8.35 -16.92 -16.96
N ALA C 285 7.93 -15.99 -17.81
CA ALA C 285 8.91 -15.31 -18.65
C ALA C 285 9.86 -14.44 -17.83
N ALA C 286 9.39 -13.84 -16.73
CA ALA C 286 10.29 -13.07 -15.86
C ALA C 286 11.27 -14.00 -15.14
N ILE C 287 10.88 -15.25 -14.92
CA ILE C 287 11.81 -16.22 -14.37
C ILE C 287 12.82 -16.65 -15.41
N GLN C 288 12.36 -16.83 -16.66
CA GLN C 288 13.23 -17.33 -17.72
C GLN C 288 14.24 -16.28 -18.21
N ASP C 289 13.88 -15.00 -18.16
CA ASP C 289 14.78 -13.99 -18.71
C ASP C 289 15.66 -13.33 -17.65
N GLY C 290 15.68 -13.85 -16.43
CA GLY C 290 16.57 -13.36 -15.37
C GLY C 290 16.05 -12.15 -14.59
N THR C 291 14.93 -11.55 -14.99
CA THR C 291 14.52 -10.28 -14.37
C THR C 291 13.98 -10.49 -12.95
N PHE C 292 13.27 -11.60 -12.70
CA PHE C 292 12.89 -11.91 -11.32
C PHE C 292 14.12 -12.14 -10.44
N ALA C 293 15.07 -12.95 -10.92
CA ALA C 293 16.30 -13.16 -10.18
C ALA C 293 16.99 -11.83 -9.85
N ARG C 294 17.11 -10.95 -10.84
CA ARG C 294 17.72 -9.65 -10.61
C ARG C 294 16.94 -8.86 -9.57
N GLU C 295 15.61 -8.84 -9.69
CA GLU C 295 14.77 -8.11 -8.75
C GLU C 295 14.99 -8.62 -7.32
N LEU C 296 14.94 -9.94 -7.12
CA LEU C 296 15.21 -10.54 -5.82
C LEU C 296 16.58 -10.14 -5.30
N LEU C 297 17.61 -10.29 -6.14
CA LEU C 297 18.96 -10.05 -5.68
C LEU C 297 19.17 -8.58 -5.33
N LEU C 298 18.58 -7.67 -6.11
CA LEU C 298 18.65 -6.25 -5.78
C LEU C 298 17.89 -5.98 -4.48
N GLU C 299 16.74 -6.64 -4.31
CA GLU C 299 15.97 -6.51 -3.07
C GLU C 299 16.82 -6.88 -1.86
N PHE C 300 17.57 -7.99 -1.94
CA PHE C 300 18.45 -8.41 -0.86
C PHE C 300 19.58 -7.42 -0.64
N GLN C 301 20.00 -6.70 -1.70
CA GLN C 301 21.13 -5.79 -1.59
C GLN C 301 20.77 -4.47 -0.91
N VAL C 302 19.50 -4.09 -0.86
CA VAL C 302 19.15 -2.85 -0.19
C VAL C 302 18.39 -3.12 1.12
N GLY C 303 18.56 -4.28 1.72
CA GLY C 303 18.02 -4.54 3.05
C GLY C 303 16.58 -4.93 3.11
N ARG C 304 16.02 -5.47 2.02
CA ARG C 304 14.71 -6.11 1.99
C ARG C 304 13.53 -5.22 2.37
N PRO C 305 13.42 -3.98 1.85
CA PRO C 305 12.29 -3.13 2.25
C PRO C 305 10.96 -3.55 1.64
N VAL C 306 10.95 -4.11 0.44
CA VAL C 306 9.69 -4.58 -0.13
C VAL C 306 9.23 -5.83 0.60
N PHE C 307 10.15 -6.78 0.76
CA PHE C 307 9.93 -7.97 1.55
C PHE C 307 9.30 -7.64 2.89
N SER C 308 9.91 -6.72 3.64
CA SER C 308 9.45 -6.38 4.98
C SER C 308 8.09 -5.66 4.94
N ALA C 309 7.91 -4.73 4.00
CA ALA C 309 6.65 -4.01 3.92
C ALA C 309 5.50 -4.95 3.58
N LEU C 310 5.68 -5.82 2.58
CA LEU C 310 4.59 -6.69 2.18
C LEU C 310 4.33 -7.77 3.22
N ARG C 311 5.38 -8.18 3.94
CA ARG C 311 5.20 -9.16 5.00
C ARG C 311 4.32 -8.62 6.12
N ARG C 312 4.53 -7.36 6.53
CA ARG C 312 3.73 -6.89 7.65
C ARG C 312 2.30 -6.57 7.23
N LYS C 313 2.08 -6.05 6.02
CA LYS C 313 0.71 -5.93 5.53
C LYS C 313 -0.01 -7.27 5.62
N GLY C 314 0.66 -8.36 5.25
CA GLY C 314 0.05 -9.67 5.40
C GLY C 314 -0.24 -10.03 6.85
N GLN C 315 0.70 -9.72 7.74
CA GLN C 315 0.51 -10.07 9.15
C GLN C 315 -0.64 -9.28 9.78
N GLU C 316 -1.05 -8.18 9.18
CA GLU C 316 -2.17 -7.38 9.64
C GLU C 316 -3.53 -7.85 9.09
N HIS C 317 -3.56 -8.89 8.26
CA HIS C 317 -4.82 -9.30 7.66
C HIS C 317 -5.76 -9.94 8.69
N LEU C 318 -7.06 -9.70 8.52
CA LEU C 318 -8.08 -10.23 9.42
C LEU C 318 -8.04 -11.75 9.50
N ILE C 319 -7.77 -12.43 8.38
CA ILE C 319 -7.73 -13.89 8.39
C ILE C 319 -6.68 -14.41 9.36
N GLU C 320 -5.63 -13.63 9.60
CA GLU C 320 -4.60 -14.07 10.54
C GLU C 320 -5.04 -13.83 11.99
N LYS C 321 -5.71 -12.71 12.23
CA LYS C 321 -6.27 -12.44 13.56
C LYS C 321 -7.39 -13.43 13.89
N VAL C 322 -8.32 -13.64 12.95
CA VAL C 322 -9.40 -14.59 13.20
C VAL C 322 -8.85 -16.00 13.31
N GLY C 323 -7.87 -16.34 12.45
CA GLY C 323 -7.29 -17.67 12.47
C GLY C 323 -6.65 -18.02 13.80
N LYS C 324 -5.97 -17.06 14.42
CA LYS C 324 -5.33 -17.34 15.69
C LYS C 324 -6.37 -17.70 16.76
N GLU C 325 -7.45 -16.94 16.83
CA GLU C 325 -8.50 -17.21 17.82
C GLU C 325 -9.12 -18.59 17.58
N LEU C 326 -9.43 -18.91 16.33
CA LEU C 326 -10.11 -20.17 16.04
C LEU C 326 -9.18 -21.36 16.24
N ARG C 327 -7.90 -21.21 15.93
CA ARG C 327 -6.99 -22.35 16.02
C ARG C 327 -6.75 -22.76 17.47
N ALA C 328 -6.86 -21.80 18.39
CA ALA C 328 -6.80 -22.12 19.82
C ALA C 328 -7.80 -23.21 20.21
N MET C 329 -9.02 -23.16 19.67
CA MET C 329 -10.01 -24.17 20.00
C MET C 329 -9.66 -25.56 19.46
N MET C 330 -8.59 -25.70 18.68
CA MET C 330 -8.17 -26.99 18.15
C MET C 330 -6.72 -27.21 18.57
N PRO C 331 -6.49 -27.59 19.84
CA PRO C 331 -5.10 -27.81 20.29
C PRO C 331 -4.43 -28.97 19.59
N TRP C 332 -5.19 -29.82 18.91
CA TRP C 332 -4.66 -30.97 18.18
C TRP C 332 -4.02 -30.60 16.84
N LEU C 333 -3.91 -29.31 16.53
CA LEU C 333 -3.23 -28.89 15.31
C LEU C 333 -1.73 -28.86 15.49
N LYS C 334 -1.25 -28.53 16.68
CA LYS C 334 0.19 -28.49 16.97
C LYS C 334 0.68 -29.84 17.51
N ALA D 2 -18.60 -13.43 17.36
CA ALA D 2 -19.20 -14.76 17.28
C ALA D 2 -19.85 -15.18 18.59
N ARG D 3 -21.08 -15.67 18.51
CA ARG D 3 -21.76 -16.27 19.65
C ARG D 3 -21.34 -17.74 19.75
N MET D 4 -20.74 -18.12 20.86
CA MET D 4 -20.27 -19.48 21.08
C MET D 4 -21.02 -20.18 22.21
N TYR D 5 -21.13 -21.50 22.07
CA TYR D 5 -21.72 -22.39 23.06
C TYR D 5 -20.74 -23.50 23.37
N TYR D 6 -20.58 -23.80 24.65
CA TYR D 6 -19.66 -24.83 25.12
C TYR D 6 -20.45 -25.87 25.90
N ASP D 7 -19.71 -26.85 26.47
CA ASP D 7 -20.36 -27.93 27.21
C ASP D 7 -21.28 -27.40 28.31
N ALA D 8 -20.89 -26.31 28.97
CA ALA D 8 -21.73 -25.78 30.05
C ALA D 8 -23.01 -25.15 29.54
N ASP D 9 -23.12 -24.88 28.25
CA ASP D 9 -24.29 -24.24 27.65
C ASP D 9 -25.34 -25.23 27.16
N ALA D 10 -25.07 -26.53 27.25
CA ALA D 10 -26.01 -27.53 26.74
C ALA D 10 -26.22 -28.60 27.79
N ASN D 11 -27.40 -29.21 27.78
CA ASN D 11 -27.78 -30.18 28.80
C ASN D 11 -28.31 -31.45 28.14
N LEU D 12 -27.57 -32.56 28.26
CA LEU D 12 -28.03 -33.81 27.69
C LEU D 12 -29.32 -34.29 28.35
N ASP D 13 -29.55 -33.92 29.61
CA ASP D 13 -30.79 -34.28 30.30
C ASP D 13 -32.04 -33.78 29.57
N LEU D 14 -31.91 -32.80 28.69
CA LEU D 14 -33.06 -32.37 27.90
C LEU D 14 -33.49 -33.43 26.89
N LEU D 15 -32.65 -34.44 26.63
CA LEU D 15 -32.98 -35.55 25.74
C LEU D 15 -33.48 -36.77 26.51
N LYS D 16 -33.69 -36.65 27.82
CA LYS D 16 -34.10 -37.79 28.63
C LYS D 16 -35.37 -38.41 28.09
N GLY D 17 -35.33 -39.73 27.87
CA GLY D 17 -36.49 -40.46 27.38
C GLY D 17 -36.78 -40.31 25.89
N LYS D 18 -36.00 -39.54 25.17
CA LYS D 18 -36.21 -39.42 23.74
C LYS D 18 -35.30 -40.37 22.98
N THR D 19 -35.74 -40.80 21.81
CA THR D 19 -34.94 -41.63 20.92
C THR D 19 -34.51 -40.80 19.72
N ILE D 20 -33.23 -40.91 19.36
CA ILE D 20 -32.68 -40.20 18.21
C ILE D 20 -32.49 -41.21 17.10
N ALA D 21 -32.92 -40.87 15.89
CA ALA D 21 -32.65 -41.66 14.69
C ALA D 21 -31.62 -40.94 13.86
N VAL D 22 -30.46 -41.56 13.68
CA VAL D 22 -29.48 -41.09 12.72
C VAL D 22 -29.76 -41.83 11.42
N ILE D 23 -30.17 -41.08 10.39
CA ILE D 23 -30.46 -41.64 9.09
C ILE D 23 -29.18 -41.59 8.26
N GLY D 24 -28.65 -42.76 7.93
CA GLY D 24 -27.36 -42.84 7.29
C GLY D 24 -26.28 -43.25 8.27
N TYR D 25 -25.24 -43.90 7.74
CA TYR D 25 -24.09 -44.36 8.51
C TYR D 25 -22.79 -44.13 7.75
N GLY D 26 -22.76 -43.11 6.89
CA GLY D 26 -21.57 -42.77 6.14
C GLY D 26 -20.58 -41.96 6.95
N SER D 27 -19.90 -40.99 6.32
CA SER D 27 -18.88 -40.24 7.02
C SER D 27 -19.41 -39.61 8.31
N GLN D 28 -20.45 -38.76 8.21
CA GLN D 28 -20.97 -38.13 9.41
C GLN D 28 -21.85 -39.08 10.22
N GLY D 29 -22.65 -39.89 9.53
CA GLY D 29 -23.58 -40.76 10.23
C GLY D 29 -22.89 -41.70 11.20
N HIS D 30 -21.81 -42.38 10.75
CA HIS D 30 -21.23 -43.38 11.65
C HIS D 30 -20.63 -42.67 12.84
N ALA D 31 -20.01 -41.51 12.60
CA ALA D 31 -19.34 -40.78 13.69
C ALA D 31 -20.37 -40.24 14.67
N GLN D 32 -21.39 -39.55 14.16
CA GLN D 32 -22.36 -38.94 15.05
C GLN D 32 -23.15 -39.98 15.82
N ALA D 33 -23.58 -41.06 15.16
CA ALA D 33 -24.32 -42.10 15.87
C ALA D 33 -23.46 -42.76 16.95
N GLN D 34 -22.18 -43.04 16.66
CA GLN D 34 -21.34 -43.67 17.67
C GLN D 34 -21.10 -42.73 18.85
N ASN D 35 -20.96 -41.43 18.57
CA ASN D 35 -20.74 -40.45 19.64
C ASN D 35 -21.99 -40.32 20.53
N LEU D 36 -23.17 -40.21 19.90
CA LEU D 36 -24.40 -40.13 20.67
C LEU D 36 -24.61 -41.36 21.52
N HIS D 37 -24.29 -42.53 20.98
CA HIS D 37 -24.38 -43.76 21.75
C HIS D 37 -23.41 -43.74 22.92
N ASP D 38 -22.17 -43.28 22.71
CA ASP D 38 -21.22 -43.19 23.80
C ASP D 38 -21.61 -42.10 24.79
N SER D 39 -22.25 -41.04 24.34
CA SER D 39 -22.77 -40.06 25.29
C SER D 39 -23.97 -40.55 26.07
N GLY D 40 -24.31 -41.84 26.00
CA GLY D 40 -25.38 -42.37 26.82
C GLY D 40 -26.77 -42.10 26.32
N LEU D 41 -26.92 -41.63 25.09
CA LEU D 41 -28.23 -41.34 24.53
C LEU D 41 -28.81 -42.58 23.85
N GLU D 42 -30.11 -42.54 23.60
CA GLU D 42 -30.83 -43.64 22.97
C GLU D 42 -30.83 -43.44 21.46
N VAL D 43 -30.08 -44.28 20.73
CA VAL D 43 -29.83 -44.11 19.30
C VAL D 43 -30.36 -45.30 18.51
N VAL D 44 -30.96 -45.02 17.35
CA VAL D 44 -31.21 -46.03 16.32
C VAL D 44 -30.69 -45.47 15.00
N VAL D 45 -30.16 -46.35 14.16
CA VAL D 45 -29.60 -45.95 12.87
C VAL D 45 -30.58 -46.33 11.76
N GLY D 46 -31.06 -45.34 11.03
CA GLY D 46 -31.98 -45.59 9.94
C GLY D 46 -31.26 -45.97 8.66
N LEU D 47 -31.43 -47.21 8.22
CA LEU D 47 -30.76 -47.72 7.03
C LEU D 47 -31.75 -48.42 6.11
N ARG D 48 -31.39 -48.45 4.83
CA ARG D 48 -32.05 -49.33 3.88
C ARG D 48 -31.91 -50.78 4.33
N LYS D 49 -33.00 -51.51 4.19
CA LYS D 49 -32.95 -52.92 4.56
C LYS D 49 -31.87 -53.47 3.63
N PRO D 50 -31.01 -54.40 4.07
CA PRO D 50 -30.05 -55.01 3.16
C PRO D 50 -30.75 -55.45 1.87
N GLU D 51 -30.10 -55.21 0.74
CA GLU D 51 -30.73 -55.46 -0.55
C GLU D 51 -29.66 -55.66 -1.61
N ASP D 52 -28.41 -55.76 -1.20
CA ASP D 52 -27.25 -55.94 -2.06
C ASP D 52 -26.06 -55.98 -1.11
N ASP D 53 -24.85 -55.98 -1.63
CA ASP D 53 -23.70 -56.17 -0.76
C ASP D 53 -23.42 -54.94 0.09
N PHE D 54 -23.42 -53.73 -0.52
CA PHE D 54 -23.03 -52.54 0.23
C PHE D 54 -23.96 -52.31 1.42
N THR D 55 -25.28 -52.44 1.20
CA THR D 55 -26.21 -52.17 2.29
C THR D 55 -26.15 -53.27 3.35
N THR D 56 -25.83 -54.50 2.95
CA THR D 56 -25.63 -55.56 3.95
C THR D 56 -24.40 -55.28 4.79
N ALA D 57 -23.32 -54.84 4.16
CA ALA D 57 -22.10 -54.51 4.90
C ALA D 57 -22.32 -53.36 5.86
N GLU D 58 -23.11 -52.36 5.48
CA GLU D 58 -23.34 -51.22 6.35
C GLU D 58 -24.20 -51.62 7.54
N TRP D 59 -25.28 -52.37 7.28
CA TRP D 59 -26.11 -52.90 8.35
C TRP D 59 -25.27 -53.66 9.37
N ASN D 60 -24.37 -54.52 8.88
CA ASN D 60 -23.55 -55.33 9.79
C ASN D 60 -22.57 -54.47 10.57
N GLN D 61 -22.09 -53.39 9.95
CA GLN D 61 -21.15 -52.49 10.62
C GLN D 61 -21.81 -51.80 11.80
N VAL D 62 -23.06 -51.36 11.62
CA VAL D 62 -23.85 -50.82 12.73
C VAL D 62 -23.89 -51.82 13.87
N VAL D 63 -24.27 -53.07 13.56
CA VAL D 63 -24.33 -54.11 14.58
C VAL D 63 -22.96 -54.32 15.20
N ALA D 64 -21.91 -54.38 14.38
CA ALA D 64 -20.57 -54.63 14.91
C ALA D 64 -20.10 -53.50 15.82
N ASP D 65 -20.60 -52.28 15.60
CA ASP D 65 -20.27 -51.11 16.43
C ASP D 65 -21.04 -51.10 17.75
N GLY D 66 -21.97 -52.02 17.94
CA GLY D 66 -22.79 -52.05 19.14
C GLY D 66 -24.06 -51.24 19.06
N LEU D 67 -24.40 -50.72 17.89
CA LEU D 67 -25.58 -49.88 17.72
C LEU D 67 -26.74 -50.67 17.11
N THR D 68 -27.91 -50.06 17.12
CA THR D 68 -29.13 -50.73 16.69
C THR D 68 -29.57 -50.21 15.33
N PRO D 69 -29.58 -51.03 14.28
CA PRO D 69 -30.06 -50.56 12.97
C PRO D 69 -31.55 -50.85 12.79
N LEU D 70 -32.21 -49.98 12.02
CA LEU D 70 -33.61 -50.17 11.68
C LEU D 70 -33.84 -49.70 10.25
N PRO D 71 -34.82 -50.28 9.54
CA PRO D 71 -35.27 -49.65 8.30
C PRO D 71 -35.62 -48.18 8.55
N VAL D 72 -35.45 -47.37 7.50
CA VAL D 72 -35.51 -45.91 7.68
C VAL D 72 -36.86 -45.50 8.24
N ASP D 73 -37.95 -46.08 7.71
CA ASP D 73 -39.28 -45.69 8.17
C ASP D 73 -39.49 -46.09 9.63
N GLU D 74 -38.97 -47.25 10.03
CA GLU D 74 -39.11 -47.70 11.41
C GLU D 74 -38.29 -46.85 12.36
N ALA D 75 -37.11 -46.42 11.92
CA ALA D 75 -36.30 -45.51 12.72
C ALA D 75 -37.04 -44.19 12.93
N ALA D 76 -37.69 -43.68 11.88
CA ALA D 76 -38.46 -42.44 12.01
C ALA D 76 -39.63 -42.62 12.97
N ARG D 77 -40.27 -43.80 12.94
CA ARG D 77 -41.40 -44.03 13.83
C ARG D 77 -40.95 -44.18 15.27
N ALA D 78 -39.71 -44.65 15.50
CA ALA D 78 -39.24 -44.82 16.87
C ALA D 78 -38.71 -43.54 17.48
N ALA D 79 -38.37 -42.53 16.67
CA ALA D 79 -37.59 -41.40 17.15
C ALA D 79 -38.41 -40.12 17.16
N GLN D 80 -38.11 -39.26 18.14
CA GLN D 80 -38.64 -37.91 18.21
C GLN D 80 -37.65 -36.88 17.71
N ILE D 81 -36.39 -37.28 17.52
CA ILE D 81 -35.34 -36.43 16.95
C ILE D 81 -34.73 -37.23 15.83
N ILE D 82 -34.71 -36.67 14.62
CA ILE D 82 -34.33 -37.38 13.41
C ILE D 82 -33.24 -36.57 12.73
N GLN D 83 -32.03 -37.11 12.69
CA GLN D 83 -30.88 -36.47 12.07
C GLN D 83 -30.67 -37.07 10.67
N ILE D 84 -30.79 -36.25 9.65
CA ILE D 84 -30.74 -36.69 8.27
C ILE D 84 -29.30 -36.58 7.77
N LEU D 85 -28.63 -37.72 7.63
CA LEU D 85 -27.24 -37.75 7.22
C LEU D 85 -27.06 -38.66 6.00
N VAL D 86 -27.99 -38.60 5.05
CA VAL D 86 -27.79 -39.25 3.75
C VAL D 86 -27.23 -38.18 2.81
N PRO D 87 -26.75 -38.54 1.61
CA PRO D 87 -26.23 -37.51 0.70
C PRO D 87 -27.27 -36.44 0.41
N ASP D 88 -26.79 -35.20 0.27
CA ASP D 88 -27.67 -34.06 0.08
C ASP D 88 -28.55 -34.22 -1.16
N ASP D 89 -28.03 -34.84 -2.22
CA ASP D 89 -28.82 -34.99 -3.44
C ASP D 89 -29.84 -36.12 -3.31
N ILE D 90 -29.84 -36.83 -2.19
CA ILE D 90 -30.74 -37.94 -1.91
C ILE D 90 -31.78 -37.59 -0.83
N GLN D 91 -31.58 -36.49 -0.09
CA GLN D 91 -32.34 -36.24 1.13
C GLN D 91 -33.82 -35.99 0.85
N ALA D 92 -34.15 -35.26 -0.22
CA ALA D 92 -35.56 -34.92 -0.44
C ALA D 92 -36.39 -36.16 -0.72
N LYS D 93 -35.85 -37.09 -1.51
CA LYS D 93 -36.60 -38.30 -1.81
C LYS D 93 -36.70 -39.22 -0.60
N VAL D 94 -35.61 -39.36 0.16
CA VAL D 94 -35.67 -40.15 1.40
C VAL D 94 -36.63 -39.49 2.39
N TYR D 95 -36.52 -38.18 2.55
CA TYR D 95 -37.45 -37.47 3.44
C TYR D 95 -38.89 -37.73 3.01
N ARG D 96 -39.16 -37.61 1.71
CA ARG D 96 -40.54 -37.67 1.21
C ARG D 96 -41.14 -39.05 1.42
N GLU D 97 -40.37 -40.10 1.14
CA GLU D 97 -40.87 -41.46 1.24
C GLU D 97 -40.80 -42.01 2.65
N LYS D 98 -39.70 -41.80 3.38
CA LYS D 98 -39.44 -42.57 4.59
C LYS D 98 -39.56 -41.78 5.89
N ILE D 99 -39.68 -40.47 5.85
CA ILE D 99 -39.58 -39.69 7.07
C ILE D 99 -40.83 -38.84 7.27
N GLU D 100 -41.11 -37.93 6.33
CA GLU D 100 -42.30 -37.08 6.38
C GLU D 100 -43.59 -37.78 6.81
N PRO D 101 -43.95 -38.96 6.30
CA PRO D 101 -45.25 -39.54 6.73
C PRO D 101 -45.34 -39.81 8.21
N TYR D 102 -44.22 -39.89 8.92
CA TYR D 102 -44.21 -40.32 10.31
C TYR D 102 -43.87 -39.20 11.28
N LEU D 103 -43.76 -37.95 10.80
CA LEU D 103 -43.47 -36.85 11.70
C LEU D 103 -44.67 -36.56 12.60
N ASN D 104 -44.40 -36.11 13.83
CA ASN D 104 -45.43 -35.69 14.77
C ASN D 104 -45.06 -34.32 15.34
N GLU D 105 -46.06 -33.65 15.89
CA GLU D 105 -45.83 -32.33 16.46
C GLU D 105 -44.83 -32.42 17.60
N GLY D 106 -43.92 -31.44 17.65
CA GLY D 106 -42.88 -31.44 18.65
C GLY D 106 -41.69 -32.34 18.35
N ASP D 107 -41.74 -33.13 17.27
CA ASP D 107 -40.54 -33.79 16.80
C ASP D 107 -39.48 -32.76 16.39
N ALA D 108 -38.23 -33.20 16.31
CA ALA D 108 -37.14 -32.36 15.83
C ALA D 108 -36.44 -33.05 14.67
N LEU D 109 -36.27 -32.30 13.58
CA LEU D 109 -35.59 -32.74 12.36
C LEU D 109 -34.26 -32.00 12.28
N GLY D 110 -33.16 -32.75 12.21
CA GLY D 110 -31.83 -32.17 12.25
C GLY D 110 -31.07 -32.41 10.97
N PHE D 111 -30.16 -31.50 10.65
CA PHE D 111 -29.29 -31.62 9.49
C PHE D 111 -27.87 -31.29 9.91
N SER D 112 -26.90 -31.68 9.08
CA SER D 112 -25.54 -31.18 9.22
C SER D 112 -25.10 -30.31 8.04
N HIS D 113 -25.99 -30.03 7.10
CA HIS D 113 -25.73 -29.10 6.02
C HIS D 113 -27.08 -28.53 5.62
N GLY D 114 -27.13 -27.24 5.29
CA GLY D 114 -28.43 -26.61 5.19
C GLY D 114 -29.05 -26.53 3.80
N PHE D 115 -28.40 -27.09 2.78
CA PHE D 115 -28.81 -26.86 1.41
C PHE D 115 -30.30 -27.14 1.19
N ASN D 116 -30.77 -28.32 1.61
CA ASN D 116 -32.13 -28.71 1.25
C ASN D 116 -33.18 -27.88 1.97
N ILE D 117 -32.92 -27.49 3.22
CA ILE D 117 -33.85 -26.57 3.89
C ILE D 117 -33.76 -25.19 3.25
N HIS D 118 -32.54 -24.67 3.06
CA HIS D 118 -32.38 -23.29 2.62
C HIS D 118 -32.97 -23.04 1.23
N PHE D 119 -32.77 -23.98 0.30
CA PHE D 119 -33.26 -23.81 -1.08
C PHE D 119 -34.63 -24.49 -1.30
N GLY D 120 -35.35 -24.83 -0.24
CA GLY D 120 -36.74 -25.20 -0.42
C GLY D 120 -36.98 -26.57 -1.01
N GLN D 121 -36.01 -27.49 -0.92
CA GLN D 121 -36.19 -28.83 -1.43
C GLN D 121 -36.81 -29.75 -0.39
N ILE D 122 -36.66 -29.44 0.89
CA ILE D 122 -37.40 -30.06 1.98
C ILE D 122 -38.07 -28.95 2.76
N VAL D 123 -39.39 -29.07 2.92
CA VAL D 123 -40.21 -28.04 3.56
C VAL D 123 -40.98 -28.75 4.68
N PRO D 124 -40.43 -28.78 5.88
CA PRO D 124 -41.03 -29.56 6.96
C PRO D 124 -42.31 -28.90 7.46
N PRO D 125 -43.16 -29.64 8.17
CA PRO D 125 -44.33 -29.02 8.76
C PRO D 125 -43.92 -27.99 9.77
N PRO D 126 -44.72 -26.94 9.98
CA PRO D 126 -44.38 -25.96 11.02
C PRO D 126 -44.49 -26.52 12.43
N SER D 127 -45.05 -27.71 12.62
CA SER D 127 -45.16 -28.31 13.95
C SER D 127 -43.88 -29.03 14.40
N VAL D 128 -42.82 -28.97 13.61
CA VAL D 128 -41.59 -29.73 13.83
C VAL D 128 -40.43 -28.75 13.97
N ASP D 129 -39.65 -28.89 15.05
CA ASP D 129 -38.42 -28.12 15.15
C ASP D 129 -37.46 -28.51 14.04
N VAL D 130 -36.67 -27.55 13.57
CA VAL D 130 -35.67 -27.79 12.53
C VAL D 130 -34.38 -27.13 12.98
N PHE D 131 -33.32 -27.93 13.09
CA PHE D 131 -32.02 -27.44 13.56
C PHE D 131 -30.90 -28.03 12.72
N MET D 132 -29.73 -27.44 12.86
CA MET D 132 -28.53 -27.95 12.22
C MET D 132 -27.36 -27.90 13.20
N VAL D 133 -26.59 -28.99 13.20
CA VAL D 133 -25.27 -29.01 13.79
C VAL D 133 -24.32 -29.49 12.70
N ALA D 134 -23.44 -28.61 12.24
CA ALA D 134 -22.52 -28.95 11.15
C ALA D 134 -21.09 -29.05 11.69
N PRO D 135 -20.53 -30.25 11.86
CA PRO D 135 -19.14 -30.32 12.33
C PRO D 135 -18.21 -29.76 11.27
N LYS D 136 -17.15 -29.10 11.72
CA LYS D 136 -16.14 -28.56 10.82
C LYS D 136 -14.97 -29.50 10.61
N SER D 137 -15.22 -30.81 10.60
CA SER D 137 -14.23 -31.85 10.42
C SER D 137 -14.92 -33.02 9.74
N PRO D 138 -14.18 -33.83 8.98
CA PRO D 138 -14.79 -35.03 8.40
C PRO D 138 -15.13 -36.03 9.50
N GLY D 139 -15.98 -36.99 9.14
CA GLY D 139 -16.53 -37.89 10.13
C GLY D 139 -15.49 -38.63 10.96
N HIS D 140 -14.39 -39.05 10.32
CA HIS D 140 -13.45 -39.85 11.09
C HIS D 140 -12.78 -39.03 12.18
N LEU D 141 -12.63 -37.72 11.97
CA LEU D 141 -12.11 -36.84 13.00
C LEU D 141 -13.16 -36.50 14.05
N VAL D 142 -14.43 -36.32 13.65
CA VAL D 142 -15.51 -36.17 14.62
C VAL D 142 -15.51 -37.34 15.59
N ARG D 143 -15.29 -38.56 15.07
CA ARG D 143 -15.23 -39.73 15.94
C ARG D 143 -13.95 -39.75 16.76
N ARG D 144 -12.80 -39.63 16.10
CA ARG D 144 -11.54 -39.80 16.81
C ARG D 144 -11.39 -38.78 17.91
N MET D 145 -11.62 -37.50 17.58
CA MET D 145 -11.42 -36.45 18.58
C MET D 145 -12.39 -36.64 19.74
N TYR D 146 -13.62 -37.09 19.46
CA TYR D 146 -14.53 -37.44 20.54
C TYR D 146 -13.93 -38.51 21.44
N ARG D 147 -13.35 -39.57 20.84
CA ARG D 147 -12.78 -40.65 21.65
C ARG D 147 -11.61 -40.14 22.49
N GLN D 148 -10.94 -39.08 22.03
CA GLN D 148 -9.80 -38.51 22.74
C GLN D 148 -10.20 -37.39 23.69
N GLY D 149 -11.48 -37.24 24.01
CA GLY D 149 -11.92 -36.22 24.95
C GLY D 149 -11.85 -34.79 24.47
N VAL D 150 -11.54 -34.56 23.19
CA VAL D 150 -11.58 -33.25 22.59
C VAL D 150 -12.74 -33.23 21.59
N GLY D 151 -13.26 -32.05 21.32
CA GLY D 151 -14.27 -31.94 20.29
C GLY D 151 -13.66 -31.65 18.93
N VAL D 152 -14.53 -31.60 17.93
CA VAL D 152 -14.25 -30.78 16.76
C VAL D 152 -15.24 -29.62 16.85
N PRO D 153 -14.89 -28.43 16.36
CA PRO D 153 -15.86 -27.34 16.36
C PRO D 153 -17.00 -27.60 15.38
N GLY D 154 -18.13 -26.98 15.66
CA GLY D 154 -19.28 -27.10 14.78
C GLY D 154 -20.01 -25.78 14.69
N LEU D 155 -20.93 -25.73 13.72
CA LEU D 155 -21.86 -24.61 13.62
C LEU D 155 -23.24 -25.09 14.02
N ILE D 156 -24.01 -24.22 14.66
CA ILE D 156 -25.38 -24.55 15.04
C ILE D 156 -26.31 -23.49 14.46
N ALA D 157 -27.47 -23.93 14.00
CA ALA D 157 -28.47 -23.03 13.49
C ALA D 157 -29.84 -23.63 13.79
N VAL D 158 -30.84 -22.76 13.84
CA VAL D 158 -32.23 -23.14 14.02
C VAL D 158 -33.01 -22.53 12.86
N HIS D 159 -33.72 -23.38 12.13
CA HIS D 159 -34.57 -22.87 11.05
C HIS D 159 -36.01 -22.67 11.53
N ASN D 160 -36.50 -23.54 12.40
CA ASN D 160 -37.87 -23.43 12.89
C ASN D 160 -37.92 -23.89 14.34
N ASP D 161 -38.42 -23.01 15.22
CA ASP D 161 -38.57 -23.29 16.65
C ASP D 161 -40.06 -23.31 16.97
N HIS D 162 -40.68 -24.48 16.79
CA HIS D 162 -42.08 -24.62 17.13
C HIS D 162 -42.29 -24.82 18.63
N THR D 163 -41.41 -25.60 19.27
CA THR D 163 -41.58 -25.92 20.68
C THR D 163 -41.02 -24.83 21.62
N GLY D 164 -40.26 -23.86 21.11
CA GLY D 164 -39.48 -23.01 21.97
C GLY D 164 -38.20 -23.65 22.47
N LYS D 165 -37.98 -24.95 22.18
CA LYS D 165 -36.81 -25.68 22.62
C LYS D 165 -35.87 -26.09 21.47
N ALA D 166 -36.09 -25.57 20.26
CA ALA D 166 -35.31 -26.06 19.12
C ALA D 166 -33.81 -25.81 19.32
N LEU D 167 -33.44 -24.60 19.76
CA LEU D 167 -32.03 -24.33 20.02
C LEU D 167 -31.50 -25.21 21.13
N GLU D 168 -32.31 -25.43 22.16
CA GLU D 168 -31.89 -26.26 23.28
C GLU D 168 -31.69 -27.70 22.85
N THR D 169 -32.56 -28.17 21.97
CA THR D 169 -32.41 -29.53 21.44
C THR D 169 -31.18 -29.62 20.55
N GLY D 170 -30.96 -28.61 19.72
CA GLY D 170 -29.78 -28.61 18.87
C GLY D 170 -28.49 -28.60 19.66
N LEU D 171 -28.47 -27.84 20.77
CA LEU D 171 -27.25 -27.76 21.57
C LEU D 171 -26.99 -29.08 22.29
N ALA D 172 -28.04 -29.72 22.80
CA ALA D 172 -27.90 -31.04 23.40
C ALA D 172 -27.40 -32.07 22.38
N TYR D 173 -27.96 -32.03 21.16
CA TYR D 173 -27.41 -32.86 20.09
C TYR D 173 -25.92 -32.58 19.93
N ALA D 174 -25.55 -31.30 19.80
CA ALA D 174 -24.17 -30.93 19.53
C ALA D 174 -23.24 -31.38 20.64
N LYS D 175 -23.73 -31.35 21.88
CA LYS D 175 -22.98 -31.86 23.02
C LYS D 175 -22.82 -33.37 22.93
N GLY D 176 -23.91 -34.08 22.62
CA GLY D 176 -23.83 -35.53 22.48
C GLY D 176 -22.86 -36.00 21.42
N ILE D 177 -22.63 -35.21 20.37
CA ILE D 177 -21.64 -35.62 19.37
C ILE D 177 -20.27 -35.01 19.64
N GLY D 178 -20.11 -34.24 20.72
CA GLY D 178 -18.82 -33.72 21.12
C GLY D 178 -18.44 -32.36 20.56
N CYS D 179 -19.35 -31.68 19.84
CA CYS D 179 -18.96 -30.41 19.25
C CYS D 179 -18.93 -29.30 20.29
N THR D 180 -19.80 -29.32 21.32
CA THR D 180 -19.74 -28.26 22.32
C THR D 180 -18.51 -28.38 23.18
N ARG D 181 -17.89 -29.57 23.22
CA ARG D 181 -16.62 -29.72 23.93
C ARG D 181 -15.58 -28.77 23.35
N ALA D 182 -15.51 -28.65 22.02
CA ALA D 182 -14.56 -27.76 21.38
C ALA D 182 -15.11 -26.35 21.18
N GLY D 183 -16.42 -26.20 21.04
CA GLY D 183 -17.01 -24.93 20.75
C GLY D 183 -17.88 -24.91 19.50
N VAL D 184 -19.10 -24.42 19.64
CA VAL D 184 -20.05 -24.34 18.53
C VAL D 184 -20.36 -22.88 18.28
N ILE D 185 -20.33 -22.48 17.00
CA ILE D 185 -20.61 -21.12 16.57
C ILE D 185 -22.05 -21.05 16.07
N ALA D 186 -22.80 -20.06 16.56
CA ALA D 186 -24.14 -19.82 16.04
C ALA D 186 -24.08 -19.27 14.62
N THR D 187 -24.98 -19.74 13.77
CA THR D 187 -25.07 -19.29 12.39
C THR D 187 -26.51 -19.46 11.95
N THR D 188 -26.76 -19.40 10.64
CA THR D 188 -28.08 -19.66 10.09
C THR D 188 -27.95 -20.69 8.98
N PHE D 189 -29.09 -21.30 8.64
CA PHE D 189 -29.13 -22.16 7.46
C PHE D 189 -28.66 -21.41 6.23
N LYS D 190 -29.11 -20.17 6.06
CA LYS D 190 -28.68 -19.36 4.93
C LYS D 190 -27.16 -19.19 4.91
N GLU D 191 -26.58 -18.73 6.02
CA GLU D 191 -25.15 -18.47 6.03
C GLU D 191 -24.34 -19.75 5.85
N GLU D 192 -24.68 -20.81 6.59
CA GLU D 192 -23.91 -22.04 6.44
C GLU D 192 -23.97 -22.55 5.00
N THR D 193 -25.14 -22.53 4.38
CA THR D 193 -25.27 -23.09 3.03
C THR D 193 -24.49 -22.26 2.03
N GLU D 194 -24.65 -20.93 2.08
CA GLU D 194 -24.05 -20.09 1.06
C GLU D 194 -22.53 -20.05 1.17
N THR D 195 -21.99 -19.99 2.39
CA THR D 195 -20.52 -19.97 2.53
C THR D 195 -19.91 -21.32 2.18
N ASP D 196 -20.65 -22.41 2.46
CA ASP D 196 -20.18 -23.76 2.12
C ASP D 196 -20.03 -23.90 0.62
N LEU D 197 -21.08 -23.53 -0.12
CA LEU D 197 -21.01 -23.56 -1.57
C LEU D 197 -19.92 -22.63 -2.08
N PHE D 198 -19.81 -21.43 -1.50
CA PHE D 198 -18.83 -20.46 -2.01
C PHE D 198 -17.40 -20.99 -1.85
N GLY D 199 -17.07 -21.48 -0.65
CA GLY D 199 -15.72 -21.97 -0.42
C GLY D 199 -15.34 -23.11 -1.33
N GLU D 200 -16.22 -24.11 -1.44
CA GLU D 200 -16.06 -25.25 -2.36
C GLU D 200 -15.69 -24.77 -3.75
N GLN D 201 -16.50 -23.86 -4.29
CA GLN D 201 -16.41 -23.50 -5.70
C GLN D 201 -15.19 -22.63 -5.97
N CYS D 202 -14.97 -21.60 -5.15
CA CYS D 202 -13.97 -20.57 -5.46
C CYS D 202 -12.59 -20.87 -4.90
N VAL D 203 -12.49 -21.62 -3.80
CA VAL D 203 -11.20 -21.82 -3.15
C VAL D 203 -10.86 -23.31 -3.03
N LEU D 204 -11.65 -24.05 -2.26
CA LEU D 204 -11.24 -25.37 -1.78
C LEU D 204 -11.17 -26.41 -2.89
N CYS D 205 -12.13 -26.40 -3.83
CA CYS D 205 -12.15 -27.43 -4.86
C CYS D 205 -11.99 -26.84 -6.25
N GLY D 206 -12.89 -25.96 -6.69
CA GLY D 206 -12.74 -25.37 -8.00
C GLY D 206 -11.46 -24.56 -8.14
N GLY D 207 -11.24 -23.63 -7.21
CA GLY D 207 -10.13 -22.70 -7.38
C GLY D 207 -8.79 -23.41 -7.35
N VAL D 208 -8.57 -24.25 -6.34
CA VAL D 208 -7.27 -24.88 -6.16
C VAL D 208 -6.99 -25.86 -7.31
N THR D 209 -7.98 -26.66 -7.74
CA THR D 209 -7.70 -27.63 -8.80
C THR D 209 -7.38 -26.94 -10.13
N GLU D 210 -8.08 -25.86 -10.45
CA GLU D 210 -7.76 -25.19 -11.70
C GLU D 210 -6.49 -24.37 -11.58
N LEU D 211 -6.19 -23.83 -10.39
CA LEU D 211 -4.88 -23.20 -10.18
C LEU D 211 -3.76 -24.20 -10.41
N ILE D 212 -3.90 -25.40 -9.82
CA ILE D 212 -2.93 -26.47 -10.01
C ILE D 212 -2.79 -26.80 -11.48
N LYS D 213 -3.91 -27.03 -12.16
CA LYS D 213 -3.86 -27.46 -13.55
C LYS D 213 -3.32 -26.35 -14.45
N ALA D 214 -3.69 -25.10 -14.16
CA ALA D 214 -3.20 -23.98 -14.97
C ALA D 214 -1.69 -23.83 -14.84
N GLY D 215 -1.15 -23.97 -13.64
CA GLY D 215 0.30 -23.91 -13.47
C GLY D 215 1.02 -25.09 -14.12
N PHE D 216 0.45 -26.29 -13.96
CA PHE D 216 0.99 -27.47 -14.65
C PHE D 216 0.99 -27.27 -16.15
N ASP D 217 -0.14 -26.83 -16.71
CA ASP D 217 -0.24 -26.58 -18.15
C ASP D 217 0.77 -25.53 -18.62
N THR D 218 0.93 -24.44 -17.87
CA THR D 218 1.92 -23.43 -18.23
C THR D 218 3.30 -24.06 -18.41
N LEU D 219 3.72 -24.90 -17.46
CA LEU D 219 5.05 -25.49 -17.54
C LEU D 219 5.15 -26.48 -18.71
N VAL D 220 4.14 -27.36 -18.86
CA VAL D 220 4.20 -28.36 -19.94
C VAL D 220 4.20 -27.69 -21.31
N GLU D 221 3.36 -26.68 -21.49
CA GLU D 221 3.29 -25.97 -22.77
C GLU D 221 4.58 -25.17 -23.05
N ALA D 222 5.29 -24.75 -22.00
CA ALA D 222 6.57 -24.06 -22.18
C ALA D 222 7.70 -25.03 -22.45
N GLY D 223 7.45 -26.32 -22.32
CA GLY D 223 8.40 -27.33 -22.69
C GLY D 223 9.09 -28.02 -21.54
N TYR D 224 8.63 -27.85 -20.30
CA TYR D 224 9.23 -28.60 -19.20
C TYR D 224 8.64 -30.01 -19.09
N GLN D 225 9.37 -30.88 -18.40
CA GLN D 225 8.92 -32.25 -18.21
C GLN D 225 7.67 -32.30 -17.36
N PRO D 226 6.63 -33.04 -17.77
CA PRO D 226 5.42 -33.12 -16.95
C PRO D 226 5.65 -33.69 -15.57
N GLU D 227 6.62 -34.60 -15.42
CA GLU D 227 6.93 -35.12 -14.10
C GLU D 227 7.44 -34.00 -13.17
N ILE D 228 8.28 -33.11 -13.71
CA ILE D 228 8.77 -31.99 -12.93
C ILE D 228 7.64 -31.04 -12.59
N ALA D 229 6.77 -30.76 -13.57
CA ALA D 229 5.64 -29.87 -13.33
C ALA D 229 4.69 -30.45 -12.30
N TYR D 230 4.56 -31.78 -12.25
CA TYR D 230 3.69 -32.39 -11.25
C TYR D 230 4.20 -32.10 -9.85
N PHE D 231 5.51 -32.21 -9.65
CA PHE D 231 6.05 -32.00 -8.31
C PHE D 231 5.85 -30.56 -7.87
N GLU D 232 6.08 -29.59 -8.77
CA GLU D 232 6.11 -28.20 -8.36
C GLU D 232 4.73 -27.55 -8.36
N CYS D 233 3.73 -28.13 -9.02
CA CYS D 233 2.40 -27.56 -9.06
C CYS D 233 1.38 -28.33 -8.23
N LEU D 234 1.69 -29.55 -7.80
CA LEU D 234 0.71 -30.35 -7.08
C LEU D 234 1.33 -31.01 -5.86
N HIS D 235 2.32 -31.89 -6.07
CA HIS D 235 2.84 -32.70 -4.98
C HIS D 235 3.27 -31.85 -3.79
N GLU D 236 3.93 -30.72 -4.05
CA GLU D 236 4.50 -29.94 -2.95
C GLU D 236 3.47 -29.03 -2.28
N LEU D 237 2.22 -29.01 -2.75
CA LEU D 237 1.23 -28.14 -2.15
C LEU D 237 0.86 -28.57 -0.74
N LYS D 238 0.88 -29.88 -0.47
CA LYS D 238 0.38 -30.36 0.82
C LYS D 238 1.20 -29.80 1.98
N LEU D 239 2.51 -29.70 1.81
CA LEU D 239 3.30 -29.26 2.96
C LEU D 239 3.09 -27.77 3.20
N ILE D 240 2.82 -27.01 2.13
CA ILE D 240 2.46 -25.60 2.28
C ILE D 240 1.13 -25.48 3.02
N VAL D 241 0.12 -26.22 2.56
CA VAL D 241 -1.22 -26.09 3.12
C VAL D 241 -1.26 -26.64 4.54
N ASP D 242 -0.48 -27.68 4.85
CA ASP D 242 -0.37 -28.15 6.23
C ASP D 242 0.10 -27.04 7.16
N LEU D 243 1.09 -26.24 6.73
CA LEU D 243 1.55 -25.15 7.57
C LEU D 243 0.50 -24.07 7.71
N ILE D 244 -0.25 -23.76 6.64
CA ILE D 244 -1.31 -22.77 6.74
C ILE D 244 -2.38 -23.25 7.70
N TYR D 245 -2.79 -24.51 7.54
CA TYR D 245 -3.75 -25.16 8.43
C TYR D 245 -3.29 -25.09 9.88
N GLU D 246 -2.01 -25.32 10.13
CA GLU D 246 -1.53 -25.42 11.52
C GLU D 246 -1.31 -24.05 12.15
N GLY D 247 -0.85 -23.06 11.38
CA GLY D 247 -0.51 -21.78 11.96
C GLY D 247 -0.74 -20.56 11.08
N GLY D 248 -1.70 -20.64 10.15
CA GLY D 248 -2.01 -19.50 9.30
C GLY D 248 -0.97 -19.24 8.23
N ILE D 249 -1.26 -18.23 7.40
CA ILE D 249 -0.33 -17.89 6.32
C ILE D 249 1.01 -17.47 6.87
N GLY D 250 1.04 -16.86 8.07
CA GLY D 250 2.31 -16.43 8.65
C GLY D 250 3.24 -17.59 9.00
N LEU D 251 2.70 -18.71 9.46
CA LEU D 251 3.59 -19.83 9.75
C LEU D 251 4.16 -20.41 8.47
N MET D 252 3.33 -20.58 7.44
CA MET D 252 3.84 -20.98 6.13
C MET D 252 4.98 -20.07 5.67
N ARG D 253 4.77 -18.76 5.76
CA ARG D 253 5.76 -17.84 5.21
C ARG D 253 7.03 -17.81 6.04
N TYR D 254 6.93 -18.06 7.34
CA TYR D 254 8.12 -18.18 8.17
C TYR D 254 8.89 -19.46 7.88
N SER D 255 8.22 -20.50 7.37
CA SER D 255 8.84 -21.80 7.22
C SER D 255 9.45 -22.03 5.84
N VAL D 256 9.05 -21.26 4.82
CA VAL D 256 9.62 -21.48 3.49
C VAL D 256 10.87 -20.62 3.35
N SER D 257 11.65 -20.87 2.30
CA SER D 257 12.81 -20.03 2.05
C SER D 257 12.39 -18.60 1.75
N ASP D 258 13.31 -17.66 1.98
CA ASP D 258 12.97 -16.26 1.72
C ASP D 258 12.66 -16.00 0.25
N THR D 259 13.32 -16.72 -0.66
CA THR D 259 12.98 -16.55 -2.07
C THR D 259 11.53 -16.94 -2.34
N ALA D 260 11.07 -18.00 -1.70
CA ALA D 260 9.67 -18.41 -1.87
C ALA D 260 8.72 -17.39 -1.27
N GLU D 261 9.06 -16.85 -0.09
CA GLU D 261 8.21 -15.84 0.51
C GLU D 261 8.17 -14.59 -0.35
N TYR D 262 9.33 -14.15 -0.86
CA TYR D 262 9.32 -12.96 -1.70
C TYR D 262 8.47 -13.16 -2.96
N GLY D 263 8.62 -14.31 -3.62
CA GLY D 263 7.77 -14.58 -4.78
C GLY D 263 6.30 -14.67 -4.42
N ASP D 264 5.99 -15.32 -3.29
CA ASP D 264 4.62 -15.33 -2.75
C ASP D 264 4.07 -13.91 -2.64
N LEU D 265 4.78 -13.06 -1.89
CA LEU D 265 4.28 -11.71 -1.60
C LEU D 265 4.12 -10.86 -2.86
N THR D 266 5.02 -11.01 -3.84
CA THR D 266 4.95 -10.13 -5.01
C THR D 266 4.11 -10.68 -6.15
N VAL D 267 3.97 -11.99 -6.27
CA VAL D 267 3.32 -12.58 -7.43
C VAL D 267 1.92 -13.10 -7.10
N GLY D 268 1.67 -13.60 -5.88
CA GLY D 268 0.32 -13.94 -5.48
C GLY D 268 -0.78 -13.02 -6.00
N PRO D 269 -0.70 -11.72 -5.69
CA PRO D 269 -1.77 -10.81 -6.15
C PRO D 269 -1.71 -10.46 -7.62
N ARG D 270 -0.68 -10.89 -8.35
CA ARG D 270 -0.74 -10.82 -9.81
C ARG D 270 -1.57 -11.97 -10.37
N ILE D 271 -1.53 -13.13 -9.73
CA ILE D 271 -2.26 -14.28 -10.22
C ILE D 271 -3.73 -14.18 -9.85
N ILE D 272 -4.00 -13.88 -8.58
CA ILE D 272 -5.35 -13.69 -8.07
C ILE D 272 -5.53 -12.19 -7.90
N ASN D 273 -6.13 -11.52 -8.89
CA ASN D 273 -6.14 -10.07 -8.94
C ASN D 273 -7.56 -9.53 -8.76
N GLU D 274 -7.75 -8.24 -9.07
CA GLU D 274 -9.06 -7.63 -8.89
C GLU D 274 -10.10 -8.27 -9.80
N ASN D 275 -9.72 -8.65 -11.02
CA ASN D 275 -10.64 -9.37 -11.90
C ASN D 275 -11.09 -10.69 -11.27
N THR D 276 -10.15 -11.46 -10.70
CA THR D 276 -10.53 -12.67 -9.97
C THR D 276 -11.47 -12.37 -8.82
N ARG D 277 -11.18 -11.32 -8.05
CA ARG D 277 -12.06 -10.98 -6.94
C ARG D 277 -13.43 -10.57 -7.42
N ALA D 278 -13.52 -9.91 -8.59
CA ALA D 278 -14.83 -9.56 -9.13
C ALA D 278 -15.59 -10.81 -9.57
N GLU D 279 -14.88 -11.77 -10.18
CA GLU D 279 -15.54 -13.02 -10.56
C GLU D 279 -16.02 -13.79 -9.32
N MET D 280 -15.25 -13.75 -8.24
CA MET D 280 -15.68 -14.40 -7.00
C MET D 280 -16.99 -13.80 -6.49
N LYS D 281 -17.14 -12.47 -6.56
CA LYS D 281 -18.41 -11.86 -6.19
C LYS D 281 -19.54 -12.32 -7.09
N LYS D 282 -19.29 -12.45 -8.39
CA LYS D 282 -20.33 -12.94 -9.30
C LYS D 282 -20.75 -14.37 -8.95
N VAL D 283 -19.77 -15.22 -8.62
CA VAL D 283 -20.08 -16.60 -8.23
C VAL D 283 -20.88 -16.61 -6.94
N LEU D 284 -20.48 -15.78 -5.97
CA LEU D 284 -21.26 -15.65 -4.74
C LEU D 284 -22.69 -15.21 -5.03
N ALA D 285 -22.87 -14.28 -5.99
CA ALA D 285 -24.21 -13.78 -6.26
C ALA D 285 -25.10 -14.88 -6.86
N ALA D 286 -24.53 -15.76 -7.69
CA ALA D 286 -25.29 -16.90 -8.20
C ALA D 286 -25.70 -17.85 -7.08
N ILE D 287 -24.89 -17.97 -6.05
CA ILE D 287 -25.28 -18.78 -4.90
C ILE D 287 -26.39 -18.08 -4.13
N GLN D 288 -26.31 -16.75 -4.01
CA GLN D 288 -27.29 -16.02 -3.22
C GLN D 288 -28.63 -15.86 -3.94
N ASP D 289 -28.67 -15.81 -5.27
CA ASP D 289 -29.95 -15.56 -5.92
C ASP D 289 -30.64 -16.83 -6.38
N GLY D 290 -30.12 -18.01 -6.02
CA GLY D 290 -30.78 -19.26 -6.34
C GLY D 290 -30.43 -19.86 -7.69
N THR D 291 -29.73 -19.13 -8.56
CA THR D 291 -29.51 -19.63 -9.90
C THR D 291 -28.54 -20.78 -9.93
N PHE D 292 -27.54 -20.80 -9.04
CA PHE D 292 -26.70 -21.99 -8.96
C PHE D 292 -27.46 -23.19 -8.44
N ALA D 293 -28.26 -23.01 -7.38
CA ALA D 293 -29.11 -24.09 -6.91
C ALA D 293 -29.97 -24.63 -8.04
N ARG D 294 -30.61 -23.72 -8.79
CA ARG D 294 -31.44 -24.17 -9.90
C ARG D 294 -30.64 -24.96 -10.92
N GLU D 295 -29.47 -24.43 -11.33
CA GLU D 295 -28.62 -25.11 -12.31
C GLU D 295 -28.27 -26.52 -11.86
N LEU D 296 -27.86 -26.67 -10.61
CA LEU D 296 -27.50 -27.97 -10.05
C LEU D 296 -28.70 -28.92 -10.06
N LEU D 297 -29.83 -28.46 -9.53
CA LEU D 297 -31.01 -29.32 -9.48
C LEU D 297 -31.46 -29.75 -10.88
N LEU D 298 -31.36 -28.84 -11.86
CA LEU D 298 -31.74 -29.17 -13.23
C LEU D 298 -30.76 -30.17 -13.84
N GLU D 299 -29.47 -29.94 -13.63
CA GLU D 299 -28.44 -30.89 -14.03
C GLU D 299 -28.72 -32.29 -13.48
N PHE D 300 -29.06 -32.39 -12.20
CA PHE D 300 -29.40 -33.70 -11.63
C PHE D 300 -30.64 -34.29 -12.28
N GLN D 301 -31.60 -33.46 -12.68
CA GLN D 301 -32.84 -33.96 -13.26
C GLN D 301 -32.66 -34.55 -14.67
N VAL D 302 -31.59 -34.22 -15.40
CA VAL D 302 -31.48 -34.77 -16.75
C VAL D 302 -30.27 -35.69 -16.85
N GLY D 303 -29.91 -36.32 -15.74
CA GLY D 303 -28.92 -37.38 -15.79
C GLY D 303 -27.48 -36.90 -15.77
N ARG D 304 -27.23 -35.66 -15.35
CA ARG D 304 -25.87 -35.18 -15.09
C ARG D 304 -24.96 -35.17 -16.32
N PRO D 305 -25.41 -34.67 -17.48
CA PRO D 305 -24.52 -34.70 -18.65
C PRO D 305 -23.32 -33.78 -18.54
N VAL D 306 -23.48 -32.61 -17.92
CA VAL D 306 -22.36 -31.68 -17.79
C VAL D 306 -21.38 -32.19 -16.75
N PHE D 307 -21.89 -32.54 -15.58
CA PHE D 307 -21.12 -33.23 -14.57
C PHE D 307 -20.30 -34.37 -15.20
N SER D 308 -20.95 -35.22 -15.99
CA SER D 308 -20.24 -36.38 -16.54
C SER D 308 -19.20 -35.98 -17.58
N ALA D 309 -19.53 -35.03 -18.46
CA ALA D 309 -18.58 -34.67 -19.53
C ALA D 309 -17.36 -33.97 -18.95
N LEU D 310 -17.56 -33.07 -17.99
CA LEU D 310 -16.41 -32.35 -17.44
C LEU D 310 -15.59 -33.24 -16.52
N ARG D 311 -16.24 -34.13 -15.78
CA ARG D 311 -15.50 -35.08 -14.96
C ARG D 311 -14.60 -35.93 -15.83
N ARG D 312 -15.13 -36.40 -16.97
CA ARG D 312 -14.33 -37.21 -17.87
C ARG D 312 -13.19 -36.40 -18.46
N LYS D 313 -13.45 -35.16 -18.85
CA LYS D 313 -12.37 -34.31 -19.35
C LYS D 313 -11.23 -34.20 -18.34
N GLY D 314 -11.55 -34.07 -17.05
CA GLY D 314 -10.52 -33.98 -16.03
C GLY D 314 -9.76 -35.28 -15.84
N GLN D 315 -10.47 -36.42 -15.88
CA GLN D 315 -9.82 -37.73 -15.72
C GLN D 315 -8.80 -38.02 -16.82
N GLU D 316 -9.01 -37.44 -18.00
CA GLU D 316 -8.12 -37.63 -19.13
C GLU D 316 -6.95 -36.65 -19.13
N HIS D 317 -6.87 -35.75 -18.15
CA HIS D 317 -5.83 -34.73 -18.18
C HIS D 317 -4.45 -35.35 -17.91
N LEU D 318 -3.43 -34.79 -18.55
CA LEU D 318 -2.08 -35.33 -18.40
C LEU D 318 -1.61 -35.35 -16.94
N ILE D 319 -2.09 -34.41 -16.11
CA ILE D 319 -1.62 -34.37 -14.73
C ILE D 319 -2.06 -35.61 -13.97
N GLU D 320 -3.18 -36.21 -14.36
CA GLU D 320 -3.66 -37.40 -13.67
C GLU D 320 -2.86 -38.63 -14.11
N LYS D 321 -2.54 -38.70 -15.40
CA LYS D 321 -1.70 -39.78 -15.91
C LYS D 321 -0.31 -39.75 -15.29
N VAL D 322 0.37 -38.59 -15.34
CA VAL D 322 1.72 -38.52 -14.79
C VAL D 322 1.70 -38.68 -13.27
N GLY D 323 0.67 -38.11 -12.62
CA GLY D 323 0.58 -38.24 -11.18
C GLY D 323 0.45 -39.68 -10.72
N LYS D 324 -0.24 -40.51 -11.50
CA LYS D 324 -0.38 -41.91 -11.14
C LYS D 324 0.96 -42.63 -11.24
N GLU D 325 1.71 -42.34 -12.30
CA GLU D 325 3.05 -42.91 -12.43
C GLU D 325 3.93 -42.48 -11.26
N LEU D 326 3.96 -41.18 -10.96
CA LEU D 326 4.87 -40.67 -9.94
C LEU D 326 4.47 -41.15 -8.55
N ARG D 327 3.17 -41.16 -8.24
CA ARG D 327 2.74 -41.60 -6.92
C ARG D 327 3.07 -43.07 -6.66
N ALA D 328 3.22 -43.86 -7.74
CA ALA D 328 3.63 -45.25 -7.57
C ALA D 328 5.06 -45.37 -7.04
N MET D 329 5.95 -44.41 -7.35
CA MET D 329 7.31 -44.42 -6.79
C MET D 329 7.34 -43.95 -5.34
N MET D 330 6.20 -43.65 -4.74
CA MET D 330 6.09 -43.22 -3.34
C MET D 330 5.00 -44.07 -2.69
N PRO D 331 5.29 -45.33 -2.35
CA PRO D 331 4.22 -46.19 -1.80
C PRO D 331 3.66 -45.69 -0.48
N TRP D 332 4.45 -44.96 0.30
CA TRP D 332 4.02 -44.35 1.56
C TRP D 332 2.84 -43.40 1.41
N LEU D 333 2.34 -43.23 0.19
CA LEU D 333 1.11 -42.50 -0.04
C LEU D 333 -0.10 -43.42 0.16
PA NAI E . -11.61 45.83 -4.85
O1A NAI E . -12.74 44.79 -4.63
O2A NAI E . -10.38 45.72 -4.01
O5B NAI E . -12.17 47.37 -4.74
C5B NAI E . -13.33 47.63 -5.45
C4B NAI E . -13.58 49.17 -5.34
O4B NAI E . -14.63 49.43 -6.12
C3B NAI E . -13.94 49.54 -3.90
O3B NAI E . -13.63 50.84 -3.63
C2B NAI E . -15.49 49.56 -4.03
O2B NAI E . -16.04 50.34 -2.92
C1B NAI E . -15.68 50.15 -5.18
N9A NAI E . -17.04 49.87 -5.65
C8A NAI E . -17.64 48.72 -5.39
N7A NAI E . -18.86 48.79 -5.91
C5A NAI E . -18.99 49.98 -6.51
C6A NAI E . -20.03 50.53 -7.20
N6A NAI E . -21.33 50.02 -7.51
N1A NAI E . -19.92 51.75 -7.68
C2A NAI E . -18.78 52.47 -7.54
N3A NAI E . -17.75 51.91 -6.86
C4A NAI E . -17.87 50.67 -6.34
O3 NAI E . -11.22 45.59 -6.47
PN NAI E . -9.67 45.56 -7.03
O1N NAI E . -8.99 44.30 -6.59
O2N NAI E . -8.92 46.81 -6.55
O5D NAI E . -9.83 45.52 -8.67
C5D NAI E . -10.03 46.65 -9.39
C4D NAI E . -9.40 46.32 -10.78
O4D NAI E . -8.14 46.02 -10.58
C3D NAI E . -10.05 45.04 -11.41
O3D NAI E . -10.18 45.24 -12.74
C2D NAI E . -8.96 43.98 -11.12
O2D NAI E . -9.09 42.81 -12.01
C1D NAI E . -7.85 44.66 -11.36
N1N NAI E . -6.67 44.13 -10.75
C2N NAI E . -6.72 43.64 -9.39
C3N NAI E . -5.45 43.05 -8.71
C7N NAI E . -5.41 43.03 -7.16
O7N NAI E . -4.35 42.95 -6.58
N7N NAI E . -6.64 43.16 -6.42
C4N NAI E . -4.16 42.88 -9.49
C5N NAI E . -4.12 43.71 -10.78
C6N NAI E . -5.42 44.12 -11.47
S SO4 F . -4.40 45.16 -0.59
O1 SO4 F . -4.22 46.40 0.19
O2 SO4 F . -5.83 44.96 -0.83
O3 SO4 F . -3.89 43.99 0.12
O4 SO4 F . -3.66 45.26 -1.84
S SO4 G . 0.61 55.49 3.19
O1 SO4 G . 1.19 56.75 2.74
O2 SO4 G . -0.79 55.73 3.55
O3 SO4 G . 1.34 55.02 4.38
O4 SO4 G . 0.67 54.45 2.15
S SO4 H . -6.55 43.21 -28.41
O1 SO4 H . -7.99 43.08 -28.61
O2 SO4 H . -6.21 44.65 -28.47
O3 SO4 H . -6.16 42.67 -27.13
O4 SO4 H . -5.88 42.48 -29.49
S SO4 I . 2.45 10.41 -19.83
O1 SO4 I . 2.12 11.81 -19.60
O2 SO4 I . 1.28 9.59 -19.50
O3 SO4 I . 3.58 10.02 -18.98
O4 SO4 I . 2.82 10.23 -21.24
S SO4 J . -15.31 17.44 -2.72
O1 SO4 J . -16.44 17.27 -3.65
O2 SO4 J . -15.40 18.74 -2.04
O3 SO4 J . -14.05 17.38 -3.46
O4 SO4 J . -15.33 16.38 -1.72
S SO4 K . -9.32 29.96 10.29
O1 SO4 K . -10.27 29.65 11.36
O2 SO4 K . -9.49 31.35 9.87
O3 SO4 K . -7.95 29.76 10.75
O4 SO4 K . -9.60 29.07 9.15
MG MG L . -8.34 37.46 -12.67
MG MG M . 7.11 17.03 5.79
C1 EDO N . -3.99 28.09 -29.01
O1 EDO N . -3.42 26.84 -29.36
C2 EDO N . -3.26 29.20 -29.78
O2 EDO N . -3.44 30.43 -29.11
C TRS O . -25.31 26.84 -21.25
C1 TRS O . -23.99 26.84 -20.49
C2 TRS O . -26.20 25.68 -20.81
C3 TRS O . -25.07 26.80 -22.75
N TRS O . -26.01 28.08 -20.93
O1 TRS O . -24.10 27.51 -19.25
O2 TRS O . -27.57 26.00 -21.00
O3 TRS O . -24.61 28.06 -23.21
PA NAI P . 21.04 19.19 7.40
O1A NAI P . 21.16 18.71 5.91
O2A NAI P . 20.64 20.65 7.46
O5B NAI P . 22.47 18.97 8.19
C5B NAI P . 22.68 17.77 8.86
C4B NAI P . 23.88 17.95 9.86
O4B NAI P . 24.60 16.83 9.92
C3B NAI P . 24.81 19.05 9.38
O3B NAI P . 25.21 19.84 10.44
C2B NAI P . 26.04 18.31 8.80
O2B NAI P . 27.25 19.13 9.04
C1B NAI P . 26.11 17.21 9.48
N9A NAI P . 26.68 16.13 8.68
C8A NAI P . 26.61 16.05 7.37
N7A NAI P . 27.24 14.94 6.98
C5A NAI P . 27.71 14.34 8.07
C6A NAI P . 28.43 13.16 8.25
N6A NAI P . 28.94 12.18 7.37
N1A NAI P . 28.76 12.79 9.47
C2A NAI P . 28.41 13.54 10.54
N3A NAI P . 27.71 14.68 10.37
C4A NAI P . 27.37 15.06 9.12
O3 NAI P . 19.86 18.27 8.19
PN NAI P . 18.30 18.77 8.59
O1N NAI P . 17.66 19.48 7.43
O2N NAI P . 18.31 19.71 9.85
O5D NAI P . 17.44 17.39 8.96
C5D NAI P . 18.01 16.41 9.72
C4D NAI P . 16.96 15.29 10.00
O4D NAI P . 15.89 15.79 10.55
C3D NAI P . 16.50 14.64 8.66
O3D NAI P . 16.29 13.32 8.85
C2D NAI P . 15.19 15.35 8.32
O2D NAI P . 14.32 14.49 7.46
C1D NAI P . 14.66 15.57 9.51
N1N NAI P . 13.81 16.74 9.53
C2N NAI P . 14.13 17.88 8.70
C3N NAI P . 13.16 19.08 8.59
C7N NAI P . 13.76 20.45 8.13
O7N NAI P . 13.35 21.45 8.62
N7N NAI P . 14.80 20.50 7.13
C4N NAI P . 11.79 19.03 9.26
C5N NAI P . 11.67 17.97 10.38
C6N NAI P . 12.64 16.78 10.41
S SO4 Q . 5.49 1.67 13.34
O1 SO4 Q . 5.40 2.13 14.72
O2 SO4 Q . 4.15 1.57 12.76
O3 SO4 Q . 6.14 0.36 13.30
O4 SO4 Q . 6.30 2.61 12.56
S SO4 R . -13.70 13.08 -13.47
O1 SO4 R . -12.74 13.34 -12.41
O2 SO4 R . -14.42 14.33 -13.75
O3 SO4 R . -14.65 12.08 -12.99
O4 SO4 R . -13.00 12.62 -14.67
S SO4 S . 10.60 18.81 -19.15
O1 SO4 S . 9.31 18.73 -18.47
O2 SO4 S . 11.52 19.60 -18.31
O3 SO4 S . 10.43 19.46 -20.44
O4 SO4 S . 11.15 17.46 -19.34
S SO4 T . 17.43 33.83 -9.28
O1 SO4 T . 16.99 34.13 -7.90
O2 SO4 T . 16.65 34.64 -10.20
O3 SO4 T . 18.85 34.14 -9.42
O4 SO4 T . 17.23 32.40 -9.58
MG MG U . -3.04 37.95 -12.67
MG MG V . 11.31 14.57 3.36
C TRS W . 14.69 -2.01 -10.79
C1 TRS W . 15.38 -0.66 -10.61
C2 TRS W . 14.31 -2.62 -9.43
C3 TRS W . 15.59 -2.95 -11.59
N TRS W . 13.45 -1.77 -11.54
O1 TRS W . 14.48 0.26 -10.01
O2 TRS W . 13.86 -3.95 -9.55
O3 TRS W . 16.25 -2.27 -12.63
PA NAI X . 18.08 -24.81 6.42
O1A NAI X . 17.74 -23.32 6.72
O2A NAI X . 17.08 -25.78 6.95
O5B NAI X . 19.59 -25.16 6.99
C5B NAI X . 20.53 -24.16 6.79
C4B NAI X . 21.90 -24.73 7.27
O4B NAI X . 22.89 -23.94 6.87
C3B NAI X . 21.92 -24.75 8.78
O3B NAI X . 22.60 -25.86 9.23
C2B NAI X . 22.71 -23.45 9.14
O2B NAI X . 23.33 -23.65 10.47
C1B NAI X . 23.62 -23.43 8.22
N9A NAI X . 24.18 -22.09 8.02
C8A NAI X . 23.48 -20.96 8.02
N7A NAI X . 24.36 -19.97 7.80
C5A NAI X . 25.59 -20.51 7.66
C6A NAI X . 26.85 -19.99 7.42
N6A NAI X . 27.38 -18.68 7.22
N1A NAI X . 27.87 -20.78 7.31
C2A NAI X . 27.75 -22.11 7.45
N3A NAI X . 26.53 -22.64 7.68
C4A NAI X . 25.46 -21.83 7.79
O3 NAI X . 18.20 -24.92 4.76
PN NAI X . 17.67 -26.19 3.83
O1N NAI X . 16.17 -26.15 3.73
O2N NAI X . 18.18 -27.56 4.33
O5D NAI X . 18.35 -25.82 2.33
C5D NAI X . 19.59 -26.27 1.99
C4D NAI X . 19.53 -26.51 0.44
O4D NAI X . 18.69 -27.48 0.19
C3D NAI X . 18.95 -25.23 -0.24
O3D NAI X . 19.65 -24.96 -1.34
C2D NAI X . 17.51 -25.66 -0.55
O2D NAI X . 16.95 -24.81 -1.62
C1D NAI X . 17.65 -26.93 -0.90
N1N NAI X . 16.46 -27.73 -0.78
C2N NAI X . 15.52 -27.45 0.28
C3N NAI X . 14.33 -28.40 0.54
C7N NAI X . 13.82 -28.48 2.00
O7N NAI X . 13.44 -29.54 2.45
N7N NAI X . 13.82 -27.29 2.81
C4N NAI X . 13.87 -29.40 -0.52
C5N NAI X . 15.03 -29.81 -1.45
C6N NAI X . 16.20 -28.85 -1.69
S SO4 Y . 12.48 -31.04 8.24
O1 SO4 Y . 11.11 -30.91 8.72
O2 SO4 Y . 13.01 -29.71 7.96
O3 SO4 Y . 12.51 -31.85 7.01
O4 SO4 Y . 13.31 -31.68 9.25
S SO4 Z . 21.83 -26.18 -17.72
O1 SO4 Z . 21.16 -25.68 -16.52
O2 SO4 Z . 22.73 -25.16 -18.29
O3 SO4 Z . 22.68 -27.34 -17.40
O4 SO4 Z . 20.78 -26.51 -18.70
S SO4 AA . -12.02 -17.80 -20.23
O1 SO4 AA . -13.42 -17.67 -19.81
O2 SO4 AA . -11.30 -16.61 -19.78
O3 SO4 AA . -11.41 -18.98 -19.63
O4 SO4 AA . -11.96 -17.93 -21.69
S SO4 BA . -3.90 -7.15 1.64
O1 SO4 BA . -4.31 -6.73 2.98
O2 SO4 BA . -3.52 -5.95 0.88
O3 SO4 BA . -2.76 -8.07 1.75
O4 SO4 BA . -5.00 -7.83 0.99
S SO4 CA . -1.15 -19.92 15.78
O1 SO4 CA . -1.66 -19.20 16.95
O2 SO4 CA . -0.66 -18.96 14.79
O3 SO4 CA . -0.07 -20.83 16.20
O4 SO4 CA . -2.23 -20.73 15.21
MG MG DA . 12.30 -22.79 -3.57
MG MG EA . -17.74 -26.92 4.57
C1 EDO FA . -14.92 -21.25 -17.84
O1 EDO FA . -16.14 -20.58 -17.53
C2 EDO FA . -14.93 -21.72 -19.30
O2 EDO FA . -13.86 -22.66 -19.48
C1 EDO GA . 40.96 -31.34 -1.18
O1 EDO GA . 40.20 -30.62 -0.20
C2 EDO GA . 40.04 -32.12 -2.11
O2 EDO GA . 40.47 -31.96 -3.46
PA NAI HA . -22.01 -40.24 2.94
O1A NAI HA . -21.89 -40.26 1.38
O2A NAI HA . -20.66 -40.38 3.61
O5B NAI HA . -23.02 -41.36 3.55
C5B NAI HA . -24.31 -41.45 3.04
C4B NAI HA . -25.16 -42.38 3.95
O4B NAI HA . -26.40 -42.33 3.51
C3B NAI HA . -24.72 -43.85 3.86
O3B NAI HA . -24.97 -44.55 5.04
C2B NAI HA . -25.72 -44.36 2.79
O2B NAI HA . -25.77 -45.82 2.85
C1B NAI HA . -26.84 -43.83 3.17
N9A NAI HA . -27.81 -43.81 2.08
C8A NAI HA . -27.44 -43.62 0.82
N7A NAI HA . -28.52 -43.67 0.06
C5A NAI HA . -29.56 -43.87 0.86
C6A NAI HA . -30.90 -44.01 0.58
N6A NAI HA . -31.61 -43.95 -0.64
N1A NAI HA . -31.76 -44.21 1.55
C2A NAI HA . -31.33 -44.30 2.82
N3A NAI HA . -30.01 -44.18 3.10
C4A NAI HA . -29.14 -43.97 2.11
O3 NAI HA . -22.70 -38.77 3.30
PN NAI HA . -22.03 -37.72 4.41
O1N NAI HA . -20.70 -37.26 3.93
O2N NAI HA . -21.96 -38.47 5.77
O5D NAI HA . -23.14 -36.50 4.45
C5D NAI HA . -24.25 -36.61 5.23
C4D NAI HA . -24.62 -35.14 5.62
O4D NAI HA . -23.63 -34.62 6.30
C3D NAI HA . -24.78 -34.27 4.33
O3D NAI HA . -25.86 -33.44 4.44
C2D NAI HA . -23.40 -33.54 4.29
O2D NAI HA . -23.44 -32.34 3.45
C1D NAI HA . -23.22 -33.26 5.58
N1N NAI HA . -21.86 -33.05 5.99
C2N NAI HA . -20.76 -33.77 5.39
C3N NAI HA . -19.30 -33.50 5.83
C7N NAI HA . -18.27 -34.64 5.64
O7N NAI HA . -17.46 -34.89 6.49
N7N NAI HA . -18.35 -35.44 4.45
C4N NAI HA . -18.97 -32.35 6.77
C5N NAI HA . -20.18 -31.80 7.54
C6N NAI HA . -21.62 -32.08 7.04
S SO4 IA . -14.50 -40.33 6.63
O1 SO4 IA . -14.74 -40.10 8.06
O2 SO4 IA . -14.56 -39.06 5.92
O3 SO4 IA . -13.16 -40.91 6.44
O4 SO4 IA . -15.50 -41.27 6.12
S SO4 JA . -14.40 -46.87 17.34
O1 SO4 JA . -15.32 -47.04 18.46
O2 SO4 JA . -14.64 -45.59 16.64
O3 SO4 JA . -13.02 -46.92 17.85
O4 SO4 JA . -14.59 -47.96 16.37
S SO4 KA . -32.39 -18.33 7.60
O1 SO4 KA . -33.54 -18.28 6.69
O2 SO4 KA . -31.77 -16.99 7.63
O3 SO4 KA . -31.45 -19.34 7.11
O4 SO4 KA . -32.86 -18.72 8.95
S SO4 LA . -5.13 -5.52 -9.93
O1 SO4 LA . -5.70 -4.22 -9.56
O2 SO4 LA . -5.63 -5.96 -11.22
O3 SO4 LA . -3.67 -5.43 -9.98
O4 SO4 LA . -5.52 -6.49 -8.92
S SO4 MA . -9.11 -29.18 -19.51
O1 SO4 MA . -9.63 -29.34 -18.16
O2 SO4 MA . -10.02 -28.35 -20.29
O3 SO4 MA . -7.79 -28.52 -19.45
O4 SO4 MA . -8.96 -30.49 -20.13
S SO4 NA . -3.54 -43.11 -7.57
O1 SO4 NA . -2.99 -42.96 -6.22
O2 SO4 NA . -4.72 -42.28 -7.74
O3 SO4 NA . -3.89 -44.50 -7.80
O4 SO4 NA . -2.52 -42.70 -8.53
MG MG OA . 10.58 -27.67 -4.97
MG MG PA . -20.62 -29.16 0.57
#